data_5FWR
#
_entry.id   5FWR
#
_cell.length_a   53.015
_cell.length_b   74.005
_cell.length_c   111.768
_cell.angle_alpha   99.32
_cell.angle_beta   102.97
_cell.angle_gamma   97.83
#
_symmetry.space_group_name_H-M   'P 1'
#
loop_
_entity.id
_entity.type
_entity.pdbx_description
1 polymer FimH
2 non-polymer 'biphenyl-4-yl alpha-D-mannopyranoside'
3 water water
#
_entity_poly.entity_id   1
_entity_poly.type   'polypeptide(L)'
_entity_poly.pdbx_seq_one_letter_code
;FACKTANGTAIPIGGGSANVYVNLAPVVNVGQNLVVDLSTQIFCHNDYPETITDYVTLQRGSAYGGVLSNFSGTVKYSGS
SYPFPTTSETPRVVYNSRTDKPWPVALYLTPVSSAGGVAIKAGSLIAVLILRQTNNYNSDDFQFVWNIYANNDVVVPT
;
_entity_poly.pdbx_strand_id   A,B,C,D,E,F,G,H
#
loop_
_chem_comp.id
_chem_comp.type
_chem_comp.name
_chem_comp.formula
3X8 non-polymer 'biphenyl-4-yl alpha-D-mannopyranoside' 'C18 H20 O6'
#
# COMPACT_ATOMS: atom_id res chain seq x y z
N PHE A 1 0.27 -18.31 -8.05
CA PHE A 1 -0.60 -17.11 -7.89
C PHE A 1 -2.11 -17.45 -8.09
N ALA A 2 -2.93 -17.02 -7.15
CA ALA A 2 -4.37 -17.17 -7.26
C ALA A 2 -5.06 -15.96 -6.65
N CYS A 3 -6.36 -15.80 -6.98
CA CYS A 3 -7.22 -14.76 -6.43
CA CYS A 3 -7.20 -14.75 -6.43
C CYS A 3 -8.54 -15.35 -5.96
N LYS A 4 -9.28 -14.54 -5.22
CA LYS A 4 -10.59 -14.87 -4.72
C LYS A 4 -11.37 -13.58 -4.47
N THR A 5 -12.70 -13.70 -4.54
CA THR A 5 -13.60 -12.61 -4.16
C THR A 5 -13.81 -12.57 -2.65
N ALA A 6 -14.46 -11.51 -2.22
CA ALA A 6 -14.74 -11.37 -0.81
C ALA A 6 -15.76 -12.41 -0.38
N ASN A 7 -16.61 -12.89 -1.30
CA ASN A 7 -17.57 -13.92 -0.96
C ASN A 7 -16.98 -15.31 -1.11
N GLY A 8 -15.74 -15.43 -1.60
CA GLY A 8 -15.01 -16.68 -1.64
C GLY A 8 -14.96 -17.38 -2.97
N THR A 9 -15.54 -16.80 -4.02
CA THR A 9 -15.40 -17.40 -5.35
C THR A 9 -13.94 -17.27 -5.77
N ALA A 10 -13.33 -18.39 -6.16
CA ALA A 10 -11.89 -18.40 -6.44
C ALA A 10 -11.65 -18.54 -7.94
N ILE A 11 -10.53 -17.96 -8.39
CA ILE A 11 -9.94 -18.21 -9.71
C ILE A 11 -8.56 -18.82 -9.48
N PRO A 12 -8.32 -20.09 -9.79
CA PRO A 12 -7.10 -20.74 -9.33
C PRO A 12 -5.90 -20.35 -10.20
N ILE A 13 -4.77 -20.97 -9.84
CA ILE A 13 -3.55 -20.91 -10.63
C ILE A 13 -3.94 -21.14 -12.07
N GLY A 14 -3.45 -20.30 -12.95
CA GLY A 14 -3.65 -20.47 -14.38
C GLY A 14 -4.68 -19.53 -14.98
N GLY A 15 -5.44 -18.83 -14.17
CA GLY A 15 -6.38 -17.85 -14.69
C GLY A 15 -7.79 -18.42 -14.82
N GLY A 16 -8.66 -17.56 -15.31
CA GLY A 16 -10.05 -17.89 -15.43
C GLY A 16 -10.90 -16.63 -15.26
N SER A 17 -12.11 -16.78 -14.72
CA SER A 17 -13.01 -15.63 -14.64
C SER A 17 -13.90 -15.75 -13.43
N ALA A 18 -14.35 -14.60 -12.91
CA ALA A 18 -15.32 -14.60 -11.82
C ALA A 18 -16.24 -13.41 -11.93
N ASN A 19 -17.46 -13.56 -11.39
CA ASN A 19 -18.40 -12.47 -11.27
C ASN A 19 -18.28 -11.79 -9.90
N VAL A 20 -18.17 -10.46 -9.91
CA VAL A 20 -18.18 -9.65 -8.70
C VAL A 20 -19.44 -8.77 -8.75
N TYR A 21 -20.25 -8.82 -7.69
CA TYR A 21 -21.48 -8.04 -7.60
C TYR A 21 -21.21 -6.98 -6.55
N VAL A 22 -21.38 -5.71 -6.91
CA VAL A 22 -20.96 -4.60 -6.06
C VAL A 22 -22.19 -3.78 -5.69
N ASN A 23 -22.22 -3.28 -4.46
CA ASN A 23 -23.26 -2.30 -4.07
C ASN A 23 -22.79 -0.89 -4.47
N LEU A 24 -23.67 -0.11 -5.12
CA LEU A 24 -23.36 1.26 -5.56
C LEU A 24 -24.09 2.33 -4.75
N ALA A 25 -23.50 3.52 -4.68
CA ALA A 25 -24.24 4.70 -4.25
C ALA A 25 -25.55 4.72 -5.02
N PRO A 26 -26.71 4.67 -4.35
CA PRO A 26 -27.93 4.57 -5.14
C PRO A 26 -28.24 5.86 -5.85
N VAL A 27 -27.95 6.97 -5.22
CA VAL A 27 -28.26 8.29 -5.85
C VAL A 27 -26.98 9.07 -6.00
N VAL A 28 -26.69 9.48 -7.23
CA VAL A 28 -25.49 10.23 -7.59
C VAL A 28 -25.84 11.46 -8.42
N ASN A 29 -25.43 12.60 -7.96
CA ASN A 29 -25.65 13.85 -8.69
C ASN A 29 -24.58 14.12 -9.74
N VAL A 30 -25.02 14.69 -10.89
CA VAL A 30 -24.11 15.27 -11.87
C VAL A 30 -23.08 16.10 -11.11
N GLY A 31 -21.83 16.06 -11.58
CA GLY A 31 -20.76 16.74 -10.85
C GLY A 31 -20.37 16.10 -9.54
N GLN A 32 -20.75 14.85 -9.31
CA GLN A 32 -20.39 14.10 -8.11
C GLN A 32 -19.88 12.73 -8.55
N ASN A 33 -19.12 12.09 -7.70
CA ASN A 33 -18.42 10.90 -8.14
C ASN A 33 -19.02 9.68 -7.50
N LEU A 34 -19.34 8.70 -8.33
CA LEU A 34 -19.72 7.36 -7.93
C LEU A 34 -18.49 6.42 -7.81
N VAL A 35 -18.25 5.89 -6.63
CA VAL A 35 -17.03 5.15 -6.39
C VAL A 35 -17.30 3.66 -6.37
N VAL A 36 -16.69 2.92 -7.31
CA VAL A 36 -16.69 1.46 -7.25
C VAL A 36 -15.33 0.97 -6.78
N ASP A 37 -15.26 0.47 -5.58
CA ASP A 37 -13.97 0.08 -5.01
C ASP A 37 -13.85 -1.44 -4.99
N LEU A 38 -13.05 -2.00 -5.91
CA LEU A 38 -12.83 -3.45 -5.94
C LEU A 38 -11.72 -3.91 -4.99
N SER A 39 -11.01 -3.00 -4.35
CA SER A 39 -9.98 -3.42 -3.42
C SER A 39 -10.55 -4.02 -2.15
N THR A 40 -11.88 -3.93 -1.96
CA THR A 40 -12.58 -4.63 -0.91
C THR A 40 -13.15 -5.95 -1.42
N GLN A 41 -13.27 -6.13 -2.73
CA GLN A 41 -13.90 -7.32 -3.28
C GLN A 41 -12.92 -8.36 -3.82
N ILE A 42 -11.70 -7.98 -4.21
CA ILE A 42 -10.84 -8.84 -5.03
C ILE A 42 -9.50 -8.90 -4.32
N PHE A 43 -9.07 -10.13 -4.02
CA PHE A 43 -7.80 -10.42 -3.34
C PHE A 43 -6.98 -11.44 -4.14
N CYS A 44 -5.68 -11.39 -3.91
CA CYS A 44 -4.76 -12.29 -4.58
CA CYS A 44 -4.75 -12.28 -4.59
C CYS A 44 -3.55 -12.55 -3.70
N HIS A 45 -2.88 -13.65 -3.97
CA HIS A 45 -1.67 -13.97 -3.24
C HIS A 45 -0.69 -14.70 -4.14
N ASN A 46 0.55 -14.68 -3.68
CA ASN A 46 1.67 -15.33 -4.37
C ASN A 46 1.87 -16.69 -3.69
N ASP A 47 1.84 -17.78 -4.48
CA ASP A 47 1.96 -19.16 -3.92
C ASP A 47 3.36 -19.60 -3.51
N TYR A 48 4.37 -18.87 -3.92
CA TYR A 48 5.75 -19.32 -3.73
C TYR A 48 6.61 -18.07 -3.57
N PRO A 49 6.31 -17.25 -2.57
CA PRO A 49 7.05 -15.97 -2.44
C PRO A 49 8.50 -16.18 -2.09
N GLU A 50 8.83 -17.38 -1.62
CA GLU A 50 10.20 -17.72 -1.29
C GLU A 50 11.09 -17.60 -2.52
N THR A 51 10.53 -17.84 -3.69
CA THR A 51 11.34 -18.00 -4.89
C THR A 51 10.88 -17.16 -6.07
N ILE A 52 9.64 -16.75 -6.10
CA ILE A 52 9.04 -16.24 -7.31
C ILE A 52 8.47 -14.87 -6.99
N THR A 53 8.70 -13.95 -7.94
CA THR A 53 8.04 -12.66 -7.98
C THR A 53 6.90 -12.71 -8.99
N ASP A 54 5.69 -12.47 -8.49
CA ASP A 54 4.49 -12.34 -9.33
C ASP A 54 4.37 -10.84 -9.67
N TYR A 55 4.04 -10.54 -10.91
CA TYR A 55 3.85 -9.16 -11.35
C TYR A 55 2.43 -9.03 -11.86
N VAL A 56 1.72 -7.97 -11.42
CA VAL A 56 0.24 -7.84 -11.63
C VAL A 56 -0.10 -6.46 -12.21
N THR A 57 -0.59 -6.45 -13.44
CA THR A 57 -1.18 -5.26 -14.04
C THR A 57 -2.71 -5.33 -14.08
N LEU A 58 -3.32 -4.16 -14.24
CA LEU A 58 -4.58 -4.06 -14.94
C LEU A 58 -4.21 -3.97 -16.41
N GLN A 59 -4.51 -5.01 -17.14
CA GLN A 59 -4.24 -5.03 -18.56
C GLN A 59 -5.27 -4.25 -19.37
N ARG A 60 -6.57 -4.42 -19.02
CA ARG A 60 -7.70 -3.77 -19.68
C ARG A 60 -8.84 -3.53 -18.70
N GLY A 61 -9.36 -2.32 -18.71
CA GLY A 61 -10.57 -1.98 -17.98
C GLY A 61 -11.67 -1.58 -18.94
N SER A 62 -12.62 -2.47 -19.12
CA SER A 62 -13.63 -2.26 -20.15
C SER A 62 -14.98 -1.88 -19.53
N ALA A 63 -15.77 -1.10 -20.27
CA ALA A 63 -17.01 -0.47 -19.77
C ALA A 63 -18.18 -0.88 -20.65
N TYR A 64 -19.35 -1.06 -19.98
CA TYR A 64 -20.60 -1.49 -20.59
C TYR A 64 -21.78 -0.72 -20.00
N GLY A 65 -22.90 -0.91 -20.67
CA GLY A 65 -24.19 -0.49 -20.14
C GLY A 65 -24.20 0.96 -19.75
N GLY A 66 -24.83 1.23 -18.60
CA GLY A 66 -25.01 2.57 -18.10
C GLY A 66 -23.75 3.23 -17.63
N VAL A 67 -22.73 2.44 -17.27
CA VAL A 67 -21.46 3.04 -16.91
C VAL A 67 -20.79 3.63 -18.12
N LEU A 68 -21.00 3.01 -19.30
CA LEU A 68 -20.40 3.50 -20.54
C LEU A 68 -21.14 4.71 -21.12
N SER A 69 -22.46 4.84 -20.96
CA SER A 69 -23.16 5.96 -21.60
C SER A 69 -23.43 7.15 -20.68
N ASN A 70 -23.40 7.00 -19.38
CA ASN A 70 -23.80 8.11 -18.53
C ASN A 70 -22.71 8.66 -17.66
N PHE A 71 -21.49 8.11 -17.75
CA PHE A 71 -20.46 8.55 -16.83
C PHE A 71 -19.15 8.80 -17.57
N SER A 72 -18.41 9.75 -17.03
CA SER A 72 -17.03 9.91 -17.38
C SER A 72 -16.25 9.24 -16.27
N GLY A 73 -15.21 8.51 -16.64
CA GLY A 73 -14.58 7.57 -15.72
C GLY A 73 -13.08 7.73 -15.64
N THR A 74 -12.57 7.54 -14.41
CA THR A 74 -11.17 7.39 -14.09
C THR A 74 -11.01 6.12 -13.25
N VAL A 75 -9.87 5.43 -13.41
CA VAL A 75 -9.56 4.20 -12.66
C VAL A 75 -8.24 4.39 -11.94
N LYS A 76 -8.27 4.25 -10.62
CA LYS A 76 -7.07 4.34 -9.79
C LYS A 76 -6.48 2.94 -9.56
N TYR A 77 -5.24 2.67 -10.05
CA TYR A 77 -4.52 1.39 -9.84
C TYR A 77 -3.28 1.63 -8.97
N SER A 78 -3.26 1.02 -7.79
CA SER A 78 -2.10 1.08 -6.91
C SER A 78 -1.55 2.49 -6.80
N GLY A 79 -2.44 3.46 -6.71
CA GLY A 79 -2.02 4.79 -6.32
C GLY A 79 -1.86 5.78 -7.47
N SER A 80 -2.12 5.37 -8.71
CA SER A 80 -2.07 6.24 -9.86
C SER A 80 -3.39 6.18 -10.61
N SER A 81 -3.68 7.24 -11.36
CA SER A 81 -4.95 7.40 -12.04
C SER A 81 -4.76 7.28 -13.54
N TYR A 82 -5.81 6.89 -14.20
CA TYR A 82 -5.79 6.54 -15.60
C TYR A 82 -7.19 6.70 -16.12
N PRO A 83 -7.37 6.76 -17.43
CA PRO A 83 -8.72 6.84 -17.96
C PRO A 83 -9.45 5.51 -17.79
N PHE A 84 -10.73 5.62 -17.55
CA PHE A 84 -11.57 4.43 -17.56
C PHE A 84 -12.81 4.68 -18.38
N PRO A 85 -13.01 3.93 -19.47
CA PRO A 85 -12.28 2.75 -19.93
C PRO A 85 -10.81 3.03 -20.22
N THR A 86 -9.96 2.02 -20.10
CA THR A 86 -8.52 2.21 -20.10
C THR A 86 -8.00 2.35 -21.51
N THR A 87 -6.78 2.88 -21.61
CA THR A 87 -6.10 3.17 -22.87
C THR A 87 -4.91 2.25 -23.16
N SER A 88 -4.26 1.79 -22.11
CA SER A 88 -3.22 0.79 -22.26
C SER A 88 -3.13 0.05 -20.95
N GLU A 89 -2.34 -1.01 -20.95
CA GLU A 89 -2.03 -1.73 -19.72
C GLU A 89 -1.37 -0.76 -18.75
N THR A 90 -1.62 -0.97 -17.47
CA THR A 90 -0.96 -0.24 -16.41
C THR A 90 0.43 -0.80 -16.13
N PRO A 91 1.23 -0.12 -15.32
CA PRO A 91 2.45 -0.74 -14.77
C PRO A 91 2.13 -1.97 -13.92
N ARG A 92 3.12 -2.83 -13.82
CA ARG A 92 3.08 -4.05 -13.02
C ARG A 92 3.21 -3.80 -11.55
N VAL A 93 2.38 -4.46 -10.78
CA VAL A 93 2.46 -4.49 -9.33
C VAL A 93 2.94 -5.86 -8.89
N VAL A 94 3.66 -5.88 -7.78
CA VAL A 94 4.30 -7.08 -7.29
C VAL A 94 3.46 -7.68 -6.15
N TYR A 95 3.13 -8.96 -6.28
CA TYR A 95 2.62 -9.76 -5.17
C TYR A 95 3.75 -10.67 -4.68
N ASN A 96 4.29 -10.39 -3.48
CA ASN A 96 5.36 -11.19 -2.90
C ASN A 96 4.94 -11.81 -1.58
N SER A 97 3.66 -12.00 -1.35
CA SER A 97 3.23 -12.62 -0.12
C SER A 97 2.16 -13.67 -0.38
N ARG A 98 2.20 -14.74 0.44
CA ARG A 98 1.16 -15.75 0.35
C ARG A 98 -0.18 -15.29 0.96
N THR A 99 -0.14 -14.42 1.97
CA THR A 99 -1.33 -13.74 2.45
C THR A 99 -2.08 -13.02 1.33
N ASP A 100 -3.39 -13.13 1.34
CA ASP A 100 -4.17 -12.49 0.28
C ASP A 100 -4.17 -10.98 0.46
N LYS A 101 -3.90 -10.27 -0.63
CA LYS A 101 -3.78 -8.83 -0.67
C LYS A 101 -4.80 -8.23 -1.63
N PRO A 102 -5.35 -7.04 -1.33
CA PRO A 102 -6.31 -6.44 -2.26
C PRO A 102 -5.74 -6.28 -3.65
N TRP A 103 -6.60 -6.37 -4.64
CA TRP A 103 -6.22 -5.93 -5.95
C TRP A 103 -6.53 -4.44 -5.90
N PRO A 104 -5.42 -3.46 -5.97
CA PRO A 104 -5.71 -2.02 -5.67
C PRO A 104 -6.44 -1.30 -6.80
N VAL A 105 -7.76 -1.53 -6.91
CA VAL A 105 -8.49 -1.09 -8.08
C VAL A 105 -9.77 -0.43 -7.60
N ALA A 106 -10.02 0.77 -8.10
CA ALA A 106 -11.17 1.60 -7.71
C ALA A 106 -11.58 2.41 -8.92
N LEU A 107 -12.86 2.32 -9.28
CA LEU A 107 -13.44 3.13 -10.34
C LEU A 107 -14.02 4.39 -9.73
N TYR A 108 -13.80 5.51 -10.41
CA TYR A 108 -14.30 6.82 -10.00
C TYR A 108 -15.08 7.36 -11.18
N LEU A 109 -16.41 7.29 -11.11
CA LEU A 109 -17.28 7.54 -12.26
C LEU A 109 -18.19 8.74 -11.99
N THR A 110 -18.14 9.70 -12.89
CA THR A 110 -18.85 10.95 -12.77
C THR A 110 -19.94 11.04 -13.83
N PRO A 111 -21.16 11.41 -13.45
CA PRO A 111 -22.26 11.41 -14.44
C PRO A 111 -22.04 12.49 -15.49
N VAL A 112 -22.31 12.14 -16.75
CA VAL A 112 -22.14 13.13 -17.77
C VAL A 112 -23.23 14.21 -17.64
N SER A 113 -22.98 15.36 -18.29
CA SER A 113 -23.84 16.54 -18.14
C SER A 113 -25.29 16.24 -18.49
N SER A 114 -25.50 15.47 -19.57
CA SER A 114 -26.82 15.00 -19.97
C SER A 114 -27.34 13.81 -19.15
N ALA A 115 -26.71 13.46 -18.01
CA ALA A 115 -27.14 12.29 -17.24
C ALA A 115 -28.43 12.58 -16.47
N GLY A 116 -29.18 11.53 -16.17
CA GLY A 116 -30.46 11.82 -15.57
C GLY A 116 -31.45 10.68 -15.64
N GLY A 117 -32.08 10.39 -14.50
CA GLY A 117 -32.88 9.20 -14.40
C GLY A 117 -32.02 8.03 -13.94
N VAL A 118 -32.39 6.83 -14.37
CA VAL A 118 -31.72 5.60 -13.95
C VAL A 118 -30.46 5.44 -14.82
N ALA A 119 -29.31 5.76 -14.25
CA ALA A 119 -28.06 5.73 -15.00
C ALA A 119 -27.45 4.32 -15.10
N ILE A 120 -27.76 3.44 -14.15
CA ILE A 120 -27.24 2.08 -14.13
C ILE A 120 -28.39 1.21 -13.70
N LYS A 121 -28.61 0.11 -14.40
CA LYS A 121 -29.71 -0.80 -14.16
C LYS A 121 -29.20 -1.93 -13.27
N ALA A 122 -29.78 -2.07 -12.09
CA ALA A 122 -29.56 -3.23 -11.26
C ALA A 122 -29.30 -4.52 -12.05
N GLY A 123 -28.33 -5.28 -11.57
CA GLY A 123 -27.96 -6.52 -12.22
C GLY A 123 -27.39 -6.40 -13.61
N SER A 124 -27.06 -5.22 -14.10
CA SER A 124 -26.35 -5.17 -15.38
C SER A 124 -24.84 -5.34 -15.15
N LEU A 125 -24.15 -5.62 -16.25
CA LEU A 125 -22.68 -5.70 -16.30
C LEU A 125 -22.11 -4.29 -16.51
N ILE A 126 -21.46 -3.74 -15.50
CA ILE A 126 -21.00 -2.37 -15.61
C ILE A 126 -19.55 -2.29 -16.07
N ALA A 127 -18.78 -3.37 -15.97
CA ALA A 127 -17.36 -3.32 -16.29
C ALA A 127 -16.77 -4.72 -16.32
N VAL A 128 -15.78 -4.91 -17.20
CA VAL A 128 -14.91 -6.12 -17.22
C VAL A 128 -13.50 -5.65 -16.96
N LEU A 129 -12.95 -6.08 -15.85
CA LEU A 129 -11.57 -5.78 -15.52
C LEU A 129 -10.72 -7.02 -15.78
N ILE A 130 -9.66 -6.84 -16.57
CA ILE A 130 -8.70 -7.92 -16.91
C ILE A 130 -7.49 -7.80 -15.98
N LEU A 131 -7.30 -8.76 -15.10
CA LEU A 131 -6.06 -8.84 -14.31
C LEU A 131 -5.04 -9.72 -15.06
N ARG A 132 -3.80 -9.24 -15.18
CA ARG A 132 -2.75 -9.97 -15.88
C ARG A 132 -1.61 -10.33 -14.92
N GLN A 133 -1.31 -11.61 -14.84
CA GLN A 133 -0.33 -12.13 -13.91
C GLN A 133 0.84 -12.79 -14.66
N THR A 134 2.04 -12.35 -14.34
CA THR A 134 3.27 -12.98 -14.80
C THR A 134 4.20 -13.15 -13.59
N ASN A 135 5.41 -13.62 -13.84
CA ASN A 135 6.35 -13.80 -12.75
C ASN A 135 7.76 -13.62 -13.29
N ASN A 136 8.74 -13.83 -12.41
CA ASN A 136 10.15 -13.84 -12.75
C ASN A 136 10.74 -15.25 -12.85
N TYR A 137 9.95 -16.24 -13.29
CA TYR A 137 10.32 -17.67 -13.06
C TYR A 137 10.16 -18.49 -14.35
N ASN A 138 9.03 -18.38 -15.01
CA ASN A 138 8.76 -19.15 -16.24
CA ASN A 138 8.77 -19.14 -16.24
C ASN A 138 8.06 -18.21 -17.21
N SER A 139 7.42 -18.76 -18.22
CA SER A 139 6.76 -17.93 -19.22
C SER A 139 5.25 -17.80 -18.93
N ASP A 140 4.85 -17.90 -17.68
CA ASP A 140 3.43 -17.87 -17.34
C ASP A 140 2.86 -16.50 -17.63
N ASP A 141 1.79 -16.48 -18.40
CA ASP A 141 1.05 -15.25 -18.70
C ASP A 141 -0.44 -15.54 -18.58
N PHE A 142 -1.01 -15.22 -17.43
CA PHE A 142 -2.35 -15.68 -17.08
C PHE A 142 -3.31 -14.49 -16.87
N GLN A 143 -4.58 -14.73 -17.19
CA GLN A 143 -5.64 -13.75 -17.26
C GLN A 143 -6.72 -14.08 -16.23
N PHE A 144 -6.95 -13.19 -15.27
CA PHE A 144 -8.00 -13.32 -14.27
C PHE A 144 -9.12 -12.30 -14.58
N VAL A 145 -10.18 -12.77 -15.20
CA VAL A 145 -11.26 -11.89 -15.65
C VAL A 145 -12.24 -11.59 -14.51
N TRP A 146 -12.47 -10.30 -14.23
CA TRP A 146 -13.52 -9.88 -13.29
C TRP A 146 -14.66 -9.23 -14.06
N ASN A 147 -15.81 -9.91 -14.09
CA ASN A 147 -17.05 -9.32 -14.58
C ASN A 147 -17.80 -8.62 -13.46
N ILE A 148 -17.84 -7.30 -13.52
CA ILE A 148 -18.39 -6.46 -12.44
C ILE A 148 -19.84 -6.21 -12.77
N TYR A 149 -20.72 -6.55 -11.85
CA TYR A 149 -22.16 -6.51 -12.05
C TYR A 149 -22.76 -5.60 -11.01
N ALA A 150 -23.68 -4.71 -11.45
CA ALA A 150 -24.40 -3.83 -10.53
C ALA A 150 -25.41 -4.57 -9.64
N ASN A 151 -25.29 -4.41 -8.33
CA ASN A 151 -26.29 -4.99 -7.45
C ASN A 151 -27.59 -4.21 -7.39
N ASN A 152 -27.61 -2.94 -7.82
CA ASN A 152 -28.76 -2.09 -7.62
C ASN A 152 -28.70 -0.93 -8.57
N ASP A 153 -29.88 -0.39 -8.90
CA ASP A 153 -30.05 0.79 -9.74
C ASP A 153 -29.28 1.99 -9.18
N VAL A 154 -28.87 2.87 -10.06
CA VAL A 154 -28.26 4.14 -9.69
C VAL A 154 -29.03 5.24 -10.39
N VAL A 155 -29.52 6.19 -9.60
CA VAL A 155 -30.33 7.29 -10.09
C VAL A 155 -29.55 8.59 -10.04
N VAL A 156 -29.62 9.36 -11.11
CA VAL A 156 -29.09 10.71 -11.11
C VAL A 156 -30.25 11.69 -10.97
N PRO A 157 -30.36 12.41 -9.86
CA PRO A 157 -31.47 13.36 -9.69
C PRO A 157 -31.59 14.32 -10.87
N THR A 158 -32.83 14.65 -11.23
CA THR A 158 -33.13 15.48 -12.39
C THR A 158 -33.51 16.92 -12.00
N PHE B 1 30.59 -11.36 -19.73
CA PHE B 1 29.61 -10.28 -20.05
C PHE B 1 30.17 -8.89 -19.79
N ALA B 2 30.00 -8.03 -20.77
CA ALA B 2 30.43 -6.65 -20.67
C ALA B 2 29.38 -5.78 -21.34
N CYS B 3 29.41 -4.48 -21.02
CA CYS B 3 28.57 -3.46 -21.64
C CYS B 3 29.40 -2.26 -22.10
N LYS B 4 28.93 -1.66 -23.19
CA LYS B 4 29.47 -0.43 -23.72
C LYS B 4 28.31 0.55 -23.89
N THR B 5 28.63 1.86 -23.84
CA THR B 5 27.68 2.90 -24.21
C THR B 5 27.84 3.28 -25.67
N ALA B 6 27.01 4.22 -26.11
CA ALA B 6 27.02 4.56 -27.52
C ALA B 6 28.28 5.31 -27.90
N ASN B 7 28.88 6.02 -26.94
CA ASN B 7 30.09 6.80 -27.17
C ASN B 7 31.34 5.98 -26.90
N GLY B 8 31.23 4.65 -26.76
CA GLY B 8 32.37 3.75 -26.64
C GLY B 8 32.80 3.44 -25.22
N THR B 9 32.28 4.16 -24.23
CA THR B 9 32.68 3.90 -22.85
C THR B 9 32.16 2.54 -22.40
N ALA B 10 33.04 1.74 -21.87
CA ALA B 10 32.79 0.34 -21.58
C ALA B 10 32.77 0.15 -20.09
N ILE B 11 31.92 -0.76 -19.61
CA ILE B 11 32.03 -1.36 -18.29
C ILE B 11 32.43 -2.83 -18.49
N PRO B 12 33.58 -3.25 -18.03
CA PRO B 12 34.06 -4.60 -18.35
C PRO B 12 33.44 -5.67 -17.45
N ILE B 13 33.78 -6.92 -17.75
CA ILE B 13 33.57 -8.10 -16.91
C ILE B 13 33.73 -7.78 -15.42
N GLY B 14 32.73 -8.20 -14.63
CA GLY B 14 32.74 -7.96 -13.22
C GLY B 14 32.03 -6.69 -12.79
N GLY B 15 31.48 -5.94 -13.71
CA GLY B 15 30.69 -4.76 -13.33
C GLY B 15 31.47 -3.49 -13.08
N GLY B 16 30.74 -2.48 -12.64
CA GLY B 16 31.27 -1.14 -12.54
C GLY B 16 30.20 -0.08 -12.88
N SER B 17 30.68 1.06 -13.36
CA SER B 17 29.83 2.24 -13.53
C SER B 17 30.28 3.05 -14.72
N ALA B 18 29.32 3.80 -15.25
CA ALA B 18 29.52 4.73 -16.36
C ALA B 18 28.44 5.82 -16.38
N ASN B 19 28.84 7.00 -16.86
CA ASN B 19 27.89 8.08 -17.06
C ASN B 19 27.32 7.96 -18.46
N VAL B 20 26.04 8.28 -18.59
CA VAL B 20 25.38 8.39 -19.87
C VAL B 20 24.83 9.82 -19.93
N TYR B 21 25.04 10.50 -21.05
CA TYR B 21 24.62 11.89 -21.21
C TYR B 21 23.56 11.89 -22.31
N VAL B 22 22.31 12.21 -21.99
CA VAL B 22 21.26 11.96 -22.96
C VAL B 22 20.72 13.27 -23.47
N ASN B 23 20.32 13.28 -24.72
CA ASN B 23 19.50 14.37 -25.22
C ASN B 23 18.03 14.20 -24.83
N LEU B 24 17.34 15.33 -24.67
CA LEU B 24 15.97 15.31 -24.16
C LEU B 24 15.10 16.26 -24.94
N ALA B 25 13.86 15.85 -25.19
CA ALA B 25 12.86 16.74 -25.76
C ALA B 25 12.93 18.06 -25.01
N PRO B 26 13.13 19.19 -25.69
CA PRO B 26 13.35 20.44 -24.96
C PRO B 26 12.05 21.03 -24.35
N VAL B 27 10.91 20.83 -25.00
CA VAL B 27 9.63 21.35 -24.50
C VAL B 27 8.68 20.21 -24.29
N VAL B 28 8.17 20.09 -23.08
CA VAL B 28 7.20 19.05 -22.77
C VAL B 28 6.03 19.66 -22.01
N ASN B 29 4.84 19.53 -22.56
CA ASN B 29 3.68 20.07 -21.88
C ASN B 29 3.14 19.11 -20.85
N VAL B 30 2.55 19.68 -19.81
CA VAL B 30 1.65 18.94 -18.95
C VAL B 30 0.77 18.12 -19.86
N GLY B 31 0.61 16.84 -19.54
CA GLY B 31 -0.16 15.94 -20.36
C GLY B 31 0.64 15.22 -21.43
N GLN B 32 1.91 15.54 -21.58
CA GLN B 32 2.79 14.93 -22.56
C GLN B 32 3.87 14.09 -21.86
N ASN B 33 4.41 13.15 -22.61
CA ASN B 33 5.48 12.27 -22.16
C ASN B 33 6.84 12.73 -22.69
N LEU B 34 7.78 12.93 -21.80
CA LEU B 34 9.19 12.94 -22.14
C LEU B 34 9.75 11.50 -22.20
N VAL B 35 10.34 11.12 -23.32
CA VAL B 35 10.93 9.77 -23.52
C VAL B 35 12.45 9.84 -23.39
N VAL B 36 12.98 9.06 -22.46
CA VAL B 36 14.41 8.85 -22.29
C VAL B 36 14.70 7.40 -22.64
N ASP B 37 14.98 7.13 -23.90
CA ASP B 37 15.19 5.77 -24.38
C ASP B 37 16.67 5.37 -24.26
N LEU B 38 17.00 4.49 -23.34
CA LEU B 38 18.40 4.08 -23.20
C LEU B 38 18.79 2.94 -24.13
N SER B 39 17.85 2.41 -24.91
CA SER B 39 18.16 1.26 -25.74
C SER B 39 19.14 1.63 -26.83
N THR B 40 19.16 2.90 -27.25
CA THR B 40 20.14 3.49 -28.15
C THR B 40 21.45 3.87 -27.49
N GLN B 41 21.49 3.91 -26.17
CA GLN B 41 22.68 4.37 -25.48
C GLN B 41 23.50 3.26 -24.84
N ILE B 42 22.92 2.10 -24.57
CA ILE B 42 23.57 1.17 -23.65
C ILE B 42 23.47 -0.20 -24.23
N PHE B 43 24.59 -0.87 -24.39
CA PHE B 43 24.61 -2.11 -25.12
C PHE B 43 25.38 -3.13 -24.31
N CYS B 44 25.05 -4.41 -24.49
CA CYS B 44 25.67 -5.46 -23.71
C CYS B 44 25.80 -6.69 -24.58
N HIS B 45 26.80 -7.54 -24.24
CA HIS B 45 26.98 -8.81 -24.92
C HIS B 45 27.50 -9.91 -23.99
N ASN B 46 27.36 -11.14 -24.48
CA ASN B 46 27.78 -12.33 -23.72
C ASN B 46 29.14 -12.77 -24.25
N ASP B 47 30.07 -12.91 -23.36
CA ASP B 47 31.47 -13.25 -23.71
C ASP B 47 31.70 -14.73 -24.00
N TYR B 48 30.75 -15.61 -23.67
CA TYR B 48 31.02 -17.01 -23.92
C TYR B 48 29.67 -17.67 -24.16
N PRO B 49 28.91 -17.20 -25.15
CA PRO B 49 27.56 -17.76 -25.39
C PRO B 49 27.55 -19.25 -25.74
N GLU B 50 28.69 -19.77 -26.17
CA GLU B 50 28.79 -21.17 -26.55
C GLU B 50 28.42 -22.07 -25.38
N THR B 51 28.65 -21.60 -24.18
CA THR B 51 28.54 -22.42 -22.98
C THR B 51 27.68 -21.80 -21.89
N ILE B 52 27.60 -20.48 -21.86
CA ILE B 52 27.00 -19.75 -20.73
C ILE B 52 25.79 -18.94 -21.21
N THR B 53 24.72 -18.93 -20.41
CA THR B 53 23.61 -18.01 -20.63
C THR B 53 23.71 -16.90 -19.59
N ASP B 54 23.74 -15.66 -20.06
CA ASP B 54 23.76 -14.48 -19.21
C ASP B 54 22.30 -14.02 -18.97
N TYR B 55 22.03 -13.54 -17.78
CA TYR B 55 20.70 -13.10 -17.38
C TYR B 55 20.77 -11.66 -16.89
N VAL B 56 19.92 -10.78 -17.42
CA VAL B 56 20.06 -9.34 -17.13
C VAL B 56 18.74 -8.77 -16.63
N THR B 57 18.75 -8.25 -15.42
CA THR B 57 17.60 -7.55 -14.88
C THR B 57 17.89 -6.04 -14.75
N LEU B 58 16.83 -5.26 -14.86
CA LEU B 58 16.81 -3.90 -14.32
C LEU B 58 16.61 -4.08 -12.82
N GLN B 59 17.66 -3.94 -12.08
CA GLN B 59 17.51 -4.29 -10.70
C GLN B 59 16.88 -3.18 -9.93
N ARG B 60 16.96 -1.97 -10.44
CA ARG B 60 16.53 -0.79 -9.73
C ARG B 60 16.60 0.38 -10.70
N GLY B 61 15.56 1.22 -10.65
CA GLY B 61 15.49 2.47 -11.41
C GLY B 61 15.19 3.59 -10.44
N SER B 62 16.17 4.48 -10.26
CA SER B 62 16.08 5.57 -9.31
C SER B 62 16.09 6.93 -10.05
N ALA B 63 15.22 7.85 -9.63
CA ALA B 63 15.11 9.19 -10.20
C ALA B 63 15.76 10.22 -9.29
N TYR B 64 16.11 11.37 -9.90
CA TYR B 64 16.85 12.43 -9.24
C TYR B 64 16.47 13.82 -9.80
N GLY B 65 16.83 14.81 -9.02
CA GLY B 65 16.63 16.21 -9.38
C GLY B 65 15.27 16.53 -10.03
N GLY B 66 15.32 17.23 -11.16
CA GLY B 66 14.11 17.65 -11.82
C GLY B 66 13.22 16.50 -12.22
N VAL B 67 13.82 15.37 -12.58
CA VAL B 67 13.00 14.23 -12.94
C VAL B 67 12.21 13.77 -11.73
N LEU B 68 12.81 13.85 -10.55
CA LEU B 68 12.11 13.38 -9.35
C LEU B 68 11.03 14.36 -8.89
N SER B 69 11.27 15.66 -8.96
CA SER B 69 10.35 16.60 -8.33
C SER B 69 9.30 17.21 -9.27
N ASN B 70 9.27 16.88 -10.56
CA ASN B 70 8.42 17.52 -11.53
C ASN B 70 7.78 16.55 -12.50
N PHE B 71 8.04 15.27 -12.34
CA PHE B 71 7.53 14.29 -13.29
C PHE B 71 7.07 13.07 -12.50
N SER B 72 6.24 12.27 -13.17
CA SER B 72 5.61 11.06 -12.71
C SER B 72 6.08 10.01 -13.71
N GLY B 73 6.60 8.90 -13.20
CA GLY B 73 7.42 8.00 -13.99
C GLY B 73 6.92 6.57 -14.09
N THR B 74 7.15 5.98 -15.27
CA THR B 74 7.28 4.54 -15.48
C THR B 74 8.53 4.24 -16.31
N VAL B 75 9.00 3.01 -16.19
CA VAL B 75 10.13 2.51 -16.97
C VAL B 75 9.70 1.26 -17.69
N LYS B 76 9.79 1.26 -19.02
CA LYS B 76 9.59 0.06 -19.82
C LYS B 76 10.87 -0.77 -19.83
N TYR B 77 10.79 -2.01 -19.38
CA TYR B 77 11.89 -2.96 -19.47
C TYR B 77 11.44 -4.12 -20.30
N SER B 78 12.15 -4.36 -21.41
CA SER B 78 11.86 -5.45 -22.33
C SER B 78 10.36 -5.53 -22.62
N GLY B 79 9.74 -4.40 -22.89
CA GLY B 79 8.37 -4.41 -23.36
C GLY B 79 7.30 -4.31 -22.30
N SER B 80 7.64 -4.32 -21.02
CA SER B 80 6.64 -4.26 -19.97
C SER B 80 6.90 -3.02 -19.13
N SER B 81 5.84 -2.44 -18.58
CA SER B 81 5.95 -1.23 -17.78
C SER B 81 5.96 -1.56 -16.30
N TYR B 82 6.63 -0.67 -15.57
CA TYR B 82 6.82 -0.72 -14.13
C TYR B 82 6.84 0.73 -13.65
N PRO B 83 6.57 0.97 -12.39
CA PRO B 83 6.73 2.32 -11.89
C PRO B 83 8.18 2.74 -11.94
N PHE B 84 8.39 4.04 -12.20
CA PHE B 84 9.70 4.65 -12.02
C PHE B 84 9.54 5.85 -11.12
N PRO B 85 10.25 5.90 -9.98
CA PRO B 85 11.27 4.95 -9.52
C PRO B 85 10.71 3.58 -9.23
N THR B 86 11.58 2.59 -9.32
CA THR B 86 11.15 1.20 -9.35
C THR B 86 10.75 0.70 -7.99
N THR B 87 9.97 -0.37 -8.03
CA THR B 87 9.41 -0.99 -6.84
C THR B 87 9.98 -2.35 -6.56
N SER B 88 10.48 -3.03 -7.58
CA SER B 88 11.03 -4.35 -7.43
C SER B 88 11.93 -4.62 -8.63
N GLU B 89 12.70 -5.69 -8.50
CA GLU B 89 13.49 -6.13 -9.61
C GLU B 89 12.52 -6.64 -10.66
N THR B 90 12.89 -6.46 -11.92
CA THR B 90 12.13 -6.96 -13.05
C THR B 90 12.48 -8.43 -13.26
N PRO B 91 11.93 -9.07 -14.28
CA PRO B 91 12.47 -10.33 -14.76
C PRO B 91 13.73 -10.12 -15.61
N ARG B 92 14.24 -11.23 -16.09
CA ARG B 92 15.61 -11.36 -16.59
C ARG B 92 15.55 -11.53 -18.10
N VAL B 93 16.20 -10.57 -18.83
CA VAL B 93 16.43 -10.71 -20.25
C VAL B 93 17.67 -11.58 -20.45
N VAL B 94 17.68 -12.34 -21.53
CA VAL B 94 18.72 -13.34 -21.79
C VAL B 94 19.67 -12.79 -22.81
N TYR B 95 20.92 -12.62 -22.42
CA TYR B 95 21.97 -12.28 -23.37
C TYR B 95 22.67 -13.57 -23.72
N ASN B 96 22.53 -13.98 -24.99
CA ASN B 96 23.10 -15.21 -25.52
C ASN B 96 23.85 -14.97 -26.84
N SER B 97 24.22 -13.71 -27.14
CA SER B 97 25.03 -13.38 -28.32
C SER B 97 26.30 -12.64 -27.92
N ARG B 98 27.34 -12.81 -28.75
CA ARG B 98 28.52 -11.94 -28.71
C ARG B 98 28.29 -10.61 -29.42
N THR B 99 27.33 -10.54 -30.32
CA THR B 99 26.97 -9.25 -30.86
C THR B 99 26.42 -8.38 -29.74
N ASP B 100 26.85 -7.13 -29.71
CA ASP B 100 26.39 -6.26 -28.64
C ASP B 100 24.97 -5.84 -28.95
N LYS B 101 24.12 -5.96 -27.96
CA LYS B 101 22.68 -5.85 -28.16
C LYS B 101 22.13 -4.85 -27.15
N PRO B 102 21.05 -4.18 -27.52
CA PRO B 102 20.55 -3.13 -26.64
C PRO B 102 20.19 -3.70 -25.28
N TRP B 103 20.41 -2.90 -24.25
CA TRP B 103 19.73 -3.05 -22.99
C TRP B 103 18.40 -2.33 -23.04
N PRO B 104 17.09 -3.15 -23.09
CA PRO B 104 15.78 -2.52 -23.48
C PRO B 104 15.06 -1.71 -22.40
N VAL B 105 15.58 -0.54 -22.10
CA VAL B 105 15.10 0.31 -21.02
C VAL B 105 14.76 1.68 -21.61
N ALA B 106 13.59 2.19 -21.26
CA ALA B 106 13.19 3.51 -21.73
C ALA B 106 12.27 4.11 -20.70
N LEU B 107 12.55 5.37 -20.33
CA LEU B 107 11.88 6.09 -19.28
C LEU B 107 10.77 6.92 -19.90
N TYR B 108 9.59 6.87 -19.28
CA TYR B 108 8.44 7.67 -19.71
C TYR B 108 8.01 8.54 -18.54
N LEU B 109 8.28 9.83 -18.69
CA LEU B 109 8.11 10.82 -17.64
C LEU B 109 7.05 11.80 -18.11
N THR B 110 6.07 12.06 -17.25
CA THR B 110 5.10 13.10 -17.57
C THR B 110 5.11 14.21 -16.54
N PRO B 111 4.97 15.47 -16.98
CA PRO B 111 5.05 16.57 -16.02
C PRO B 111 3.86 16.53 -15.06
N VAL B 112 4.13 16.82 -13.78
CA VAL B 112 3.07 16.91 -12.79
C VAL B 112 2.31 18.18 -13.10
N SER B 113 1.13 18.31 -12.52
CA SER B 113 0.22 19.39 -12.82
C SER B 113 0.78 20.72 -12.37
N SER B 114 1.46 20.72 -11.23
CA SER B 114 2.16 21.89 -10.76
C SER B 114 3.55 22.08 -11.40
N ALA B 115 3.89 21.42 -12.50
CA ALA B 115 5.17 21.66 -13.16
C ALA B 115 5.11 22.93 -14.00
N GLY B 116 6.23 23.61 -14.09
CA GLY B 116 6.25 24.84 -14.86
C GLY B 116 7.63 25.45 -14.87
N GLY B 117 8.10 25.82 -16.04
CA GLY B 117 9.39 26.48 -16.12
C GLY B 117 10.48 25.46 -16.42
N VAL B 118 11.62 25.62 -15.78
CA VAL B 118 12.76 24.76 -16.09
C VAL B 118 12.61 23.55 -15.17
N ALA B 119 12.12 22.48 -15.73
CA ALA B 119 11.86 21.29 -14.93
C ALA B 119 13.09 20.37 -14.79
N ILE B 120 13.92 20.26 -15.83
CA ILE B 120 15.19 19.55 -15.75
C ILE B 120 16.31 20.48 -16.24
N LYS B 121 17.35 20.62 -15.41
CA LYS B 121 18.50 21.46 -15.72
C LYS B 121 19.63 20.70 -16.42
N ALA B 122 20.27 21.36 -17.37
CA ALA B 122 21.33 20.74 -18.15
C ALA B 122 22.46 20.25 -17.25
N GLY B 123 23.00 19.08 -17.55
CA GLY B 123 24.07 18.53 -16.74
C GLY B 123 23.66 17.94 -15.42
N SER B 124 22.36 17.99 -15.08
CA SER B 124 21.90 17.38 -13.84
C SER B 124 21.79 15.85 -13.97
N LEU B 125 22.00 15.20 -12.84
CA LEU B 125 21.77 13.76 -12.70
C LEU B 125 20.27 13.50 -12.65
N ILE B 126 19.75 12.83 -13.67
CA ILE B 126 18.30 12.67 -13.76
C ILE B 126 17.87 11.27 -13.30
N ALA B 127 18.78 10.30 -13.26
CA ALA B 127 18.37 8.93 -12.94
C ALA B 127 19.61 8.08 -12.73
N VAL B 128 19.46 7.02 -11.95
CA VAL B 128 20.45 5.96 -11.86
C VAL B 128 19.72 4.65 -12.10
N LEU B 129 20.21 3.91 -13.11
CA LEU B 129 19.77 2.58 -13.46
C LEU B 129 20.82 1.55 -13.09
N ILE B 130 20.37 0.53 -12.34
CA ILE B 130 21.18 -0.57 -11.80
C ILE B 130 20.93 -1.81 -12.61
N LEU B 131 21.92 -2.19 -13.42
CA LEU B 131 21.89 -3.42 -14.23
C LEU B 131 22.52 -4.57 -13.44
N ARG B 132 21.80 -5.68 -13.26
CA ARG B 132 22.30 -6.85 -12.55
C ARG B 132 22.52 -7.99 -13.54
N GLN B 133 23.76 -8.44 -13.65
CA GLN B 133 24.10 -9.55 -14.52
C GLN B 133 24.49 -10.78 -13.70
N THR B 134 23.87 -11.89 -14.02
CA THR B 134 24.17 -13.21 -13.46
C THR B 134 24.14 -14.17 -14.62
N ASN B 135 24.33 -15.48 -14.32
CA ASN B 135 24.36 -16.44 -15.39
C ASN B 135 23.92 -17.81 -14.89
N ASN B 136 23.73 -18.74 -15.83
CA ASN B 136 23.51 -20.17 -15.55
C ASN B 136 24.82 -21.00 -15.47
N TYR B 137 25.96 -20.45 -15.05
CA TYR B 137 27.24 -21.18 -15.06
C TYR B 137 27.94 -21.19 -13.72
N ASN B 138 28.05 -20.06 -13.03
CA ASN B 138 28.74 -19.98 -11.74
C ASN B 138 27.91 -19.05 -10.86
N SER B 139 28.48 -18.52 -9.80
CA SER B 139 27.74 -17.67 -8.88
C SER B 139 27.97 -16.16 -9.14
N ASP B 140 28.21 -15.76 -10.37
CA ASP B 140 28.51 -14.34 -10.60
C ASP B 140 27.27 -13.48 -10.36
N ASP B 141 27.44 -12.40 -9.61
CA ASP B 141 26.35 -11.47 -9.37
C ASP B 141 26.96 -10.07 -9.47
N PHE B 142 26.91 -9.49 -10.68
CA PHE B 142 27.65 -8.28 -10.99
C PHE B 142 26.75 -7.05 -11.26
N GLN B 143 27.16 -5.90 -10.76
CA GLN B 143 26.46 -4.63 -10.85
C GLN B 143 27.10 -3.69 -11.89
N PHE B 144 26.34 -3.31 -12.90
CA PHE B 144 26.69 -2.31 -13.89
C PHE B 144 25.81 -1.07 -13.67
N VAL B 145 26.39 0.03 -13.18
CA VAL B 145 25.63 1.21 -12.80
C VAL B 145 25.65 2.22 -13.94
N TRP B 146 24.46 2.63 -14.40
CA TRP B 146 24.33 3.77 -15.35
C TRP B 146 23.74 4.97 -14.66
N ASN B 147 24.51 6.06 -14.67
CA ASN B 147 24.14 7.35 -14.11
C ASN B 147 23.82 8.21 -15.29
N ILE B 148 22.54 8.52 -15.46
CA ILE B 148 22.02 9.16 -16.66
C ILE B 148 22.04 10.67 -16.39
N TYR B 149 22.58 11.44 -17.32
CA TYR B 149 22.75 12.88 -17.16
C TYR B 149 21.99 13.58 -18.27
N ALA B 150 21.13 14.55 -17.89
CA ALA B 150 20.55 15.42 -18.91
C ALA B 150 21.64 16.19 -19.64
N ASN B 151 21.65 16.12 -20.99
CA ASN B 151 22.52 17.00 -21.73
C ASN B 151 21.94 18.40 -21.96
N ASN B 152 20.66 18.63 -21.64
CA ASN B 152 20.05 19.92 -21.95
C ASN B 152 18.85 20.16 -21.04
N ASP B 153 18.52 21.45 -20.90
CA ASP B 153 17.34 21.88 -20.16
C ASP B 153 16.09 21.31 -20.78
N VAL B 154 15.07 21.10 -19.93
CA VAL B 154 13.71 20.81 -20.37
C VAL B 154 12.75 21.84 -19.79
N VAL B 155 11.93 22.43 -20.64
CA VAL B 155 11.03 23.49 -20.20
C VAL B 155 9.62 22.94 -20.24
N VAL B 156 8.88 23.19 -19.18
CA VAL B 156 7.46 22.82 -19.16
C VAL B 156 6.64 24.10 -19.29
N PRO B 157 5.93 24.31 -20.39
CA PRO B 157 5.28 25.60 -20.60
C PRO B 157 4.24 25.87 -19.54
N THR B 158 4.06 27.14 -19.30
CA THR B 158 3.11 27.70 -18.37
C THR B 158 2.04 28.49 -19.13
N PHE C 1 8.74 19.28 7.26
CA PHE C 1 9.75 18.16 7.50
C PHE C 1 10.81 18.06 6.35
N ALA C 2 12.06 18.18 6.73
CA ALA C 2 13.14 17.92 5.78
C ALA C 2 14.22 17.06 6.43
N CYS C 3 15.09 16.50 5.59
CA CYS C 3 16.21 15.67 6.01
C CYS C 3 17.54 16.16 5.41
N LYS C 4 18.62 16.10 6.19
CA LYS C 4 19.95 16.36 5.66
C LYS C 4 20.91 15.20 5.92
N THR C 5 22.00 15.14 5.13
CA THR C 5 23.09 14.19 5.37
C THR C 5 24.14 14.78 6.29
N ALA C 6 25.09 13.93 6.67
CA ALA C 6 26.24 14.45 7.40
C ALA C 6 27.10 15.31 6.51
N ASN C 7 27.20 14.98 5.21
CA ASN C 7 28.05 15.82 4.39
C ASN C 7 27.32 17.08 3.92
N GLY C 8 26.06 17.25 4.30
CA GLY C 8 25.32 18.47 4.08
C GLY C 8 24.26 18.36 3.02
N THR C 9 24.23 17.26 2.28
CA THR C 9 23.24 17.08 1.23
C THR C 9 21.85 17.08 1.89
N ALA C 10 20.96 17.93 1.40
CA ALA C 10 19.64 18.08 1.99
C ALA C 10 18.56 17.64 1.01
N ILE C 11 17.58 16.91 1.52
CA ILE C 11 16.33 16.67 0.81
C ILE C 11 15.27 17.56 1.44
N PRO C 12 14.60 18.43 0.69
CA PRO C 12 13.67 19.36 1.30
C PRO C 12 12.26 18.80 1.49
N ILE C 13 11.42 19.66 2.05
CA ILE C 13 9.96 19.45 2.07
C ILE C 13 9.48 18.82 0.78
N GLY C 14 8.75 17.72 0.90
CA GLY C 14 8.16 17.07 -0.24
C GLY C 14 8.93 15.86 -0.72
N GLY C 15 10.08 15.61 -0.12
CA GLY C 15 10.85 14.41 -0.40
C GLY C 15 11.86 14.61 -1.51
N GLY C 16 12.50 13.50 -1.85
CA GLY C 16 13.61 13.51 -2.78
C GLY C 16 14.43 12.24 -2.64
N SER C 17 15.64 12.31 -3.13
CA SER C 17 16.52 11.16 -3.10
C SER C 17 17.91 11.69 -2.95
N ALA C 18 18.74 10.97 -2.18
CA ALA C 18 20.16 11.29 -2.06
C ALA C 18 21.07 10.04 -2.07
N ASN C 19 22.29 10.26 -2.49
CA ASN C 19 23.35 9.24 -2.44
C ASN C 19 24.19 9.51 -1.22
N VAL C 20 24.26 8.54 -0.32
CA VAL C 20 25.06 8.61 0.90
C VAL C 20 26.22 7.62 0.73
N TYR C 21 27.44 8.07 0.94
CA TYR C 21 28.61 7.22 0.74
C TYR C 21 29.11 6.76 2.11
N VAL C 22 29.21 5.44 2.34
CA VAL C 22 29.57 4.99 3.68
C VAL C 22 30.90 4.24 3.67
N ASN C 23 31.72 4.54 4.69
CA ASN C 23 32.89 3.73 5.05
C ASN C 23 32.43 2.46 5.71
N LEU C 24 33.06 1.38 5.36
CA LEU C 24 32.73 0.07 5.89
C LEU C 24 33.96 -0.59 6.49
N ALA C 25 33.72 -1.47 7.43
CA ALA C 25 34.72 -2.41 7.90
C ALA C 25 35.43 -3.08 6.72
N PRO C 26 36.74 -2.91 6.56
CA PRO C 26 37.40 -3.45 5.38
C PRO C 26 37.46 -4.96 5.37
N VAL C 27 37.67 -5.58 6.51
CA VAL C 27 37.76 -7.04 6.59
C VAL C 27 36.77 -7.55 7.62
N VAL C 28 35.83 -8.36 7.15
CA VAL C 28 34.82 -9.01 7.99
C VAL C 28 34.91 -10.52 7.82
N ASN C 29 34.96 -11.23 8.92
CA ASN C 29 34.96 -12.71 8.91
C ASN C 29 33.56 -13.29 8.99
N VAL C 30 33.35 -14.39 8.27
CA VAL C 30 32.18 -15.26 8.48
C VAL C 30 32.02 -15.32 9.99
N GLY C 31 30.80 -15.14 10.51
CA GLY C 31 30.60 -15.12 11.94
C GLY C 31 30.91 -13.82 12.65
N GLN C 32 31.02 -12.72 11.88
CA GLN C 32 31.19 -11.37 12.39
C GLN C 32 30.18 -10.48 11.71
N ASN C 33 29.87 -9.37 12.36
CA ASN C 33 28.89 -8.43 11.86
C ASN C 33 29.61 -7.22 11.26
N LEU C 34 29.18 -6.86 10.05
CA LEU C 34 29.45 -5.56 9.44
C LEU C 34 28.25 -4.61 9.69
N VAL C 35 28.51 -3.51 10.35
CA VAL C 35 27.52 -2.55 10.82
C VAL C 35 27.55 -1.34 9.90
N VAL C 36 26.38 -0.96 9.40
CA VAL C 36 26.19 0.28 8.63
C VAL C 36 25.25 1.10 9.47
N ASP C 37 25.79 2.06 10.23
CA ASP C 37 24.99 2.86 11.15
C ASP C 37 24.62 4.20 10.48
N LEU C 38 23.42 4.28 9.89
CA LEU C 38 23.00 5.52 9.20
C LEU C 38 22.57 6.62 10.16
N SER C 39 22.49 6.33 11.46
CA SER C 39 22.12 7.32 12.45
C SER C 39 23.13 8.43 12.55
N THR C 40 24.37 8.16 12.11
CA THR C 40 25.38 9.19 12.05
C THR C 40 25.34 9.95 10.75
N GLN C 41 24.59 9.45 9.76
CA GLN C 41 24.59 10.05 8.44
C GLN C 41 23.26 10.70 8.01
N ILE C 42 22.19 10.55 8.77
CA ILE C 42 20.90 10.98 8.26
C ILE C 42 20.12 11.62 9.39
N PHE C 43 19.74 12.90 9.20
CA PHE C 43 19.05 13.66 10.23
C PHE C 43 17.80 14.32 9.64
N CYS C 44 16.83 14.58 10.51
CA CYS C 44 15.51 15.02 10.10
C CYS C 44 14.92 15.84 11.23
N HIS C 45 13.95 16.67 10.88
CA HIS C 45 13.45 17.65 11.82
C HIS C 45 12.03 17.98 11.40
N ASN C 46 11.27 18.49 12.36
CA ASN C 46 9.89 18.91 12.14
C ASN C 46 9.93 20.40 11.81
N ASP C 47 9.32 20.82 10.72
CA ASP C 47 9.30 22.27 10.43
C ASP C 47 8.17 23.05 11.14
N TYR C 48 7.27 22.38 11.86
CA TYR C 48 6.14 23.06 12.47
C TYR C 48 5.74 22.27 13.71
N PRO C 49 6.67 21.93 14.61
CA PRO C 49 6.32 21.08 15.76
C PRO C 49 5.25 21.71 16.65
N GLU C 50 5.05 23.03 16.52
CA GLU C 50 4.05 23.71 17.33
C GLU C 50 2.65 23.13 17.09
N THR C 51 2.39 22.61 15.89
CA THR C 51 1.02 22.28 15.48
C THR C 51 0.92 20.91 14.83
N ILE C 52 1.94 20.52 14.08
CA ILE C 52 1.92 19.31 13.25
C ILE C 52 2.83 18.23 13.87
N THR C 53 2.32 16.97 13.88
CA THR C 53 3.09 15.77 14.20
C THR C 53 3.45 15.02 12.92
N ASP C 54 4.76 14.79 12.77
CA ASP C 54 5.34 14.10 11.63
C ASP C 54 5.57 12.65 12.06
N TYR C 55 5.18 11.73 11.19
CA TYR C 55 5.26 10.29 11.41
C TYR C 55 6.22 9.67 10.40
N VAL C 56 7.25 8.96 10.86
CA VAL C 56 8.33 8.49 9.93
C VAL C 56 8.53 6.96 9.97
N THR C 57 8.32 6.29 8.86
CA THR C 57 8.67 4.89 8.77
C THR C 57 9.91 4.68 7.89
N LEU C 58 10.57 3.57 8.13
CA LEU C 58 11.28 2.87 7.07
C LEU C 58 10.24 2.10 6.28
N GLN C 59 9.93 2.55 5.09
CA GLN C 59 8.90 1.90 4.28
C GLN C 59 9.40 0.62 3.67
N ARG C 60 10.61 0.68 3.14
CA ARG C 60 11.20 -0.46 2.49
C ARG C 60 12.69 -0.24 2.53
N GLY C 61 13.37 -1.29 2.88
CA GLY C 61 14.83 -1.33 2.85
C GLY C 61 15.23 -2.47 1.96
N SER C 62 15.94 -2.14 0.87
CA SER C 62 16.30 -3.12 -0.13
C SER C 62 17.83 -3.24 -0.25
N ALA C 63 18.32 -4.43 -0.60
CA ALA C 63 19.77 -4.66 -0.68
C ALA C 63 20.22 -4.86 -2.12
N TYR C 64 21.51 -4.57 -2.35
CA TYR C 64 22.06 -4.58 -3.70
C TYR C 64 23.54 -4.96 -3.69
N GLY C 65 24.06 -5.26 -4.88
CA GLY C 65 25.52 -5.48 -5.00
C GLY C 65 25.94 -6.69 -4.17
N GLY C 66 27.01 -6.51 -3.39
CA GLY C 66 27.53 -7.60 -2.63
C GLY C 66 26.74 -7.88 -1.39
N VAL C 67 25.93 -6.91 -0.98
CA VAL C 67 25.21 -7.11 0.26
C VAL C 67 24.14 -8.15 0.05
N LEU C 68 23.58 -8.24 -1.16
CA LEU C 68 22.41 -9.09 -1.42
C LEU C 68 22.78 -10.57 -1.58
N SER C 69 23.96 -10.85 -2.09
CA SER C 69 24.42 -12.19 -2.46
C SER C 69 25.39 -12.83 -1.48
N ASN C 70 25.97 -12.06 -0.54
CA ASN C 70 26.99 -12.55 0.36
C ASN C 70 26.77 -12.17 1.80
N PHE C 71 25.61 -11.63 2.15
CA PHE C 71 25.33 -11.37 3.54
C PHE C 71 23.86 -11.71 3.82
N SER C 72 23.59 -11.91 5.09
CA SER C 72 22.28 -12.13 5.68
C SER C 72 22.16 -10.99 6.67
N GLY C 73 21.02 -10.29 6.65
CA GLY C 73 20.95 -8.96 7.24
C GLY C 73 19.76 -8.75 8.13
N THR C 74 19.98 -7.97 9.19
CA THR C 74 18.95 -7.35 10.00
C THR C 74 19.12 -5.82 9.97
N VAL C 75 18.02 -5.11 10.17
CA VAL C 75 18.00 -3.66 10.21
C VAL C 75 17.36 -3.25 11.54
N LYS C 76 18.09 -2.50 12.35
CA LYS C 76 17.49 -1.94 13.53
C LYS C 76 16.97 -0.53 13.21
N TYR C 77 15.65 -0.33 13.47
CA TYR C 77 14.94 0.94 13.35
C TYR C 77 14.33 1.24 14.69
N SER C 78 14.68 2.40 15.23
CA SER C 78 14.17 2.89 16.53
C SER C 78 14.11 1.84 17.63
N GLY C 79 15.08 0.94 17.70
CA GLY C 79 15.17 0.02 18.81
C GLY C 79 14.70 -1.39 18.53
N SER C 80 14.02 -1.63 17.42
CA SER C 80 13.42 -2.93 17.11
C SER C 80 14.03 -3.50 15.83
N SER C 81 14.08 -4.82 15.76
CA SER C 81 14.87 -5.53 14.77
C SER C 81 13.97 -6.21 13.76
N TYR C 82 14.38 -6.17 12.51
CA TYR C 82 13.60 -6.65 11.38
C TYR C 82 14.55 -7.29 10.38
N PRO C 83 14.04 -8.20 9.57
CA PRO C 83 14.85 -8.75 8.48
C PRO C 83 15.23 -7.69 7.45
N PHE C 84 16.45 -7.80 6.94
CA PHE C 84 16.93 -6.96 5.87
C PHE C 84 17.47 -7.85 4.77
N PRO C 85 16.99 -7.69 3.50
CA PRO C 85 15.96 -6.83 2.92
C PRO C 85 14.71 -6.83 3.80
N THR C 86 13.95 -5.74 3.83
CA THR C 86 12.74 -5.65 4.68
C THR C 86 11.56 -6.39 4.08
N THR C 87 10.70 -6.88 4.98
CA THR C 87 9.51 -7.61 4.57
C THR C 87 8.18 -6.87 4.78
N SER C 88 8.15 -5.80 5.56
CA SER C 88 7.00 -4.89 5.53
C SER C 88 7.39 -3.57 6.16
N GLU C 89 6.46 -2.62 6.14
CA GLU C 89 6.73 -1.31 6.69
C GLU C 89 7.01 -1.43 8.18
N THR C 90 7.85 -0.56 8.70
CA THR C 90 8.01 -0.47 10.14
C THR C 90 6.87 0.37 10.76
N PRO C 91 6.67 0.25 12.07
CA PRO C 91 5.88 1.26 12.78
C PRO C 91 6.49 2.65 12.68
N ARG C 92 5.66 3.63 13.00
CA ARG C 92 5.97 5.03 12.83
C ARG C 92 6.70 5.60 14.05
N VAL C 93 7.79 6.33 13.83
CA VAL C 93 8.44 7.12 14.87
C VAL C 93 8.05 8.58 14.71
N VAL C 94 7.98 9.31 15.83
CA VAL C 94 7.46 10.68 15.82
C VAL C 94 8.62 11.68 15.80
N TYR C 95 8.63 12.52 14.80
CA TYR C 95 9.50 13.67 14.81
C TYR C 95 8.64 14.88 15.22
N ASN C 96 8.86 15.36 16.43
CA ASN C 96 8.16 16.51 16.94
C ASN C 96 9.13 17.63 17.32
N SER C 97 10.21 17.80 16.57
CA SER C 97 11.16 18.86 16.90
C SER C 97 11.77 19.50 15.65
N ARG C 98 12.04 20.81 15.77
CA ARG C 98 12.74 21.53 14.70
C ARG C 98 14.24 21.21 14.66
N THR C 99 14.85 20.89 15.79
CA THR C 99 16.22 20.43 15.85
C THR C 99 16.41 19.16 15.03
N ASP C 100 17.54 19.09 14.34
CA ASP C 100 17.78 17.90 13.54
C ASP C 100 17.93 16.72 14.48
N LYS C 101 17.36 15.60 14.09
CA LYS C 101 17.37 14.38 14.89
C LYS C 101 17.78 13.24 13.97
N PRO C 102 18.68 12.34 14.41
CA PRO C 102 19.06 11.20 13.57
C PRO C 102 17.89 10.33 13.18
N TRP C 103 17.90 9.85 11.97
CA TRP C 103 16.98 8.79 11.59
C TRP C 103 17.53 7.48 12.15
N PRO C 104 16.79 6.75 13.14
CA PRO C 104 17.42 5.62 13.88
C PRO C 104 17.52 4.31 13.11
N VAL C 105 18.43 4.23 12.14
CA VAL C 105 18.56 3.11 11.21
C VAL C 105 20.00 2.62 11.19
N ALA C 106 20.23 1.34 11.55
CA ALA C 106 21.52 0.70 11.39
C ALA C 106 21.34 -0.70 10.76
N LEU C 107 22.25 -1.07 9.87
CA LEU C 107 22.20 -2.36 9.23
C LEU C 107 23.26 -3.26 9.84
N TYR C 108 22.89 -4.51 10.12
CA TYR C 108 23.79 -5.53 10.66
C TYR C 108 23.79 -6.70 9.69
N LEU C 109 24.95 -6.90 9.05
CA LEU C 109 25.11 -7.79 7.89
C LEU C 109 26.22 -8.79 8.21
N THR C 110 25.89 -10.10 8.20
CA THR C 110 26.90 -11.13 8.43
C THR C 110 27.16 -11.86 7.12
N PRO C 111 28.42 -12.10 6.77
CA PRO C 111 28.68 -12.74 5.47
C PRO C 111 28.14 -14.16 5.45
N VAL C 112 27.71 -14.60 4.28
CA VAL C 112 27.26 -15.97 4.19
C VAL C 112 28.47 -16.90 4.12
N SER C 113 28.24 -18.21 4.34
CA SER C 113 29.37 -19.15 4.36
C SER C 113 30.12 -19.14 3.04
N SER C 114 29.41 -19.04 1.94
CA SER C 114 30.13 -19.03 0.69
C SER C 114 30.80 -17.69 0.40
N ALA C 115 30.81 -16.77 1.37
CA ALA C 115 31.42 -15.48 1.15
C ALA C 115 32.92 -15.66 1.37
N GLY C 116 33.71 -15.05 0.51
CA GLY C 116 35.11 -15.37 0.51
C GLY C 116 35.76 -14.57 -0.58
N GLY C 117 36.66 -13.67 -0.19
CA GLY C 117 37.18 -12.67 -1.09
C GLY C 117 36.47 -11.32 -0.96
N VAL C 118 36.34 -10.60 -2.06
CA VAL C 118 35.88 -9.23 -2.02
C VAL C 118 34.35 -9.28 -2.02
N ALA C 119 33.74 -8.98 -0.90
CA ALA C 119 32.32 -9.28 -0.79
C ALA C 119 31.46 -8.05 -1.08
N ILE C 120 31.99 -6.87 -0.82
CA ILE C 120 31.47 -5.61 -1.33
C ILE C 120 32.56 -4.86 -2.12
N LYS C 121 32.21 -4.43 -3.33
CA LYS C 121 33.07 -3.60 -4.20
C LYS C 121 32.94 -2.10 -3.92
N ALA C 122 34.08 -1.42 -3.80
CA ALA C 122 34.05 0.04 -3.59
C ALA C 122 33.21 0.68 -4.66
N GLY C 123 32.48 1.73 -4.29
CA GLY C 123 31.59 2.44 -5.20
C GLY C 123 30.32 1.72 -5.56
N SER C 124 30.12 0.50 -5.08
CA SER C 124 28.93 -0.24 -5.45
C SER C 124 27.72 0.34 -4.72
N LEU C 125 26.58 0.15 -5.36
CA LEU C 125 25.30 0.33 -4.66
C LEU C 125 25.01 -0.90 -3.80
N ILE C 126 24.99 -0.73 -2.47
CA ILE C 126 24.74 -1.85 -1.56
C ILE C 126 23.33 -1.85 -0.95
N ALA C 127 22.69 -0.69 -0.83
CA ALA C 127 21.35 -0.64 -0.24
C ALA C 127 20.57 0.62 -0.69
N VAL C 128 19.24 0.56 -0.54
CA VAL C 128 18.33 1.71 -0.73
C VAL C 128 17.33 1.63 0.41
N LEU C 129 17.33 2.63 1.26
CA LEU C 129 16.42 2.78 2.40
C LEU C 129 15.44 3.92 2.13
N ILE C 130 14.16 3.68 2.33
CA ILE C 130 13.08 4.57 1.88
C ILE C 130 12.43 5.05 3.15
N LEU C 131 12.63 6.32 3.47
CA LEU C 131 12.05 6.94 4.64
C LEU C 131 10.69 7.53 4.24
N ARG C 132 9.61 7.15 4.95
CA ARG C 132 8.25 7.58 4.59
C ARG C 132 7.72 8.49 5.68
N GLN C 133 7.41 9.71 5.29
CA GLN C 133 7.02 10.78 6.21
C GLN C 133 5.58 11.19 5.89
N THR C 134 4.74 11.15 6.90
CA THR C 134 3.37 11.65 6.83
C THR C 134 3.12 12.51 8.05
N ASN C 135 1.85 12.93 8.25
CA ASN C 135 1.51 13.77 9.39
C ASN C 135 0.04 13.62 9.84
N ASN C 136 -0.23 14.26 10.96
CA ASN C 136 -1.61 14.46 11.43
C ASN C 136 -2.23 15.78 10.96
N TYR C 137 -1.89 16.28 9.78
CA TYR C 137 -2.36 17.62 9.37
C TYR C 137 -3.04 17.64 8.00
N ASN C 138 -2.45 17.02 6.99
CA ASN C 138 -2.94 17.09 5.61
C ASN C 138 -2.65 15.74 5.01
N SER C 139 -2.86 15.61 3.70
CA SER C 139 -2.61 14.33 3.06
C SER C 139 -1.21 14.20 2.45
N ASP C 140 -0.18 14.80 3.05
CA ASP C 140 1.20 14.61 2.53
C ASP C 140 1.70 13.17 2.74
N ASP C 141 2.15 12.51 1.68
CA ASP C 141 2.85 11.22 1.78
C ASP C 141 4.13 11.28 0.97
N PHE C 142 5.24 11.59 1.60
CA PHE C 142 6.50 11.84 0.88
C PHE C 142 7.58 10.77 1.20
N GLN C 143 8.31 10.41 0.16
CA GLN C 143 9.45 9.50 0.22
C GLN C 143 10.75 10.28 0.18
N PHE C 144 11.57 10.03 1.19
CA PHE C 144 12.95 10.44 1.26
C PHE C 144 13.77 9.18 1.03
N VAL C 145 14.55 9.16 -0.03
CA VAL C 145 15.16 7.95 -0.55
C VAL C 145 16.66 8.10 -0.39
N TRP C 146 17.24 7.16 0.36
CA TRP C 146 18.66 7.16 0.69
C TRP C 146 19.32 5.99 -0.03
N ASN C 147 20.10 6.30 -1.07
CA ASN C 147 20.84 5.31 -1.85
C ASN C 147 22.21 5.15 -1.23
N ILE C 148 22.47 3.99 -0.63
CA ILE C 148 23.65 3.75 0.20
C ILE C 148 24.72 3.18 -0.72
N TYR C 149 25.86 3.84 -0.79
CA TYR C 149 26.95 3.44 -1.66
C TYR C 149 28.14 3.15 -0.77
N ALA C 150 28.86 2.06 -1.13
CA ALA C 150 30.08 1.71 -0.39
C ALA C 150 31.26 2.62 -0.75
N ASN C 151 31.89 3.17 0.27
CA ASN C 151 33.11 3.92 0.06
C ASN C 151 34.35 3.09 -0.12
N ASN C 152 34.33 1.77 0.17
CA ASN C 152 35.50 0.93 0.03
C ASN C 152 35.08 -0.54 -0.01
N ASP C 153 35.94 -1.33 -0.66
CA ASP C 153 35.86 -2.78 -0.68
C ASP C 153 35.68 -3.34 0.73
N VAL C 154 34.95 -4.44 0.83
CA VAL C 154 35.00 -5.28 2.03
C VAL C 154 35.50 -6.66 1.63
N VAL C 155 36.48 -7.16 2.39
CA VAL C 155 37.07 -8.47 2.18
C VAL C 155 36.71 -9.48 3.31
N VAL C 156 36.27 -10.66 2.92
CA VAL C 156 36.02 -11.76 3.85
C VAL C 156 37.20 -12.75 3.72
N PRO C 157 38.06 -12.87 4.74
CA PRO C 157 39.14 -13.87 4.73
C PRO C 157 38.67 -15.27 4.36
N THR C 158 39.45 -15.91 3.52
CA THR C 158 39.34 -17.33 3.21
C THR C 158 40.53 -18.12 3.83
N PHE D 1 -21.96 12.07 18.46
CA PHE D 1 -21.01 10.89 18.33
C PHE D 1 -21.12 9.92 19.52
N ALA D 2 -21.47 8.68 19.23
CA ALA D 2 -21.48 7.67 20.26
C ALA D 2 -20.82 6.41 19.71
N CYS D 3 -20.59 5.42 20.60
CA CYS D 3 -20.01 4.14 20.20
C CYS D 3 -20.69 2.95 20.93
N LYS D 4 -20.56 1.77 20.33
CA LYS D 4 -21.11 0.57 20.94
C LYS D 4 -20.21 -0.62 20.63
N THR D 5 -20.28 -1.65 21.48
CA THR D 5 -19.53 -2.87 21.28
C THR D 5 -20.41 -3.90 20.59
N ALA D 6 -19.79 -4.96 20.10
CA ALA D 6 -20.49 -5.96 19.33
C ALA D 6 -21.50 -6.72 20.17
N ASN D 7 -21.37 -6.69 21.50
CA ASN D 7 -22.41 -7.27 22.34
C ASN D 7 -23.48 -6.24 22.72
N GLY D 8 -23.27 -4.96 22.44
CA GLY D 8 -24.28 -3.95 22.57
C GLY D 8 -24.02 -2.88 23.61
N THR D 9 -23.02 -3.02 24.45
CA THR D 9 -22.73 -2.01 25.47
C THR D 9 -22.29 -0.71 24.82
N ALA D 10 -22.98 0.39 25.13
CA ALA D 10 -22.74 1.67 24.47
C ALA D 10 -21.96 2.60 25.39
N ILE D 11 -21.14 3.46 24.79
CA ILE D 11 -20.66 4.67 25.45
C ILE D 11 -21.35 5.85 24.75
N PRO D 12 -22.15 6.66 25.45
CA PRO D 12 -22.93 7.71 24.77
C PRO D 12 -22.12 8.97 24.43
N ILE D 13 -22.86 9.93 23.87
CA ILE D 13 -22.40 11.28 23.62
C ILE D 13 -21.74 11.84 24.84
N GLY D 14 -20.53 12.40 24.65
CA GLY D 14 -19.73 12.91 25.75
C GLY D 14 -18.66 11.96 26.23
N GLY D 15 -18.61 10.77 25.68
CA GLY D 15 -17.61 9.82 26.16
C GLY D 15 -17.95 9.07 27.45
N GLY D 16 -16.95 8.34 27.94
CA GLY D 16 -17.17 7.31 28.94
C GLY D 16 -16.27 6.10 28.73
N SER D 17 -16.68 4.96 29.25
CA SER D 17 -15.81 3.79 29.24
C SER D 17 -16.65 2.55 29.13
N ALA D 18 -16.03 1.48 28.62
CA ALA D 18 -16.65 0.18 28.58
C ALA D 18 -15.56 -0.90 28.56
N ASN D 19 -15.99 -2.11 28.89
CA ASN D 19 -15.16 -3.30 28.89
C ASN D 19 -15.45 -4.09 27.62
N VAL D 20 -14.39 -4.61 27.00
CA VAL D 20 -14.46 -5.45 25.81
C VAL D 20 -13.80 -6.78 26.15
N TYR D 21 -14.45 -7.87 25.78
CA TYR D 21 -13.98 -9.21 26.11
C TYR D 21 -13.71 -9.83 24.77
N VAL D 22 -12.45 -10.18 24.57
CA VAL D 22 -11.97 -10.63 23.28
C VAL D 22 -11.48 -12.05 23.42
N ASN D 23 -11.78 -12.86 22.42
CA ASN D 23 -11.20 -14.19 22.27
C ASN D 23 -9.81 -14.08 21.65
N LEU D 24 -8.90 -14.96 22.10
CA LEU D 24 -7.48 -15.00 21.70
C LEU D 24 -7.05 -16.40 21.27
N ALA D 25 -6.28 -16.46 20.20
CA ALA D 25 -5.59 -17.69 19.82
C ALA D 25 -5.01 -18.28 21.09
N PRO D 26 -5.34 -19.55 21.38
CA PRO D 26 -4.91 -20.15 22.67
C PRO D 26 -3.45 -20.50 22.69
N VAL D 27 -2.89 -20.86 21.56
CA VAL D 27 -1.48 -21.24 21.48
C VAL D 27 -0.75 -20.35 20.50
N VAL D 28 0.23 -19.64 21.00
CA VAL D 28 1.03 -18.73 20.20
C VAL D 28 2.51 -18.98 20.43
N ASN D 29 3.23 -19.38 19.39
CA ASN D 29 4.68 -19.63 19.50
C ASN D 29 5.52 -18.37 19.47
N VAL D 30 6.64 -18.40 20.22
CA VAL D 30 7.68 -17.37 20.06
C VAL D 30 7.83 -17.16 18.56
N GLY D 31 7.84 -15.90 18.13
CA GLY D 31 8.03 -15.60 16.73
C GLY D 31 6.78 -15.59 15.89
N GLN D 32 5.63 -15.96 16.43
CA GLN D 32 4.34 -15.88 15.78
C GLN D 32 3.65 -14.63 16.30
N ASN D 33 2.69 -14.11 15.53
CA ASN D 33 1.82 -13.02 15.95
C ASN D 33 0.52 -13.50 16.57
N LEU D 34 0.25 -13.00 17.77
CA LEU D 34 -1.11 -12.93 18.32
C LEU D 34 -1.82 -11.60 17.94
N VAL D 35 -2.92 -11.68 17.21
CA VAL D 35 -3.67 -10.51 16.74
C VAL D 35 -4.90 -10.32 17.63
N VAL D 36 -5.18 -9.06 18.02
CA VAL D 36 -6.38 -8.69 18.78
C VAL D 36 -7.14 -7.69 17.91
N ASP D 37 -7.95 -8.16 16.98
CA ASP D 37 -8.62 -7.29 16.03
C ASP D 37 -9.86 -6.66 16.71
N LEU D 38 -9.76 -5.42 17.17
CA LEU D 38 -10.90 -4.82 17.86
C LEU D 38 -11.91 -4.21 16.89
N SER D 39 -11.56 -4.11 15.61
CA SER D 39 -12.47 -3.52 14.62
C SER D 39 -13.76 -4.31 14.48
N THR D 40 -13.75 -5.57 14.88
CA THR D 40 -14.93 -6.40 14.92
C THR D 40 -15.70 -6.24 16.21
N GLN D 41 -15.14 -5.55 17.18
CA GLN D 41 -15.74 -5.42 18.49
C GLN D 41 -16.26 -4.03 18.83
N ILE D 42 -15.71 -2.97 18.22
CA ILE D 42 -15.93 -1.60 18.68
C ILE D 42 -16.46 -0.81 17.50
N PHE D 43 -17.66 -0.19 17.64
CA PHE D 43 -18.22 0.57 16.52
C PHE D 43 -18.68 1.98 16.94
N CYS D 44 -18.61 2.95 16.01
CA CYS D 44 -18.92 4.37 16.29
C CYS D 44 -19.73 4.92 15.13
N HIS D 45 -20.49 5.99 15.41
CA HIS D 45 -21.22 6.67 14.36
C HIS D 45 -21.25 8.16 14.69
N ASN D 46 -21.52 8.94 13.64
CA ASN D 46 -21.69 10.39 13.72
C ASN D 46 -23.19 10.66 13.85
N ASP D 47 -23.57 11.34 14.91
CA ASP D 47 -24.98 11.73 15.12
C ASP D 47 -25.48 12.89 14.29
N TYR D 48 -24.62 13.66 13.61
CA TYR D 48 -25.10 14.82 12.87
C TYR D 48 -24.20 15.08 11.68
N PRO D 49 -24.09 14.09 10.79
CA PRO D 49 -23.17 14.19 9.64
C PRO D 49 -23.62 15.19 8.60
N GLU D 50 -24.92 15.55 8.62
CA GLU D 50 -25.42 16.64 7.77
C GLU D 50 -24.60 17.87 7.91
N THR D 51 -24.16 18.15 9.14
CA THR D 51 -23.59 19.43 9.54
C THR D 51 -22.19 19.28 10.11
N ILE D 52 -21.96 18.25 10.92
CA ILE D 52 -20.72 18.10 11.69
C ILE D 52 -19.87 16.97 11.11
N THR D 53 -18.55 17.18 11.15
CA THR D 53 -17.57 16.11 10.90
C THR D 53 -16.81 15.77 12.17
N ASP D 54 -16.84 14.50 12.52
CA ASP D 54 -16.24 13.97 13.73
C ASP D 54 -14.86 13.42 13.35
N TYR D 55 -13.90 13.62 14.24
CA TYR D 55 -12.50 13.21 14.08
C TYR D 55 -12.09 12.23 15.20
N VAL D 56 -11.54 11.05 14.85
CA VAL D 56 -11.31 9.96 15.84
C VAL D 56 -9.86 9.48 15.77
N THR D 57 -9.11 9.70 16.85
CA THR D 57 -7.78 9.13 17.01
C THR D 57 -7.79 8.01 18.06
N LEU D 58 -6.76 7.19 17.97
CA LEU D 58 -6.23 6.43 19.11
C LEU D 58 -5.32 7.39 19.84
N GLN D 59 -5.77 7.88 20.99
CA GLN D 59 -4.95 8.81 21.74
C GLN D 59 -3.84 8.07 22.46
N ARG D 60 -4.16 6.92 23.03
CA ARG D 60 -3.19 6.19 23.85
C ARG D 60 -3.55 4.73 23.78
N GLY D 61 -2.51 3.90 23.71
CA GLY D 61 -2.66 2.47 23.82
C GLY D 61 -1.68 1.95 24.82
N SER D 62 -2.22 1.38 25.91
CA SER D 62 -1.42 0.82 26.99
C SER D 62 -1.65 -0.69 27.12
N ALA D 63 -0.60 -1.39 27.53
CA ALA D 63 -0.61 -2.83 27.71
C ALA D 63 -0.61 -3.18 29.19
N TYR D 64 -1.20 -4.32 29.52
CA TYR D 64 -1.34 -4.71 30.92
C TYR D 64 -1.35 -6.22 31.07
N GLY D 65 -1.29 -6.65 32.32
CA GLY D 65 -1.27 -8.06 32.64
C GLY D 65 -0.21 -8.81 31.86
N GLY D 66 -0.60 -9.99 31.39
CA GLY D 66 0.31 -10.83 30.66
C GLY D 66 0.86 -10.17 29.42
N VAL D 67 0.08 -9.26 28.80
CA VAL D 67 0.49 -8.69 27.53
C VAL D 67 1.67 -7.77 27.74
N LEU D 68 1.62 -7.02 28.85
CA LEU D 68 2.78 -6.18 29.15
C LEU D 68 4.01 -7.03 29.42
N SER D 69 3.86 -8.17 30.10
CA SER D 69 5.04 -8.85 30.63
C SER D 69 5.70 -9.75 29.61
N ASN D 70 4.93 -10.40 28.74
CA ASN D 70 5.41 -11.49 27.91
C ASN D 70 5.34 -11.29 26.41
N PHE D 71 4.95 -10.10 25.94
CA PHE D 71 4.76 -9.87 24.52
C PHE D 71 5.42 -8.56 24.12
N SER D 72 5.81 -8.48 22.86
CA SER D 72 6.30 -7.27 22.22
C SER D 72 5.29 -6.88 21.15
N GLY D 73 4.96 -5.60 21.09
CA GLY D 73 3.68 -5.18 20.54
C GLY D 73 3.78 -4.08 19.51
N THR D 74 2.95 -4.16 18.49
CA THR D 74 2.52 -2.96 17.75
C THR D 74 1.01 -2.82 17.83
N VAL D 75 0.51 -1.66 17.37
CA VAL D 75 -0.90 -1.46 17.07
C VAL D 75 -1.04 -0.91 15.66
N LYS D 76 -1.91 -1.54 14.87
CA LYS D 76 -2.36 -0.99 13.61
C LYS D 76 -3.63 -0.12 13.81
N TYR D 77 -3.57 1.11 13.29
CA TYR D 77 -4.66 2.07 13.38
C TYR D 77 -4.85 2.68 11.99
N SER D 78 -5.92 2.26 11.33
CA SER D 78 -6.37 2.81 10.07
C SER D 78 -5.30 2.70 9.01
N GLY D 79 -4.65 1.55 8.95
CA GLY D 79 -3.77 1.25 7.84
C GLY D 79 -2.30 1.46 8.10
N SER D 80 -1.92 1.96 9.25
CA SER D 80 -0.54 2.28 9.57
C SER D 80 -0.19 1.73 10.95
N SER D 81 1.11 1.63 11.23
CA SER D 81 1.55 0.99 12.46
C SER D 81 2.25 1.93 13.42
N TYR D 82 2.20 1.54 14.68
CA TYR D 82 2.71 2.35 15.78
C TYR D 82 3.24 1.39 16.80
N PRO D 83 4.14 1.83 17.64
CA PRO D 83 4.51 0.96 18.75
C PRO D 83 3.32 0.75 19.70
N PHE D 84 3.23 -0.44 20.27
CA PHE D 84 2.26 -0.67 21.33
C PHE D 84 3.00 -1.32 22.48
N PRO D 85 2.97 -0.69 23.66
CA PRO D 85 2.28 0.53 24.10
C PRO D 85 2.69 1.80 23.33
N THR D 86 1.70 2.66 23.11
CA THR D 86 1.83 3.77 22.19
C THR D 86 2.73 4.86 22.74
N THR D 87 3.25 5.66 21.81
CA THR D 87 4.26 6.68 22.07
C THR D 87 3.69 8.08 21.88
N SER D 88 2.65 8.19 21.07
CA SER D 88 2.00 9.45 20.81
C SER D 88 0.68 9.10 20.17
N GLU D 89 -0.14 10.12 20.00
CA GLU D 89 -1.46 9.95 19.43
C GLU D 89 -1.34 9.95 17.91
N THR D 90 -2.21 9.16 17.28
CA THR D 90 -2.24 8.91 15.84
C THR D 90 -2.89 10.09 15.08
N PRO D 91 -3.01 10.02 13.76
CA PRO D 91 -3.86 10.99 13.10
C PRO D 91 -5.33 10.62 13.25
N ARG D 92 -6.15 11.55 12.89
CA ARG D 92 -7.58 11.41 12.99
C ARG D 92 -8.12 10.54 11.86
N VAL D 93 -9.19 9.85 12.16
CA VAL D 93 -10.06 9.17 11.22
C VAL D 93 -11.39 9.91 11.21
N VAL D 94 -12.00 10.02 10.03
CA VAL D 94 -13.17 10.87 9.88
C VAL D 94 -14.40 9.99 10.06
N TYR D 95 -15.27 10.36 10.99
CA TYR D 95 -16.62 9.79 11.02
C TYR D 95 -17.61 10.85 10.49
N ASN D 96 -18.21 10.54 9.36
CA ASN D 96 -19.18 11.41 8.70
C ASN D 96 -20.44 10.65 8.29
N SER D 97 -20.89 9.71 9.11
CA SER D 97 -22.07 8.93 8.75
C SER D 97 -22.75 8.48 10.01
N ARG D 98 -24.07 8.24 9.89
CA ARG D 98 -24.86 7.70 11.01
C ARG D 98 -24.79 6.17 11.09
N THR D 99 -24.66 5.47 9.97
CA THR D 99 -24.32 4.04 10.02
C THR D 99 -23.09 3.77 10.88
N ASP D 100 -23.18 2.73 11.69
CA ASP D 100 -22.05 2.42 12.56
C ASP D 100 -20.83 1.99 11.73
N LYS D 101 -19.65 2.41 12.16
CA LYS D 101 -18.39 2.13 11.47
C LYS D 101 -17.36 1.55 12.42
N PRO D 102 -16.63 0.48 12.04
CA PRO D 102 -15.65 -0.10 12.97
C PRO D 102 -14.61 0.96 13.36
N TRP D 103 -14.21 0.98 14.63
CA TRP D 103 -12.98 1.60 14.99
C TRP D 103 -11.82 0.73 14.50
N PRO D 104 -11.05 1.18 13.60
CA PRO D 104 -10.09 0.26 12.89
C PRO D 104 -8.77 0.07 13.64
N VAL D 105 -8.84 -0.64 14.75
CA VAL D 105 -7.73 -0.85 15.67
C VAL D 105 -7.51 -2.35 15.78
N ALA D 106 -6.23 -2.79 15.71
CA ALA D 106 -5.88 -4.20 15.86
C ALA D 106 -4.50 -4.28 16.51
N LEU D 107 -4.36 -5.19 17.47
CA LEU D 107 -3.12 -5.33 18.24
C LEU D 107 -2.38 -6.57 17.75
N TYR D 108 -1.08 -6.40 17.49
CA TYR D 108 -0.17 -7.44 16.98
C TYR D 108 0.89 -7.71 18.04
N LEU D 109 0.78 -8.87 18.66
CA LEU D 109 1.55 -9.20 19.85
C LEU D 109 2.35 -10.47 19.60
N THR D 110 3.67 -10.37 19.71
CA THR D 110 4.56 -11.51 19.52
C THR D 110 5.25 -11.81 20.83
N PRO D 111 5.24 -13.07 21.28
CA PRO D 111 5.92 -13.41 22.52
C PRO D 111 7.39 -13.01 22.50
N VAL D 112 7.85 -12.56 23.66
CA VAL D 112 9.25 -12.29 23.83
C VAL D 112 10.02 -13.60 23.94
N SER D 113 11.34 -13.53 23.83
CA SER D 113 12.17 -14.74 23.79
C SER D 113 11.90 -15.64 24.98
N SER D 114 12.01 -15.07 26.17
CA SER D 114 11.86 -15.78 27.42
C SER D 114 10.42 -16.18 27.68
N ALA D 115 9.47 -15.87 26.81
CA ALA D 115 8.09 -16.24 27.11
C ALA D 115 7.98 -17.76 27.14
N GLY D 116 7.04 -18.26 27.94
CA GLY D 116 6.97 -19.69 28.18
C GLY D 116 5.89 -20.04 29.16
N GLY D 117 4.98 -20.92 28.76
CA GLY D 117 3.83 -21.24 29.59
C GLY D 117 2.63 -20.34 29.44
N VAL D 118 1.84 -20.20 30.49
CA VAL D 118 0.61 -19.42 30.42
C VAL D 118 0.99 -17.95 30.43
N ALA D 119 0.80 -17.30 29.29
CA ALA D 119 1.40 -15.98 29.11
C ALA D 119 0.38 -14.86 29.27
N ILE D 120 -0.87 -15.07 28.85
CA ILE D 120 -2.01 -14.25 29.26
C ILE D 120 -2.96 -15.10 30.12
N LYS D 121 -3.41 -14.57 31.27
CA LYS D 121 -4.44 -15.24 32.07
C LYS D 121 -5.86 -14.78 31.71
N ALA D 122 -6.76 -15.73 31.44
CA ALA D 122 -8.21 -15.48 31.33
C ALA D 122 -8.71 -14.45 32.34
N GLY D 123 -9.65 -13.63 31.90
CA GLY D 123 -10.27 -12.64 32.77
C GLY D 123 -9.39 -11.50 33.17
N SER D 124 -8.15 -11.46 32.67
CA SER D 124 -7.26 -10.37 33.02
C SER D 124 -7.43 -9.18 32.04
N LEU D 125 -7.09 -8.04 32.56
CA LEU D 125 -6.98 -6.83 31.73
C LEU D 125 -5.69 -6.89 30.91
N ILE D 126 -5.80 -6.90 29.60
CA ILE D 126 -4.64 -6.96 28.73
C ILE D 126 -4.39 -5.65 27.99
N ALA D 127 -5.35 -4.74 27.95
CA ALA D 127 -5.15 -3.49 27.23
C ALA D 127 -6.17 -2.44 27.65
N VAL D 128 -5.76 -1.17 27.52
CA VAL D 128 -6.68 -0.03 27.60
C VAL D 128 -6.42 0.84 26.39
N LEU D 129 -7.43 1.01 25.56
CA LEU D 129 -7.37 1.83 24.35
C LEU D 129 -8.25 3.07 24.48
N ILE D 130 -7.63 4.23 24.29
CA ILE D 130 -8.30 5.54 24.45
C ILE D 130 -8.59 6.09 23.08
N LEU D 131 -9.88 6.21 22.79
CA LEU D 131 -10.37 6.86 21.59
C LEU D 131 -10.69 8.30 21.98
N ARG D 132 -10.19 9.23 21.17
CA ARG D 132 -10.31 10.66 21.36
C ARG D 132 -11.16 11.23 20.23
N GLN D 133 -12.27 11.86 20.59
CA GLN D 133 -13.23 12.36 19.61
C GLN D 133 -13.34 13.88 19.69
N THR D 134 -13.25 14.51 18.53
CA THR D 134 -13.38 15.95 18.33
C THR D 134 -14.19 16.11 17.05
N ASN D 135 -14.45 17.37 16.64
CA ASN D 135 -15.14 17.66 15.40
C ASN D 135 -14.64 19.00 14.81
N ASN D 136 -15.04 19.30 13.57
CA ASN D 136 -14.97 20.63 12.96
C ASN D 136 -16.14 21.61 13.31
N TYR D 137 -16.75 21.59 14.51
CA TYR D 137 -17.97 22.40 14.75
C TYR D 137 -17.97 23.16 16.07
N ASN D 138 -17.53 22.54 17.16
CA ASN D 138 -17.44 23.16 18.48
C ASN D 138 -16.15 22.71 19.13
N SER D 139 -16.04 22.91 20.44
CA SER D 139 -14.82 22.63 21.19
C SER D 139 -14.79 21.20 21.80
N ASP D 140 -15.63 20.31 21.31
CA ASP D 140 -15.77 18.98 21.94
C ASP D 140 -14.45 18.21 21.95
N ASP D 141 -14.04 17.77 23.12
CA ASP D 141 -12.84 16.93 23.17
C ASP D 141 -13.15 15.74 24.06
N PHE D 142 -13.63 14.64 23.47
CA PHE D 142 -14.21 13.55 24.26
C PHE D 142 -13.40 12.25 24.18
N GLN D 143 -13.34 11.58 25.32
CA GLN D 143 -12.63 10.31 25.51
C GLN D 143 -13.57 9.13 25.69
N PHE D 144 -13.41 8.15 24.79
CA PHE D 144 -14.07 6.86 24.86
C PHE D 144 -13.01 5.79 25.23
N VAL D 145 -13.13 5.22 26.43
CA VAL D 145 -12.07 4.41 27.02
C VAL D 145 -12.48 2.94 26.91
N TRP D 146 -11.76 2.17 26.09
CA TRP D 146 -12.02 0.72 25.97
C TRP D 146 -11.04 -0.11 26.81
N ASN D 147 -11.57 -0.83 27.80
CA ASN D 147 -10.78 -1.69 28.68
C ASN D 147 -10.88 -3.09 28.09
N ILE D 148 -9.76 -3.63 27.62
CA ILE D 148 -9.78 -4.87 26.85
C ILE D 148 -9.48 -6.02 27.77
N TYR D 149 -10.32 -7.03 27.73
CA TYR D 149 -10.23 -8.18 28.63
C TYR D 149 -9.99 -9.46 27.84
N ALA D 150 -9.07 -10.28 28.34
CA ALA D 150 -8.84 -11.61 27.76
C ALA D 150 -9.97 -12.58 28.10
N ASN D 151 -10.55 -13.19 27.09
CA ASN D 151 -11.54 -14.19 27.39
C ASN D 151 -10.99 -15.54 27.79
N ASN D 152 -9.72 -15.84 27.47
CA ASN D 152 -9.20 -17.16 27.63
C ASN D 152 -7.71 -17.03 27.80
N ASP D 153 -7.14 -18.05 28.45
CA ASP D 153 -5.72 -18.25 28.56
C ASP D 153 -5.05 -18.25 27.19
N VAL D 154 -3.78 -17.86 27.18
CA VAL D 154 -2.95 -17.97 26.00
C VAL D 154 -1.66 -18.66 26.37
N VAL D 155 -1.34 -19.73 25.67
CA VAL D 155 -0.22 -20.56 26.07
C VAL D 155 0.89 -20.38 25.06
N VAL D 156 2.08 -20.10 25.57
CA VAL D 156 3.28 -20.05 24.74
C VAL D 156 4.06 -21.39 24.93
N PRO D 157 4.12 -22.22 23.91
CA PRO D 157 4.89 -23.46 24.05
C PRO D 157 6.35 -23.21 24.44
N THR D 158 6.85 -24.18 25.20
CA THR D 158 8.26 -24.29 25.61
C THR D 158 8.91 -25.53 24.98
N PHE E 1 -25.68 6.67 -37.23
CA PHE E 1 -24.64 5.59 -37.34
C PHE E 1 -24.52 4.63 -36.11
N ALA E 2 -24.85 3.37 -36.36
CA ALA E 2 -24.83 2.34 -35.34
C ALA E 2 -24.17 1.12 -35.94
N CYS E 3 -23.81 0.15 -35.08
CA CYS E 3 -23.22 -1.10 -35.49
C CYS E 3 -24.00 -2.26 -34.88
N LYS E 4 -23.66 -3.47 -35.32
CA LYS E 4 -24.43 -4.65 -34.91
C LYS E 4 -23.57 -5.89 -35.16
N THR E 5 -23.52 -6.79 -34.17
CA THR E 5 -22.96 -8.12 -34.31
C THR E 5 -23.92 -9.07 -35.03
N ALA E 6 -23.33 -10.16 -35.55
CA ALA E 6 -24.11 -11.19 -36.23
C ALA E 6 -25.22 -11.77 -35.34
N ASN E 7 -24.99 -11.86 -34.03
CA ASN E 7 -25.99 -12.43 -33.14
C ASN E 7 -27.01 -11.39 -32.67
N GLY E 8 -26.94 -10.15 -33.13
CA GLY E 8 -27.96 -9.17 -32.81
C GLY E 8 -27.59 -8.17 -31.75
N THR E 9 -26.45 -8.38 -31.07
CA THR E 9 -25.96 -7.40 -30.11
C THR E 9 -25.75 -6.08 -30.81
N ALA E 10 -26.41 -5.04 -30.34
CA ALA E 10 -26.29 -3.74 -31.00
C ALA E 10 -25.48 -2.78 -30.14
N ILE E 11 -24.86 -1.82 -30.82
CA ILE E 11 -24.35 -0.61 -30.21
C ILE E 11 -25.06 0.56 -30.89
N PRO E 12 -25.71 1.47 -30.16
CA PRO E 12 -26.54 2.49 -30.80
C PRO E 12 -25.76 3.74 -31.21
N ILE E 13 -26.48 4.67 -31.84
CA ILE E 13 -25.95 6.01 -32.10
C ILE E 13 -25.29 6.53 -30.85
N GLY E 14 -24.08 7.07 -31.00
CA GLY E 14 -23.29 7.60 -29.91
C GLY E 14 -22.15 6.71 -29.49
N GLY E 15 -22.07 5.50 -29.98
CA GLY E 15 -21.01 4.60 -29.63
C GLY E 15 -21.37 3.72 -28.45
N GLY E 16 -20.36 3.01 -28.01
CA GLY E 16 -20.53 2.05 -26.95
C GLY E 16 -19.60 0.88 -27.13
N SER E 17 -20.03 -0.24 -26.56
CA SER E 17 -19.22 -1.46 -26.53
C SER E 17 -20.12 -2.69 -26.56
N ALA E 18 -19.50 -3.82 -26.87
CA ALA E 18 -20.14 -5.13 -26.96
C ALA E 18 -19.04 -6.18 -26.95
N ASN E 19 -19.35 -7.35 -26.42
CA ASN E 19 -18.47 -8.50 -26.52
C ASN E 19 -18.77 -9.31 -27.77
N VAL E 20 -17.72 -9.81 -28.41
CA VAL E 20 -17.84 -10.72 -29.53
C VAL E 20 -17.18 -12.04 -29.17
N TYR E 21 -17.81 -13.13 -29.59
CA TYR E 21 -17.31 -14.47 -29.34
C TYR E 21 -17.09 -15.12 -30.71
N VAL E 22 -15.87 -15.51 -30.96
CA VAL E 22 -15.52 -16.00 -32.28
C VAL E 22 -15.04 -17.42 -32.15
N ASN E 23 -15.31 -18.19 -33.17
CA ASN E 23 -14.71 -19.50 -33.32
C ASN E 23 -13.29 -19.38 -33.86
N LEU E 24 -12.42 -20.28 -33.39
CA LEU E 24 -11.01 -20.26 -33.77
C LEU E 24 -10.59 -21.64 -34.22
N ALA E 25 -9.81 -21.68 -35.29
CA ALA E 25 -9.14 -22.92 -35.69
C ALA E 25 -8.58 -23.51 -34.41
N PRO E 26 -8.84 -24.79 -34.12
CA PRO E 26 -8.39 -25.37 -32.85
C PRO E 26 -6.92 -25.74 -32.81
N VAL E 27 -6.30 -26.00 -33.97
CA VAL E 27 -4.92 -26.46 -34.05
C VAL E 27 -4.19 -25.64 -35.09
N VAL E 28 -3.15 -24.92 -34.66
CA VAL E 28 -2.35 -24.06 -35.53
C VAL E 28 -0.90 -24.39 -35.29
N ASN E 29 -0.19 -24.75 -36.35
CA ASN E 29 1.24 -25.01 -36.26
C ASN E 29 2.06 -23.73 -36.29
N VAL E 30 3.17 -23.76 -35.58
CA VAL E 30 4.18 -22.72 -35.69
C VAL E 30 4.35 -22.43 -37.16
N GLY E 31 4.47 -21.14 -37.50
CA GLY E 31 4.61 -20.73 -38.87
C GLY E 31 3.34 -20.67 -39.67
N GLN E 32 2.20 -21.01 -39.07
CA GLN E 32 0.91 -20.92 -39.76
C GLN E 32 0.09 -19.75 -39.23
N ASN E 33 -0.84 -19.26 -40.05
CA ASN E 33 -1.71 -18.18 -39.62
C ASN E 33 -2.93 -18.73 -38.89
N LEU E 34 -3.32 -18.05 -37.79
CA LEU E 34 -4.69 -18.11 -37.26
C LEU E 34 -5.41 -16.83 -37.63
N VAL E 35 -6.45 -16.95 -38.43
CA VAL E 35 -7.17 -15.80 -38.95
C VAL E 35 -8.41 -15.56 -38.11
N VAL E 36 -8.60 -14.32 -37.65
CA VAL E 36 -9.81 -13.93 -36.90
C VAL E 36 -10.56 -12.93 -37.78
N ASP E 37 -11.59 -13.40 -38.49
CA ASP E 37 -12.28 -12.61 -39.51
C ASP E 37 -13.52 -11.92 -38.92
N LEU E 38 -13.35 -10.69 -38.46
CA LEU E 38 -14.50 -9.97 -37.92
C LEU E 38 -15.45 -9.40 -38.99
N SER E 39 -15.03 -9.29 -40.25
CA SER E 39 -15.97 -8.80 -41.28
C SER E 39 -17.25 -9.62 -41.35
N THR E 40 -17.22 -10.85 -40.88
CA THR E 40 -18.39 -11.72 -40.86
C THR E 40 -19.17 -11.65 -39.54
N GLN E 41 -18.71 -10.85 -38.57
CA GLN E 41 -19.33 -10.78 -37.24
C GLN E 41 -19.80 -9.38 -36.83
N ILE E 42 -19.31 -8.33 -37.48
CA ILE E 42 -19.58 -6.94 -37.11
C ILE E 42 -20.11 -6.26 -38.35
N PHE E 43 -21.06 -5.33 -38.17
CA PHE E 43 -21.70 -4.65 -39.30
C PHE E 43 -22.10 -3.23 -38.87
N CYS E 44 -21.98 -2.28 -39.80
CA CYS E 44 -22.25 -0.87 -39.54
C CYS E 44 -23.08 -0.25 -40.67
N HIS E 45 -23.88 0.76 -40.31
CA HIS E 45 -24.68 1.46 -41.29
C HIS E 45 -24.78 2.94 -40.93
N ASN E 46 -24.97 3.75 -41.98
CA ASN E 46 -25.18 5.18 -41.85
C ASN E 46 -26.68 5.45 -41.70
N ASP E 47 -27.06 6.23 -40.68
CA ASP E 47 -28.47 6.54 -40.39
C ASP E 47 -28.99 7.77 -41.13
N TYR E 48 -28.17 8.47 -41.91
CA TYR E 48 -28.68 9.63 -42.61
C TYR E 48 -27.95 9.85 -43.93
N PRO E 49 -27.64 8.79 -44.68
CA PRO E 49 -26.77 8.94 -45.86
C PRO E 49 -27.29 9.91 -46.93
N GLU E 50 -28.55 10.37 -46.86
CA GLU E 50 -29.00 11.40 -47.79
C GLU E 50 -28.21 12.69 -47.62
N THR E 51 -27.67 12.93 -46.43
CA THR E 51 -27.13 14.23 -46.05
C THR E 51 -25.78 14.14 -45.33
N ILE E 52 -25.42 13.02 -44.74
CA ILE E 52 -24.16 12.94 -44.01
C ILE E 52 -23.30 11.86 -44.65
N THR E 53 -21.99 11.98 -44.47
CA THR E 53 -21.07 10.89 -44.80
C THR E 53 -20.27 10.53 -43.57
N ASP E 54 -20.34 9.25 -43.18
CA ASP E 54 -19.66 8.75 -41.99
C ASP E 54 -18.29 8.19 -42.37
N TYR E 55 -17.33 8.37 -41.47
CA TYR E 55 -15.95 7.95 -41.65
C TYR E 55 -15.54 6.98 -40.55
N VAL E 56 -14.97 5.82 -40.94
CA VAL E 56 -14.77 4.71 -40.01
C VAL E 56 -13.33 4.21 -40.05
N THR E 57 -12.63 4.35 -38.93
CA THR E 57 -11.27 3.83 -38.81
C THR E 57 -11.19 2.68 -37.84
N LEU E 58 -10.07 1.99 -37.89
CA LEU E 58 -9.60 1.23 -36.75
C LEU E 58 -8.71 2.18 -35.97
N GLN E 59 -9.24 2.72 -34.88
CA GLN E 59 -8.41 3.62 -34.09
C GLN E 59 -7.32 2.85 -33.36
N ARG E 60 -7.63 1.66 -32.83
CA ARG E 60 -6.67 0.94 -32.00
C ARG E 60 -7.00 -0.55 -31.95
N GLY E 61 -5.95 -1.37 -31.89
CA GLY E 61 -6.10 -2.80 -31.75
C GLY E 61 -5.17 -3.38 -30.69
N SER E 62 -5.76 -3.86 -29.60
CA SER E 62 -5.02 -4.27 -28.43
C SER E 62 -5.11 -5.79 -28.28
N ALA E 63 -4.01 -6.39 -27.91
CA ALA E 63 -3.88 -7.83 -27.80
C ALA E 63 -3.97 -8.22 -26.33
N TYR E 64 -4.48 -9.43 -26.08
CA TYR E 64 -4.73 -9.90 -24.72
C TYR E 64 -4.58 -11.41 -24.63
N GLY E 65 -4.36 -11.89 -23.42
CA GLY E 65 -4.36 -13.34 -23.19
C GLY E 65 -3.21 -13.99 -23.93
N GLY E 66 -3.51 -15.14 -24.54
CA GLY E 66 -2.51 -15.90 -25.27
C GLY E 66 -2.12 -15.25 -26.57
N VAL E 67 -2.97 -14.35 -27.09
CA VAL E 67 -2.65 -13.68 -28.35
C VAL E 67 -1.56 -12.64 -28.16
N LEU E 68 -1.34 -12.17 -26.94
CA LEU E 68 -0.23 -11.27 -26.67
C LEU E 68 1.05 -12.02 -26.35
N SER E 69 0.95 -13.16 -25.66
CA SER E 69 2.12 -13.85 -25.14
C SER E 69 2.64 -14.96 -26.03
N ASN E 70 1.91 -15.33 -27.09
CA ASN E 70 2.23 -16.49 -27.92
C ASN E 70 2.18 -16.25 -29.42
N PHE E 71 1.68 -15.10 -29.90
CA PHE E 71 1.48 -14.92 -31.33
C PHE E 71 2.18 -13.66 -31.83
N SER E 72 2.36 -13.62 -33.14
CA SER E 72 2.83 -12.46 -33.84
C SER E 72 1.75 -12.06 -34.83
N GLY E 73 1.51 -10.77 -34.93
CA GLY E 73 0.22 -10.27 -35.38
C GLY E 73 0.31 -9.13 -36.36
N THR E 74 -0.52 -9.18 -37.40
CA THR E 74 -0.94 -8.04 -38.20
C THR E 74 -2.46 -7.89 -38.04
N VAL E 75 -3.00 -6.92 -38.77
CA VAL E 75 -4.46 -6.74 -38.88
C VAL E 75 -4.74 -6.22 -40.28
N LYS E 76 -5.62 -6.91 -40.99
CA LYS E 76 -6.10 -6.44 -42.27
C LYS E 76 -7.32 -5.56 -42.04
N TYR E 77 -7.23 -4.32 -42.52
CA TYR E 77 -8.31 -3.38 -42.44
C TYR E 77 -8.51 -2.79 -43.82
N SER E 78 -9.69 -3.01 -44.39
CA SER E 78 -10.06 -2.42 -45.67
C SER E 78 -8.98 -2.58 -46.73
N GLY E 79 -8.33 -3.74 -46.77
CA GLY E 79 -7.45 -4.08 -47.83
C GLY E 79 -5.98 -3.92 -47.49
N SER E 80 -5.64 -3.06 -46.53
CA SER E 80 -4.26 -2.83 -46.14
C SER E 80 -4.00 -3.37 -44.73
N SER E 81 -2.74 -3.73 -44.47
CA SER E 81 -2.31 -4.38 -43.25
C SER E 81 -1.54 -3.42 -42.36
N TYR E 82 -1.57 -3.73 -41.07
CA TYR E 82 -0.95 -2.96 -40.01
C TYR E 82 -0.47 -3.96 -38.98
N PRO E 83 0.50 -3.60 -38.18
CA PRO E 83 0.88 -4.48 -37.05
C PRO E 83 -0.24 -4.56 -36.03
N PHE E 84 -0.36 -5.75 -35.44
CA PHE E 84 -1.24 -5.95 -34.31
C PHE E 84 -0.40 -6.59 -33.22
N PRO E 85 -0.37 -5.98 -32.00
CA PRO E 85 -1.13 -4.80 -31.58
C PRO E 85 -0.79 -3.58 -32.43
N THR E 86 -1.76 -2.68 -32.63
CA THR E 86 -1.62 -1.57 -33.54
C THR E 86 -0.73 -0.46 -32.95
N THR E 87 -0.14 0.34 -33.85
CA THR E 87 0.74 1.44 -33.48
C THR E 87 0.12 2.80 -33.77
N SER E 88 -0.84 2.86 -34.65
CA SER E 88 -1.42 4.16 -34.96
C SER E 88 -2.77 3.95 -35.65
N GLU E 89 -3.50 5.04 -35.81
CA GLU E 89 -4.82 4.96 -36.40
C GLU E 89 -4.69 4.65 -37.89
N THR E 90 -5.72 4.02 -38.45
CA THR E 90 -5.77 3.63 -39.84
C THR E 90 -6.48 4.74 -40.61
N PRO E 91 -6.57 4.65 -41.93
CA PRO E 91 -7.33 5.62 -42.70
C PRO E 91 -8.82 5.30 -42.68
N ARG E 92 -9.60 6.36 -42.83
N ARG E 92 -9.60 6.35 -42.86
CA ARG E 92 -11.04 6.28 -42.63
CA ARG E 92 -11.03 6.28 -42.63
C ARG E 92 -11.70 5.51 -43.76
C ARG E 92 -11.73 5.56 -43.77
N VAL E 93 -12.74 4.75 -43.42
CA VAL E 93 -13.56 4.02 -44.37
C VAL E 93 -14.92 4.71 -44.41
N VAL E 94 -15.38 5.02 -45.63
CA VAL E 94 -16.61 5.79 -45.81
C VAL E 94 -17.82 4.86 -45.73
N TYR E 95 -18.76 5.20 -44.87
CA TYR E 95 -20.04 4.49 -44.80
C TYR E 95 -21.14 5.44 -45.29
N ASN E 96 -21.82 5.04 -46.35
CA ASN E 96 -22.75 5.92 -47.06
C ASN E 96 -24.00 5.16 -47.46
N SER E 97 -24.46 4.27 -46.60
CA SER E 97 -25.68 3.52 -46.86
C SER E 97 -26.34 3.14 -45.56
N ARG E 98 -27.65 2.94 -45.63
CA ARG E 98 -28.36 2.34 -44.51
C ARG E 98 -28.19 0.83 -44.46
N THR E 99 -28.03 0.18 -45.62
CA THR E 99 -27.64 -1.23 -45.65
C THR E 99 -26.43 -1.46 -44.75
N ASP E 100 -26.56 -2.35 -43.79
CA ASP E 100 -25.42 -2.67 -42.95
C ASP E 100 -24.31 -3.26 -43.80
N LYS E 101 -23.08 -2.67 -43.70
CA LYS E 101 -21.86 -3.08 -44.41
C LYS E 101 -20.84 -3.64 -43.41
N PRO E 102 -20.06 -4.67 -43.78
CA PRO E 102 -19.17 -5.29 -42.80
C PRO E 102 -18.07 -4.36 -42.32
N TRP E 103 -17.71 -4.50 -41.07
CA TRP E 103 -16.53 -3.81 -40.62
C TRP E 103 -15.38 -4.62 -41.18
N PRO E 104 -14.66 -4.12 -42.12
CA PRO E 104 -13.67 -4.98 -42.84
C PRO E 104 -12.36 -5.19 -42.06
N VAL E 105 -12.43 -5.91 -40.95
CA VAL E 105 -11.25 -6.13 -40.11
C VAL E 105 -10.92 -7.62 -40.07
N ALA E 106 -9.65 -7.95 -40.25
CA ALA E 106 -9.17 -9.31 -40.13
C ALA E 106 -7.80 -9.33 -39.44
N LEU E 107 -7.69 -10.00 -38.31
CA LEU E 107 -6.41 -10.17 -37.66
C LEU E 107 -5.72 -11.43 -38.20
N TYR E 108 -4.40 -11.34 -38.43
CA TYR E 108 -3.57 -12.49 -38.82
C TYR E 108 -2.52 -12.76 -37.75
N LEU E 109 -2.68 -13.88 -37.05
CA LEU E 109 -1.89 -14.21 -35.86
C LEU E 109 -1.10 -15.48 -36.15
N THR E 110 0.20 -15.40 -36.02
CA THR E 110 1.06 -16.53 -36.28
C THR E 110 1.78 -16.93 -34.98
N PRO E 111 1.87 -18.22 -34.68
CA PRO E 111 2.50 -18.62 -33.41
C PRO E 111 3.97 -18.27 -33.34
N VAL E 112 4.43 -17.99 -32.13
CA VAL E 112 5.84 -17.73 -31.90
C VAL E 112 6.59 -19.05 -31.70
N SER E 113 7.91 -18.99 -31.92
CA SER E 113 8.74 -20.19 -31.84
C SER E 113 8.48 -20.96 -30.55
N SER E 114 8.47 -20.23 -29.42
CA SER E 114 8.33 -20.84 -28.10
C SER E 114 6.93 -21.41 -27.87
N ALA E 115 6.04 -21.30 -28.87
CA ALA E 115 4.70 -21.82 -28.72
C ALA E 115 4.74 -23.32 -28.51
N GLY E 116 3.74 -23.83 -27.81
CA GLY E 116 3.64 -25.24 -27.47
C GLY E 116 2.48 -25.52 -26.55
N GLY E 117 1.48 -26.25 -27.03
CA GLY E 117 0.32 -26.59 -26.23
C GLY E 117 -0.76 -25.52 -26.33
N VAL E 118 -1.56 -25.33 -25.29
CA VAL E 118 -2.75 -24.49 -25.44
C VAL E 118 -2.31 -23.03 -25.52
N ALA E 119 -2.29 -22.49 -26.73
CA ALA E 119 -1.85 -21.10 -26.92
C ALA E 119 -2.93 -20.07 -26.60
N ILE E 120 -4.20 -20.39 -26.87
CA ILE E 120 -5.33 -19.54 -26.49
C ILE E 120 -6.34 -20.38 -25.69
N LYS E 121 -6.87 -19.77 -24.62
CA LYS E 121 -7.79 -20.42 -23.68
C LYS E 121 -9.24 -19.98 -23.92
N ALA E 122 -10.15 -20.95 -23.93
CA ALA E 122 -11.58 -20.67 -24.11
C ALA E 122 -12.07 -19.65 -23.10
N GLY E 123 -12.87 -18.69 -23.57
CA GLY E 123 -13.47 -17.65 -22.72
C GLY E 123 -12.54 -16.52 -22.34
N SER E 124 -11.29 -16.54 -22.79
CA SER E 124 -10.38 -15.46 -22.51
C SER E 124 -10.60 -14.32 -23.49
N LEU E 125 -10.35 -13.11 -23.02
CA LEU E 125 -10.33 -11.94 -23.90
C LEU E 125 -9.04 -11.98 -24.72
N ILE E 126 -9.19 -12.06 -26.04
CA ILE E 126 -8.04 -12.12 -26.91
C ILE E 126 -7.76 -10.81 -27.64
N ALA E 127 -8.71 -9.87 -27.69
CA ALA E 127 -8.46 -8.60 -28.36
C ALA E 127 -9.55 -7.61 -28.01
N VAL E 128 -9.18 -6.34 -28.02
CA VAL E 128 -10.11 -5.21 -28.01
C VAL E 128 -9.80 -4.33 -29.22
N LEU E 129 -10.85 -4.05 -30.01
CA LEU E 129 -10.74 -3.29 -31.24
C LEU E 129 -11.65 -2.08 -31.13
N ILE E 130 -11.07 -0.90 -31.31
CA ILE E 130 -11.78 0.36 -31.22
C ILE E 130 -12.17 0.79 -32.63
N LEU E 131 -13.46 0.88 -32.88
CA LEU E 131 -13.95 1.47 -34.11
C LEU E 131 -14.24 2.92 -33.77
N ARG E 132 -13.70 3.83 -34.54
CA ARG E 132 -13.91 5.25 -34.33
C ARG E 132 -14.67 5.80 -35.52
N GLN E 133 -15.84 6.40 -35.26
CA GLN E 133 -16.70 6.91 -36.32
C GLN E 133 -16.78 8.42 -36.23
N THR E 134 -16.55 9.08 -37.36
CA THR E 134 -16.82 10.51 -37.50
C THR E 134 -17.69 10.71 -38.75
N ASN E 135 -17.97 11.99 -39.08
CA ASN E 135 -18.75 12.34 -40.27
C ASN E 135 -18.28 13.69 -40.82
N ASN E 136 -18.80 14.06 -42.00
CA ASN E 136 -18.57 15.39 -42.58
C ASN E 136 -19.73 16.36 -42.32
N TYR E 137 -20.46 16.20 -41.21
CA TYR E 137 -21.65 17.02 -40.96
C TYR E 137 -21.59 17.80 -39.65
N ASN E 138 -21.43 17.13 -38.51
CA ASN E 138 -21.26 17.81 -37.24
C ASN E 138 -19.90 17.47 -36.67
N SER E 139 -19.71 17.60 -35.36
CA SER E 139 -18.45 17.28 -34.71
C SER E 139 -18.51 15.95 -33.93
N ASP E 140 -19.34 15.01 -34.37
CA ASP E 140 -19.40 13.71 -33.69
C ASP E 140 -18.04 13.06 -33.78
N ASP E 141 -17.66 12.34 -32.72
CA ASP E 141 -16.43 11.59 -32.72
C ASP E 141 -16.60 10.43 -31.73
N PHE E 142 -17.19 9.34 -32.21
CA PHE E 142 -17.72 8.29 -31.37
C PHE E 142 -16.90 7.00 -31.48
N GLN E 143 -16.93 6.21 -30.41
CA GLN E 143 -16.13 4.98 -30.27
C GLN E 143 -17.05 3.80 -30.06
N PHE E 144 -16.93 2.80 -30.90
CA PHE E 144 -17.63 1.53 -30.77
C PHE E 144 -16.56 0.51 -30.38
N VAL E 145 -16.50 0.17 -29.10
CA VAL E 145 -15.46 -0.73 -28.59
C VAL E 145 -15.92 -2.17 -28.75
N TRP E 146 -15.10 -2.96 -29.44
CA TRP E 146 -15.39 -4.38 -29.62
C TRP E 146 -14.45 -5.22 -28.75
N ASN E 147 -15.02 -5.95 -27.79
CA ASN E 147 -14.23 -6.84 -26.94
C ASN E 147 -14.31 -8.23 -27.56
N ILE E 148 -13.20 -8.70 -28.11
CA ILE E 148 -13.16 -9.95 -28.88
C ILE E 148 -12.85 -11.10 -27.92
N TYR E 149 -13.59 -12.20 -28.08
CA TYR E 149 -13.51 -13.34 -27.16
C TYR E 149 -13.40 -14.64 -27.95
N ALA E 150 -12.40 -15.47 -27.62
CA ALA E 150 -12.30 -16.79 -28.23
C ALA E 150 -13.35 -17.72 -27.64
N ASN E 151 -14.10 -18.39 -28.51
CA ASN E 151 -15.07 -19.31 -27.96
C ASN E 151 -14.48 -20.66 -27.62
N ASN E 152 -13.21 -20.91 -27.91
CA ASN E 152 -12.66 -22.24 -27.72
C ASN E 152 -11.14 -22.20 -27.73
N ASP E 153 -10.55 -23.20 -27.06
CA ASP E 153 -9.10 -23.39 -27.04
C ASP E 153 -8.51 -23.44 -28.45
N VAL E 154 -7.27 -22.96 -28.57
CA VAL E 154 -6.44 -23.17 -29.76
C VAL E 154 -5.14 -23.83 -29.32
N VAL E 155 -4.76 -24.92 -29.98
CA VAL E 155 -3.57 -25.69 -29.58
C VAL E 155 -2.47 -25.55 -30.63
N VAL E 156 -1.23 -25.47 -30.15
CA VAL E 156 -0.05 -25.44 -30.99
C VAL E 156 0.73 -26.74 -30.76
N PRO E 157 0.77 -27.65 -31.72
CA PRO E 157 1.37 -28.95 -31.48
C PRO E 157 2.83 -28.83 -31.10
N THR E 158 3.34 -29.90 -30.47
CA THR E 158 4.75 -30.04 -30.10
C THR E 158 5.33 -31.29 -30.75
N PHE F 1 5.24 14.00 -48.44
CA PHE F 1 6.24 12.93 -48.22
C PHE F 1 7.26 12.81 -49.37
N ALA F 2 8.55 12.88 -49.05
CA ALA F 2 9.64 12.68 -50.02
C ALA F 2 10.76 11.88 -49.38
N CYS F 3 11.73 11.45 -50.21
CA CYS F 3 12.82 10.56 -49.79
C CYS F 3 14.18 11.14 -50.16
N LYS F 4 15.22 10.56 -49.58
CA LYS F 4 16.57 11.01 -49.84
C LYS F 4 17.50 9.83 -49.66
N THR F 5 18.67 9.95 -50.29
CA THR F 5 19.75 8.99 -50.17
C THR F 5 20.86 9.56 -49.28
N ALA F 6 21.91 8.76 -49.10
CA ALA F 6 23.11 9.25 -48.42
C ALA F 6 23.94 10.13 -49.34
N ASN F 7 23.90 9.87 -50.65
CA ASN F 7 24.62 10.71 -51.60
C ASN F 7 23.92 12.04 -51.82
N GLY F 8 22.67 12.16 -51.38
CA GLY F 8 21.89 13.37 -51.55
C GLY F 8 20.84 13.30 -52.65
N THR F 9 20.83 12.27 -53.48
CA THR F 9 19.77 12.15 -54.50
C THR F 9 18.41 11.92 -53.85
N ALA F 10 17.40 12.61 -54.36
CA ALA F 10 16.09 12.64 -53.73
C ALA F 10 14.98 12.32 -54.72
N ILE F 11 14.02 11.54 -54.26
CA ILE F 11 12.79 11.27 -54.99
C ILE F 11 11.70 12.17 -54.39
N PRO F 12 11.10 13.07 -55.16
CA PRO F 12 10.19 14.09 -54.59
C PRO F 12 8.76 13.58 -54.39
N ILE F 13 7.91 14.50 -53.91
CA ILE F 13 6.49 14.23 -53.68
C ILE F 13 5.88 13.54 -54.87
N GLY F 14 5.09 12.51 -54.61
CA GLY F 14 4.49 11.75 -55.69
C GLY F 14 5.35 10.60 -56.20
N GLY F 15 6.56 10.41 -55.67
CA GLY F 15 7.36 9.25 -56.01
C GLY F 15 8.25 9.41 -57.23
N GLY F 16 9.01 8.32 -57.47
CA GLY F 16 9.98 8.24 -58.55
C GLY F 16 10.85 6.98 -58.43
N SER F 17 12.09 7.11 -58.88
CA SER F 17 13.07 6.04 -58.71
C SER F 17 14.48 6.61 -58.65
N ALA F 18 15.34 5.94 -57.88
CA ALA F 18 16.75 6.31 -57.76
C ALA F 18 17.61 5.05 -57.62
N ASN F 19 18.79 5.09 -58.23
CA ASN F 19 19.76 4.01 -58.09
C ASN F 19 20.63 4.26 -56.86
N VAL F 20 20.71 3.25 -55.98
CA VAL F 20 21.56 3.28 -54.80
C VAL F 20 22.66 2.25 -54.98
N TYR F 21 23.90 2.67 -54.78
CA TYR F 21 25.07 1.87 -55.07
C TYR F 21 25.68 1.49 -53.74
N VAL F 22 25.65 0.21 -53.39
CA VAL F 22 25.97 -0.25 -52.04
C VAL F 22 27.28 -1.03 -52.00
N ASN F 23 28.09 -0.74 -51.00
CA ASN F 23 29.21 -1.61 -50.69
C ASN F 23 28.70 -2.92 -50.11
N LEU F 24 29.45 -3.98 -50.36
CA LEU F 24 29.15 -5.31 -49.87
C LEU F 24 30.40 -5.91 -49.24
N ALA F 25 30.23 -6.60 -48.13
CA ALA F 25 31.35 -7.33 -47.58
C ALA F 25 32.02 -8.13 -48.70
N PRO F 26 33.34 -8.08 -48.82
CA PRO F 26 33.96 -8.62 -50.05
C PRO F 26 33.91 -10.12 -50.08
N VAL F 27 33.97 -10.78 -48.93
CA VAL F 27 34.14 -12.22 -48.89
C VAL F 27 33.16 -12.79 -47.88
N VAL F 28 32.22 -13.60 -48.39
CA VAL F 28 31.23 -14.27 -47.57
C VAL F 28 31.36 -15.76 -47.77
N ASN F 29 31.47 -16.51 -46.69
CA ASN F 29 31.47 -17.96 -46.78
C ASN F 29 30.05 -18.51 -46.65
N VAL F 30 29.81 -19.61 -47.36
CA VAL F 30 28.55 -20.35 -47.21
C VAL F 30 28.27 -20.53 -45.73
N GLY F 31 27.01 -20.35 -45.33
CA GLY F 31 26.63 -20.48 -43.95
C GLY F 31 26.79 -19.22 -43.12
N GLN F 32 27.19 -18.12 -43.73
CA GLN F 32 27.24 -16.82 -43.09
C GLN F 32 26.43 -15.83 -43.93
N ASN F 33 26.12 -14.68 -43.34
CA ASN F 33 25.17 -13.73 -43.92
C ASN F 33 25.85 -12.49 -44.48
N LEU F 34 25.36 -12.04 -45.63
CA LEU F 34 25.77 -10.78 -46.23
C LEU F 34 24.65 -9.75 -46.04
N VAL F 35 25.01 -8.61 -45.50
CA VAL F 35 24.04 -7.63 -45.01
C VAL F 35 24.06 -6.42 -45.92
N VAL F 36 22.95 -6.15 -46.58
CA VAL F 36 22.73 -4.88 -47.25
C VAL F 36 21.82 -4.09 -46.32
N ASP F 37 22.42 -3.14 -45.61
CA ASP F 37 21.69 -2.37 -44.61
C ASP F 37 21.34 -1.03 -45.25
N LEU F 38 20.14 -0.92 -45.80
CA LEU F 38 19.75 0.31 -46.49
C LEU F 38 19.12 1.33 -45.56
N SER F 39 19.12 1.08 -44.26
CA SER F 39 18.70 2.11 -43.34
C SER F 39 19.73 3.21 -43.21
N THR F 40 20.96 3.00 -43.70
CA THR F 40 21.99 4.03 -43.65
C THR F 40 22.10 4.81 -44.95
N GLN F 41 21.34 4.45 -46.01
CA GLN F 41 21.39 5.08 -47.33
C GLN F 41 20.03 5.63 -47.82
N ILE F 42 18.93 5.41 -47.10
CA ILE F 42 17.60 5.76 -47.59
C ILE F 42 16.82 6.40 -46.45
N PHE F 43 16.26 7.59 -46.69
CA PHE F 43 15.57 8.37 -45.66
C PHE F 43 14.33 9.07 -46.21
N CYS F 44 13.34 9.28 -45.33
CA CYS F 44 12.05 9.86 -45.69
C CYS F 44 11.49 10.68 -44.55
N HIS F 45 10.42 11.40 -44.83
CA HIS F 45 9.86 12.36 -43.87
C HIS F 45 8.45 12.73 -44.30
N ASN F 46 7.61 13.00 -43.31
CA ASN F 46 6.28 13.53 -43.60
C ASN F 46 6.40 15.03 -43.83
N ASP F 47 5.79 15.52 -44.93
CA ASP F 47 5.78 16.93 -45.32
C ASP F 47 4.67 17.73 -44.66
N TYR F 48 3.71 17.08 -43.99
CA TYR F 48 2.63 17.82 -43.34
C TYR F 48 2.23 17.03 -42.09
N PRO F 49 3.17 16.71 -41.21
CA PRO F 49 2.80 15.90 -40.02
C PRO F 49 1.75 16.55 -39.13
N GLU F 50 1.58 17.87 -39.25
CA GLU F 50 0.60 18.61 -38.46
C GLU F 50 -0.81 18.06 -38.64
N THR F 51 -1.09 17.46 -39.81
CA THR F 51 -2.41 17.01 -40.23
C THR F 51 -2.41 15.64 -40.92
N ILE F 52 -1.38 15.26 -41.65
CA ILE F 52 -1.39 14.06 -42.47
C ILE F 52 -0.48 13.02 -41.84
N THR F 53 -0.96 11.78 -41.76
CA THR F 53 -0.18 10.62 -41.35
C THR F 53 0.18 9.85 -42.63
N ASP F 54 1.47 9.71 -42.91
CA ASP F 54 1.86 8.92 -44.07
C ASP F 54 2.02 7.47 -43.65
N TYR F 55 1.63 6.56 -44.54
CA TYR F 55 1.78 5.13 -44.32
C TYR F 55 2.75 4.61 -45.38
N VAL F 56 3.77 3.88 -44.93
CA VAL F 56 4.87 3.47 -45.79
C VAL F 56 5.04 1.96 -45.64
N THR F 57 4.87 1.25 -46.75
CA THR F 57 5.17 -0.17 -46.88
C THR F 57 6.40 -0.41 -47.74
N LEU F 58 6.90 -1.64 -47.61
CA LEU F 58 7.79 -2.27 -48.59
C LEU F 58 6.93 -3.11 -49.51
N GLN F 59 6.59 -2.56 -50.67
CA GLN F 59 5.66 -3.24 -51.56
C GLN F 59 6.26 -4.56 -52.05
N ARG F 60 7.41 -4.49 -52.72
CA ARG F 60 8.04 -5.67 -53.31
C ARG F 60 9.54 -5.53 -53.14
N GLY F 61 10.16 -6.55 -52.51
CA GLY F 61 11.58 -6.71 -52.54
C GLY F 61 11.88 -7.82 -53.53
N SER F 62 12.60 -7.46 -54.60
CA SER F 62 12.89 -8.34 -55.72
C SER F 62 14.39 -8.55 -55.85
N ALA F 63 14.77 -9.73 -56.32
CA ALA F 63 16.16 -10.13 -56.37
C ALA F 63 16.58 -10.28 -57.82
N TYR F 64 17.81 -9.88 -58.11
CA TYR F 64 18.35 -9.83 -59.46
C TYR F 64 19.84 -10.10 -59.41
N GLY F 65 20.40 -10.37 -60.57
CA GLY F 65 21.83 -10.63 -60.65
C GLY F 65 22.24 -11.83 -59.82
N GLY F 66 23.44 -11.72 -59.25
CA GLY F 66 24.05 -12.78 -58.48
C GLY F 66 23.42 -13.02 -57.13
N VAL F 67 22.57 -12.12 -56.67
CA VAL F 67 21.80 -12.39 -55.46
C VAL F 67 20.68 -13.37 -55.75
N LEU F 68 20.18 -13.40 -56.99
CA LEU F 68 19.02 -14.22 -57.32
C LEU F 68 19.37 -15.70 -57.49
N SER F 69 20.54 -16.03 -58.03
CA SER F 69 20.89 -17.43 -58.29
C SER F 69 21.85 -18.06 -57.28
N ASN F 70 22.34 -17.33 -56.27
CA ASN F 70 23.42 -17.83 -55.42
C ASN F 70 23.26 -17.46 -53.96
N PHE F 71 22.17 -16.82 -53.57
CA PHE F 71 21.89 -16.53 -52.18
C PHE F 71 20.48 -16.99 -51.87
N SER F 72 20.21 -17.19 -50.58
CA SER F 72 18.87 -17.33 -50.05
C SER F 72 18.67 -16.14 -49.12
N GLY F 73 17.50 -15.53 -49.23
CA GLY F 73 17.32 -14.15 -48.80
C GLY F 73 16.24 -13.98 -47.74
N THR F 74 16.56 -13.15 -46.74
CA THR F 74 15.59 -12.64 -45.77
C THR F 74 15.76 -11.12 -45.70
N VAL F 75 14.67 -10.42 -45.42
CA VAL F 75 14.68 -8.97 -45.34
C VAL F 75 14.04 -8.53 -44.03
N LYS F 76 14.72 -7.60 -43.34
CA LYS F 76 14.25 -7.01 -42.09
C LYS F 76 13.59 -5.68 -42.42
N TYR F 77 12.27 -5.64 -42.31
CA TYR F 77 11.51 -4.42 -42.46
C TYR F 77 10.95 -4.04 -41.10
N SER F 78 11.32 -2.86 -40.62
CA SER F 78 10.85 -2.30 -39.35
C SER F 78 10.65 -3.37 -38.27
N GLY F 79 11.67 -4.19 -38.08
CA GLY F 79 11.70 -5.07 -36.93
C GLY F 79 11.00 -6.41 -37.10
N SER F 80 10.47 -6.69 -38.29
CA SER F 80 9.87 -7.99 -38.59
C SER F 80 10.55 -8.58 -39.81
N SER F 81 10.60 -9.90 -39.85
CA SER F 81 11.34 -10.64 -40.86
C SER F 81 10.40 -11.23 -41.89
N TYR F 82 10.87 -11.28 -43.13
CA TYR F 82 10.09 -11.70 -44.28
C TYR F 82 11.05 -12.32 -45.29
N PRO F 83 10.60 -13.25 -46.13
CA PRO F 83 11.48 -13.80 -47.15
C PRO F 83 11.96 -12.72 -48.11
N PHE F 84 13.13 -12.96 -48.70
CA PHE F 84 13.58 -12.14 -49.80
C PHE F 84 14.06 -13.03 -50.94
N PRO F 85 13.43 -12.91 -52.11
CA PRO F 85 12.37 -11.98 -52.57
C PRO F 85 11.05 -12.06 -51.79
N THR F 86 10.38 -10.92 -51.59
CA THR F 86 9.22 -10.84 -50.70
C THR F 86 8.04 -11.63 -51.25
N THR F 87 7.15 -12.03 -50.33
CA THR F 87 5.94 -12.81 -50.64
C THR F 87 4.69 -11.95 -50.81
N SER F 88 4.63 -10.78 -50.18
CA SER F 88 3.58 -9.80 -50.41
C SER F 88 4.04 -8.48 -49.79
N GLU F 89 3.17 -7.49 -49.77
CA GLU F 89 3.52 -6.22 -49.15
C GLU F 89 3.47 -6.38 -47.63
N THR F 90 4.44 -5.76 -46.97
CA THR F 90 4.57 -5.83 -45.52
C THR F 90 3.53 -4.93 -44.86
N PRO F 91 3.45 -4.96 -43.52
CA PRO F 91 2.54 -4.07 -42.81
C PRO F 91 2.98 -2.62 -42.91
N ARG F 92 2.04 -1.72 -42.67
CA ARG F 92 2.26 -0.30 -42.87
C ARG F 92 2.95 0.33 -41.67
N VAL F 93 3.98 1.13 -41.93
CA VAL F 93 4.72 1.86 -40.92
C VAL F 93 4.47 3.35 -41.08
N VAL F 94 4.35 4.04 -39.96
CA VAL F 94 3.91 5.43 -39.97
C VAL F 94 5.13 6.34 -40.01
N TYR F 95 5.09 7.31 -40.90
CA TYR F 95 5.99 8.46 -40.86
C TYR F 95 5.17 9.69 -40.50
N ASN F 96 5.52 10.30 -39.39
CA ASN F 96 4.77 11.41 -38.82
C ASN F 96 5.67 12.56 -38.39
N SER F 97 6.84 12.72 -39.01
CA SER F 97 7.74 13.79 -38.65
C SER F 97 8.30 14.42 -39.93
N ARG F 98 8.60 15.74 -39.86
CA ARG F 98 9.36 16.41 -40.92
C ARG F 98 10.84 16.06 -40.90
N THR F 99 11.37 15.60 -39.78
CA THR F 99 12.74 15.11 -39.74
C THR F 99 12.93 13.99 -40.74
N ASP F 100 14.13 13.92 -41.32
CA ASP F 100 14.49 12.75 -42.11
C ASP F 100 14.60 11.53 -41.19
N LYS F 101 13.88 10.48 -41.56
CA LYS F 101 13.87 9.24 -40.80
C LYS F 101 14.32 8.07 -41.68
N PRO F 102 15.14 7.15 -41.16
CA PRO F 102 15.55 6.02 -41.97
C PRO F 102 14.35 5.21 -42.40
N TRP F 103 14.47 4.61 -43.56
CA TRP F 103 13.60 3.53 -44.04
C TRP F 103 14.19 2.25 -43.45
N PRO F 104 13.47 1.55 -42.51
CA PRO F 104 14.04 0.33 -41.87
C PRO F 104 13.95 -0.89 -42.76
N VAL F 105 14.90 -0.98 -43.69
CA VAL F 105 15.01 -2.09 -44.63
C VAL F 105 16.41 -2.65 -44.55
N ALA F 106 16.52 -3.95 -44.26
CA ALA F 106 17.82 -4.63 -44.15
C ALA F 106 17.77 -6.01 -44.78
N LEU F 107 18.66 -6.26 -45.75
CA LEU F 107 18.71 -7.54 -46.44
C LEU F 107 19.68 -8.47 -45.72
N TYR F 108 19.25 -9.72 -45.53
CA TYR F 108 20.09 -10.76 -44.91
C TYR F 108 20.21 -11.93 -45.89
N LEU F 109 21.36 -12.02 -46.55
CA LEU F 109 21.61 -13.04 -47.56
C LEU F 109 22.69 -13.97 -47.07
N THR F 110 22.45 -15.29 -47.22
CA THR F 110 23.41 -16.34 -46.92
C THR F 110 23.75 -17.06 -48.22
N PRO F 111 25.02 -17.24 -48.56
CA PRO F 111 25.34 -17.95 -49.80
C PRO F 111 24.77 -19.36 -49.78
N VAL F 112 24.30 -19.81 -50.95
CA VAL F 112 23.71 -21.14 -51.05
C VAL F 112 24.82 -22.18 -51.14
N SER F 113 24.44 -23.45 -50.90
CA SER F 113 25.43 -24.53 -50.93
C SER F 113 26.20 -24.52 -52.24
N SER F 114 25.49 -24.34 -53.34
CA SER F 114 26.10 -24.30 -54.66
C SER F 114 26.76 -22.95 -54.96
N ALA F 115 27.12 -22.17 -53.95
CA ALA F 115 27.94 -21.00 -54.17
C ALA F 115 29.42 -21.40 -54.27
N GLY F 116 30.16 -20.62 -55.04
CA GLY F 116 31.55 -20.94 -55.35
C GLY F 116 32.10 -20.03 -56.43
N GLY F 117 33.07 -19.19 -56.08
CA GLY F 117 33.61 -18.18 -56.97
C GLY F 117 32.99 -16.81 -56.70
N VAL F 118 32.84 -15.99 -57.72
CA VAL F 118 32.26 -14.65 -57.57
C VAL F 118 30.75 -14.77 -57.70
N ALA F 119 30.07 -14.64 -56.55
CA ALA F 119 28.64 -14.88 -56.46
C ALA F 119 27.80 -13.69 -56.93
N ILE F 120 28.34 -12.48 -56.85
CA ILE F 120 27.63 -11.32 -57.36
C ILE F 120 28.68 -10.30 -57.82
N LYS F 121 28.46 -9.73 -59.00
CA LYS F 121 29.45 -8.89 -59.66
C LYS F 121 29.25 -7.39 -59.41
N ALA F 122 30.36 -6.67 -59.39
CA ALA F 122 30.36 -5.23 -59.19
C ALA F 122 29.63 -4.51 -60.32
N GLY F 123 28.91 -3.46 -59.95
CA GLY F 123 28.05 -2.75 -60.86
C GLY F 123 26.77 -3.46 -61.22
N SER F 124 26.60 -4.72 -60.82
CA SER F 124 25.44 -5.48 -61.25
C SER F 124 24.19 -5.06 -60.46
N LEU F 125 23.03 -5.25 -61.08
CA LEU F 125 21.75 -5.07 -60.39
C LEU F 125 21.49 -6.25 -59.47
N ILE F 126 21.37 -5.95 -58.17
CA ILE F 126 21.17 -6.99 -57.19
C ILE F 126 19.77 -6.95 -56.59
N ALA F 127 19.06 -5.82 -56.68
CA ALA F 127 17.76 -5.76 -56.03
C ALA F 127 17.02 -4.46 -56.36
N VAL F 128 15.69 -4.55 -56.34
CA VAL F 128 14.81 -3.38 -56.41
C VAL F 128 13.87 -3.43 -55.21
N LEU F 129 13.86 -2.35 -54.44
CA LEU F 129 13.03 -2.21 -53.24
C LEU F 129 11.97 -1.15 -53.48
N ILE F 130 10.70 -1.52 -53.36
CA ILE F 130 9.57 -0.67 -53.75
C ILE F 130 8.92 -0.14 -52.48
N LEU F 131 9.24 1.11 -52.13
CA LEU F 131 8.59 1.82 -51.02
C LEU F 131 7.24 2.40 -51.48
N ARG F 132 6.17 2.03 -50.79
CA ARG F 132 4.81 2.42 -51.14
C ARG F 132 4.27 3.39 -50.09
N GLN F 133 3.95 4.60 -50.52
CA GLN F 133 3.58 5.66 -49.60
C GLN F 133 2.13 6.10 -49.83
N THR F 134 1.38 6.12 -48.74
CA THR F 134 -0.02 6.52 -48.74
C THR F 134 -0.26 7.41 -47.53
N ASN F 135 -1.52 7.73 -47.24
CA ASN F 135 -1.84 8.71 -46.22
C ASN F 135 -3.28 8.51 -45.78
N ASN F 136 -3.62 9.12 -44.65
CA ASN F 136 -5.01 9.30 -44.26
C ASN F 136 -5.64 10.61 -44.79
N TYR F 137 -5.19 11.14 -45.93
CA TYR F 137 -5.67 12.46 -46.38
C TYR F 137 -6.35 12.41 -47.75
N ASN F 138 -5.66 11.98 -48.80
CA ASN F 138 -6.30 11.92 -50.11
C ASN F 138 -6.14 10.51 -50.66
N SER F 139 -6.34 10.32 -51.96
CA SER F 139 -6.21 9.01 -52.56
C SER F 139 -4.82 8.79 -53.15
N ASP F 140 -3.83 9.56 -52.70
CA ASP F 140 -2.48 9.36 -53.16
C ASP F 140 -2.09 7.91 -52.95
N ASP F 141 -1.31 7.37 -53.90
CA ASP F 141 -0.68 6.07 -53.76
C ASP F 141 0.56 6.08 -54.64
N PHE F 142 1.71 6.31 -54.03
CA PHE F 142 2.94 6.62 -54.74
C PHE F 142 3.96 5.52 -54.54
N GLN F 143 4.69 5.23 -55.61
CA GLN F 143 5.77 4.26 -55.60
C GLN F 143 7.12 4.97 -55.61
N PHE F 144 7.91 4.77 -54.56
CA PHE F 144 9.31 5.17 -54.55
C PHE F 144 10.16 3.90 -54.79
N VAL F 145 10.95 3.91 -55.85
CA VAL F 145 11.62 2.72 -56.37
C VAL F 145 13.11 2.85 -56.11
N TRP F 146 13.67 1.90 -55.36
CA TRP F 146 15.08 1.93 -55.01
C TRP F 146 15.73 0.76 -55.73
N ASN F 147 16.57 1.10 -56.73
CA ASN F 147 17.28 0.14 -57.55
C ASN F 147 18.70 -0.01 -56.98
N ILE F 148 18.98 -1.14 -56.34
CA ILE F 148 20.19 -1.30 -55.53
C ILE F 148 21.27 -2.01 -56.35
N TYR F 149 22.39 -1.33 -56.55
CA TYR F 149 23.50 -1.84 -57.36
C TYR F 149 24.66 -2.17 -56.46
N ALA F 150 25.33 -3.29 -56.73
CA ALA F 150 26.48 -3.70 -55.92
C ALA F 150 27.71 -2.90 -56.30
N ASN F 151 28.33 -2.29 -55.32
CA ASN F 151 29.47 -1.45 -55.68
C ASN F 151 30.74 -2.24 -55.91
N ASN F 152 30.76 -3.52 -55.56
CA ASN F 152 31.99 -4.30 -55.62
C ASN F 152 31.64 -5.77 -55.77
N ASP F 153 32.61 -6.53 -56.28
CA ASP F 153 32.47 -7.99 -56.34
C ASP F 153 32.21 -8.54 -54.94
N VAL F 154 31.57 -9.70 -54.90
CA VAL F 154 31.56 -10.55 -53.73
C VAL F 154 32.11 -11.90 -54.16
N VAL F 155 33.00 -12.47 -53.35
CA VAL F 155 33.57 -13.78 -53.58
C VAL F 155 33.20 -14.73 -52.45
N VAL F 156 32.79 -15.95 -52.81
CA VAL F 156 32.57 -17.01 -51.83
C VAL F 156 33.76 -18.00 -51.93
N PRO F 157 34.60 -18.10 -50.91
CA PRO F 157 35.75 -19.01 -51.00
C PRO F 157 35.35 -20.42 -51.42
N THR F 158 36.26 -21.10 -52.12
CA THR F 158 36.05 -22.48 -52.59
C THR F 158 36.77 -23.52 -51.73
N PHE G 1 16.65 -7.64 37.96
CA PHE G 1 15.63 -6.53 37.88
C PHE G 1 16.24 -5.16 38.20
N ALA G 2 15.98 -4.20 37.30
CA ALA G 2 16.51 -2.86 37.39
C ALA G 2 15.52 -1.91 36.71
N CYS G 3 15.63 -0.61 37.06
CA CYS G 3 14.70 0.42 36.57
C CYS G 3 15.46 1.67 36.16
N LYS G 4 14.85 2.42 35.26
CA LYS G 4 15.48 3.57 34.64
C LYS G 4 14.46 4.64 34.26
N THR G 5 14.82 5.90 34.47
CA THR G 5 13.98 7.01 34.02
C THR G 5 14.06 7.15 32.50
N ALA G 6 13.16 7.95 31.93
CA ALA G 6 13.21 8.22 30.49
C ALA G 6 14.55 8.82 30.09
N ASN G 7 15.12 9.69 30.93
CA ASN G 7 16.41 10.31 30.64
C ASN G 7 17.59 9.41 30.97
N GLY G 8 17.36 8.13 31.24
CA GLY G 8 18.41 7.16 31.43
C GLY G 8 18.98 7.04 32.82
N THR G 9 18.54 7.85 33.78
CA THR G 9 18.97 7.70 35.15
C THR G 9 18.39 6.39 35.66
N ALA G 10 19.20 5.66 36.41
CA ALA G 10 18.91 4.28 36.77
C ALA G 10 18.79 4.16 38.28
N ILE G 11 17.95 3.23 38.70
CA ILE G 11 18.16 2.51 39.96
C ILE G 11 18.62 1.12 39.57
N PRO G 12 19.70 0.61 40.15
CA PRO G 12 20.20 -0.70 39.77
C PRO G 12 19.56 -1.79 40.62
N ILE G 13 19.85 -3.03 40.23
CA ILE G 13 19.59 -4.20 41.02
C ILE G 13 19.73 -3.83 42.48
N GLY G 14 18.88 -4.41 43.35
CA GLY G 14 18.91 -4.14 44.77
C GLY G 14 18.10 -2.94 45.22
N GLY G 15 17.56 -2.14 44.30
CA GLY G 15 16.75 -0.99 44.67
C GLY G 15 17.52 0.32 44.82
N GLY G 16 16.83 1.32 45.34
CA GLY G 16 17.35 2.66 45.47
C GLY G 16 16.24 3.70 45.30
N SER G 17 16.64 4.90 44.88
CA SER G 17 15.71 6.01 44.75
C SER G 17 16.14 6.92 43.61
N ALA G 18 15.15 7.56 43.00
CA ALA G 18 15.41 8.42 41.86
C ALA G 18 14.40 9.55 41.80
N ASN G 19 14.83 10.65 41.22
CA ASN G 19 13.95 11.77 40.97
C ASN G 19 13.47 11.69 39.54
N VAL G 20 12.17 11.84 39.38
CA VAL G 20 11.57 12.00 38.08
C VAL G 20 11.01 13.43 38.00
N TYR G 21 10.99 13.97 36.79
CA TYR G 21 10.55 15.35 36.61
C TYR G 21 9.48 15.37 35.53
N VAL G 22 8.29 15.84 35.91
CA VAL G 22 7.09 15.67 35.12
C VAL G 22 6.64 17.03 34.63
N ASN G 23 6.36 17.14 33.34
CA ASN G 23 5.56 18.25 32.88
C ASN G 23 4.12 17.97 33.26
N LEU G 24 3.35 19.05 33.40
CA LEU G 24 1.97 18.99 33.81
C LEU G 24 1.21 20.06 33.06
N ALA G 25 0.09 19.70 32.47
CA ALA G 25 -0.82 20.67 31.84
C ALA G 25 -0.90 21.99 32.62
N PRO G 26 -0.81 23.14 31.95
CA PRO G 26 -0.63 24.41 32.66
C PRO G 26 -1.88 24.98 33.32
N VAL G 27 -3.07 24.69 32.81
CA VAL G 27 -4.31 25.23 33.37
C VAL G 27 -5.28 24.08 33.63
N VAL G 28 -5.87 24.05 34.83
CA VAL G 28 -6.83 23.01 35.19
C VAL G 28 -7.95 23.61 35.99
N ASN G 29 -9.17 23.53 35.48
CA ASN G 29 -10.32 24.02 36.24
C ASN G 29 -10.75 22.97 37.27
N VAL G 30 -11.20 23.43 38.44
CA VAL G 30 -12.10 22.62 39.26
C VAL G 30 -13.12 21.93 38.35
N GLY G 31 -13.36 20.65 38.57
CA GLY G 31 -14.12 19.82 37.66
C GLY G 31 -13.33 19.14 36.56
N GLN G 32 -12.02 19.42 36.44
CA GLN G 32 -11.13 18.78 35.47
C GLN G 32 -10.08 17.95 36.22
N ASN G 33 -9.49 16.97 35.51
CA ASN G 33 -8.37 16.20 36.06
C ASN G 33 -7.03 16.66 35.51
N LEU G 34 -6.02 16.55 36.36
CA LEU G 34 -4.63 16.79 35.98
C LEU G 34 -3.92 15.44 35.94
N VAL G 35 -3.42 15.08 34.78
CA VAL G 35 -2.97 13.71 34.50
C VAL G 35 -1.44 13.69 34.49
N VAL G 36 -0.85 12.95 35.43
CA VAL G 36 0.59 12.66 35.48
C VAL G 36 0.79 11.23 35.04
N ASP G 37 1.02 11.00 33.75
CA ASP G 37 1.28 9.66 33.26
C ASP G 37 2.75 9.34 33.48
N LEU G 38 3.05 8.59 34.54
CA LEU G 38 4.43 8.21 34.82
C LEU G 38 4.90 6.99 34.03
N SER G 39 4.01 6.35 33.26
CA SER G 39 4.43 5.16 32.54
C SER G 39 5.35 5.47 31.36
N THR G 40 5.52 6.74 31.03
CA THR G 40 6.46 7.19 30.00
C THR G 40 7.74 7.73 30.58
N GLN G 41 7.87 7.69 31.90
CA GLN G 41 9.04 8.16 32.60
C GLN G 41 9.80 7.02 33.26
N ILE G 42 9.13 5.91 33.60
CA ILE G 42 9.68 4.86 34.46
C ILE G 42 9.51 3.52 33.76
N PHE G 43 10.63 2.84 33.56
CA PHE G 43 10.72 1.56 32.89
C PHE G 43 11.42 0.58 33.83
N CYS G 44 11.26 -0.70 33.53
CA CYS G 44 11.91 -1.75 34.30
C CYS G 44 12.12 -2.92 33.37
N HIS G 45 12.98 -3.85 33.80
CA HIS G 45 13.07 -5.11 33.09
C HIS G 45 13.52 -6.17 34.07
N ASN G 46 13.41 -7.41 33.62
CA ASN G 46 13.81 -8.59 34.38
C ASN G 46 15.18 -9.00 33.87
N ASP G 47 16.12 -9.20 34.78
CA ASP G 47 17.50 -9.50 34.39
C ASP G 47 17.73 -10.97 34.11
N TYR G 48 16.83 -11.84 34.51
CA TYR G 48 16.99 -13.25 34.25
C TYR G 48 15.62 -13.86 34.00
N PRO G 49 14.88 -13.35 33.00
CA PRO G 49 13.52 -13.86 32.77
C PRO G 49 13.48 -15.33 32.37
N GLU G 50 14.62 -15.93 32.01
CA GLU G 50 14.61 -17.35 31.63
C GLU G 50 14.27 -18.25 32.80
N THR G 51 14.67 -17.86 34.01
CA THR G 51 14.61 -18.72 35.18
C THR G 51 13.81 -18.04 36.29
N ILE G 52 13.76 -16.70 36.26
CA ILE G 52 13.14 -15.91 37.32
C ILE G 52 11.97 -15.10 36.78
N THR G 53 10.95 -14.93 37.62
CA THR G 53 9.87 -13.98 37.37
C THR G 53 9.88 -12.93 38.48
N ASP G 54 9.81 -11.67 38.07
CA ASP G 54 9.84 -10.53 38.98
C ASP G 54 8.41 -10.06 39.25
N TYR G 55 8.14 -9.68 40.50
CA TYR G 55 6.81 -9.24 40.92
C TYR G 55 6.90 -7.85 41.50
N VAL G 56 6.02 -6.97 41.06
CA VAL G 56 6.18 -5.52 41.21
C VAL G 56 4.86 -4.90 41.68
N THR G 57 4.84 -4.43 42.92
CA THR G 57 3.68 -3.66 43.36
C THR G 57 4.03 -2.19 43.56
N LEU G 58 3.05 -1.31 43.34
CA LEU G 58 3.10 0.04 43.90
C LEU G 58 2.76 -0.09 45.39
N GLN G 59 3.79 -0.10 46.23
CA GLN G 59 3.61 -0.34 47.66
C GLN G 59 3.01 0.87 48.36
N ARG G 60 3.32 2.08 47.90
CA ARG G 60 2.84 3.30 48.53
C ARG G 60 2.87 4.41 47.51
N GLY G 61 1.75 5.09 47.35
CA GLY G 61 1.66 6.34 46.60
C GLY G 61 1.24 7.43 47.56
N SER G 62 2.05 8.47 47.66
CA SER G 62 1.83 9.56 48.60
C SER G 62 1.92 10.90 47.85
N ALA G 63 1.17 11.89 48.34
CA ALA G 63 1.11 13.22 47.73
C ALA G 63 1.91 14.22 48.56
N TYR G 64 2.25 15.34 47.91
CA TYR G 64 3.06 16.35 48.56
C TYR G 64 2.71 17.74 48.04
N GLY G 65 2.92 18.74 48.90
CA GLY G 65 2.72 20.10 48.49
C GLY G 65 1.30 20.38 48.03
N GLY G 66 1.18 20.97 46.83
CA GLY G 66 -0.13 21.33 46.32
C GLY G 66 -1.02 20.11 46.17
N VAL G 67 -0.47 19.03 45.58
CA VAL G 67 -1.23 17.81 45.34
C VAL G 67 -1.92 17.34 46.60
N LEU G 68 -1.34 17.58 47.76
CA LEU G 68 -2.00 17.16 48.98
C LEU G 68 -3.00 18.20 49.47
N SER G 69 -2.75 19.48 49.20
CA SER G 69 -3.60 20.54 49.76
C SER G 69 -4.61 21.10 48.76
N ASN G 70 -4.38 20.94 47.46
CA ASN G 70 -5.23 21.58 46.46
C ASN G 70 -5.89 20.60 45.49
N PHE G 71 -5.70 19.30 45.67
CA PHE G 71 -6.22 18.30 44.76
C PHE G 71 -6.67 17.08 45.54
N SER G 72 -7.67 16.40 44.99
CA SER G 72 -8.08 15.07 45.42
C SER G 72 -7.59 14.08 44.37
N GLY G 73 -7.01 12.97 44.82
CA GLY G 73 -6.35 12.04 43.90
C GLY G 73 -6.89 10.63 43.70
N THR G 74 -6.48 10.04 42.58
CA THR G 74 -6.58 8.61 42.32
C THR G 74 -5.36 8.18 41.54
N VAL G 75 -4.85 6.99 41.85
CA VAL G 75 -3.73 6.40 41.13
C VAL G 75 -4.26 5.19 40.36
N LYS G 76 -4.31 5.32 39.03
CA LYS G 76 -4.51 4.17 38.15
C LYS G 76 -3.22 3.36 38.09
N TYR G 77 -3.30 2.09 38.49
CA TYR G 77 -2.17 1.17 38.48
C TYR G 77 -2.57 -0.11 37.78
N SER G 78 -1.75 -0.52 36.83
CA SER G 78 -2.05 -1.62 35.92
C SER G 78 -3.54 -1.65 35.56
N GLY G 79 -4.03 -0.48 35.10
CA GLY G 79 -5.37 -0.36 34.59
C GLY G 79 -6.45 -0.13 35.62
N SER G 80 -6.21 -0.51 36.87
CA SER G 80 -7.22 -0.38 37.91
C SER G 80 -6.94 0.82 38.79
N SER G 81 -8.00 1.32 39.43
CA SER G 81 -7.99 2.61 40.12
C SER G 81 -8.03 2.44 41.63
N TYR G 82 -7.28 3.27 42.33
CA TYR G 82 -7.13 3.25 43.77
C TYR G 82 -7.30 4.66 44.28
N PRO G 83 -7.48 4.83 45.58
CA PRO G 83 -7.44 6.19 46.15
C PRO G 83 -6.01 6.70 46.17
N PHE G 84 -5.86 7.99 45.88
CA PHE G 84 -4.57 8.64 46.08
C PHE G 84 -4.79 9.80 47.01
N PRO G 85 -4.09 9.80 48.17
CA PRO G 85 -3.04 8.87 48.60
C PRO G 85 -3.50 7.40 48.82
N THR G 86 -2.54 6.48 48.62
CA THR G 86 -2.83 5.06 48.59
C THR G 86 -3.24 4.53 49.97
N THR G 87 -4.10 3.52 49.96
CA THR G 87 -4.60 2.92 51.21
C THR G 87 -3.88 1.63 51.56
N SER G 88 -3.33 0.94 50.56
CA SER G 88 -2.57 -0.28 50.78
C SER G 88 -1.90 -0.62 49.46
N GLU G 89 -1.11 -1.67 49.49
CA GLU G 89 -0.45 -2.20 48.32
C GLU G 89 -1.49 -2.65 47.28
N THR G 90 -1.10 -2.57 46.02
CA THR G 90 -1.92 -3.04 44.90
C THR G 90 -1.63 -4.53 44.66
N PRO G 91 -2.23 -5.13 43.63
CA PRO G 91 -1.78 -6.46 43.21
C PRO G 91 -0.42 -6.36 42.53
N ARG G 92 0.07 -7.46 41.96
CA ARG G 92 1.43 -7.57 41.44
C ARG G 92 1.42 -7.48 39.93
N VAL G 93 2.34 -6.67 39.40
CA VAL G 93 2.60 -6.54 37.97
C VAL G 93 3.83 -7.40 37.65
N VAL G 94 3.68 -8.35 36.73
CA VAL G 94 4.76 -9.29 36.39
C VAL G 94 5.71 -8.64 35.40
N TYR G 95 7.03 -8.77 35.67
CA TYR G 95 8.07 -8.43 34.69
C TYR G 95 8.82 -9.70 34.31
N ASN G 96 8.62 -10.14 33.05
CA ASN G 96 9.14 -11.39 32.50
C ASN G 96 9.98 -11.15 31.25
N SER G 97 10.59 -9.98 31.09
CA SER G 97 11.33 -9.70 29.86
C SER G 97 12.53 -8.81 30.12
N ARG G 98 13.45 -8.85 29.16
CA ARG G 98 14.68 -8.11 29.24
C ARG G 98 14.54 -6.70 28.66
N THR G 99 13.73 -6.55 27.61
CA THR G 99 13.35 -5.24 27.10
C THR G 99 12.79 -4.35 28.22
N ASP G 100 12.99 -3.07 28.09
CA ASP G 100 12.46 -2.16 29.08
C ASP G 100 10.95 -2.04 28.91
N LYS G 101 10.27 -2.01 30.05
CA LYS G 101 8.85 -2.24 30.11
C LYS G 101 8.25 -1.22 31.06
N PRO G 102 7.17 -0.55 30.70
CA PRO G 102 6.65 0.53 31.56
C PRO G 102 6.12 0.02 32.91
N TRP G 103 6.52 0.69 33.97
CA TRP G 103 5.75 0.67 35.20
C TRP G 103 4.44 1.31 34.84
N PRO G 104 3.36 0.64 34.87
CA PRO G 104 2.05 1.31 34.57
C PRO G 104 1.40 2.06 35.73
N VAL G 105 1.84 3.30 35.95
CA VAL G 105 1.30 4.15 37.01
C VAL G 105 0.86 5.46 36.35
N ALA G 106 -0.30 5.99 36.75
CA ALA G 106 -0.79 7.27 36.28
C ALA G 106 -1.66 7.91 37.34
N LEU G 107 -1.44 9.19 37.58
CA LEU G 107 -2.08 9.93 38.66
C LEU G 107 -3.16 10.86 38.12
N TYR G 108 -4.34 10.78 38.73
CA TYR G 108 -5.53 11.53 38.33
C TYR G 108 -5.89 12.46 39.48
N LEU G 109 -5.68 13.76 39.27
CA LEU G 109 -5.82 14.74 40.33
C LEU G 109 -6.88 15.75 39.94
N THR G 110 -7.82 16.01 40.85
CA THR G 110 -8.86 16.99 40.63
C THR G 110 -8.76 18.09 41.67
N PRO G 111 -8.86 19.36 41.25
CA PRO G 111 -8.82 20.47 42.20
C PRO G 111 -10.03 20.45 43.13
N VAL G 112 -9.75 20.64 44.43
CA VAL G 112 -10.78 20.71 45.47
C VAL G 112 -11.68 21.93 45.27
N SER G 113 -12.82 21.93 45.99
CA SER G 113 -13.77 23.04 45.96
C SER G 113 -13.05 24.37 46.13
N SER G 114 -12.23 24.47 47.14
CA SER G 114 -11.53 25.69 47.45
C SER G 114 -10.28 25.94 46.57
N ALA G 115 -10.16 25.35 45.38
CA ALA G 115 -8.95 25.56 44.57
C ALA G 115 -8.94 26.93 43.92
N GLY G 116 -7.79 27.60 43.99
CA GLY G 116 -7.70 28.97 43.49
C GLY G 116 -6.31 29.60 43.46
N GLY G 117 -5.84 29.88 42.26
CA GLY G 117 -4.52 30.45 42.08
C GLY G 117 -3.45 29.43 41.70
N VAL G 118 -2.25 29.58 42.24
CA VAL G 118 -1.17 28.67 41.90
C VAL G 118 -1.32 27.46 42.82
N ALA G 119 -1.65 26.31 42.26
CA ALA G 119 -1.95 25.13 43.07
C ALA G 119 -0.73 24.23 43.26
N ILE G 120 0.14 24.17 42.24
CA ILE G 120 1.44 23.52 42.32
C ILE G 120 2.49 24.55 41.90
N LYS G 121 3.51 24.74 42.73
CA LYS G 121 4.63 25.61 42.39
C LYS G 121 5.73 24.76 41.79
N ALA G 122 6.25 25.20 40.65
CA ALA G 122 7.24 24.42 39.91
C ALA G 122 8.36 23.97 40.85
N GLY G 123 8.98 22.83 40.52
CA GLY G 123 10.15 22.34 41.23
C GLY G 123 9.90 21.82 42.63
N SER G 124 8.65 21.83 43.11
CA SER G 124 8.26 21.31 44.43
C SER G 124 8.02 19.80 44.34
N LEU G 125 8.03 19.15 45.52
CA LEU G 125 7.67 17.74 45.61
C LEU G 125 6.15 17.55 45.52
N ILE G 126 5.70 16.79 44.53
CA ILE G 126 4.27 16.54 44.32
C ILE G 126 3.85 15.12 44.68
N ALA G 127 4.79 14.19 44.77
CA ALA G 127 4.47 12.80 45.10
C ALA G 127 5.77 12.04 45.36
N VAL G 128 5.64 10.91 46.06
CA VAL G 128 6.69 9.89 46.13
C VAL G 128 6.03 8.53 45.96
N LEU G 129 6.51 7.76 44.99
CA LEU G 129 5.96 6.44 44.65
C LEU G 129 6.93 5.34 45.05
N ILE G 130 6.45 4.38 45.82
CA ILE G 130 7.31 3.33 46.37
C ILE G 130 7.09 2.06 45.55
N LEU G 131 8.03 1.78 44.64
CA LEU G 131 7.97 0.55 43.87
C LEU G 131 8.55 -0.64 44.67
N ARG G 132 7.79 -1.72 44.74
CA ARG G 132 8.19 -2.91 45.46
C ARG G 132 8.36 -3.99 44.43
N GLN G 133 9.58 -4.51 44.34
CA GLN G 133 9.90 -5.67 43.50
C GLN G 133 10.27 -6.88 44.36
N THR G 134 9.86 -8.06 43.89
CA THR G 134 10.23 -9.33 44.47
C THR G 134 10.32 -10.33 43.33
N ASN G 135 10.54 -11.62 43.64
CA ASN G 135 10.65 -12.64 42.60
C ASN G 135 10.13 -13.97 43.12
N ASN G 136 10.08 -14.96 42.23
CA ASN G 136 9.71 -16.32 42.57
C ASN G 136 10.94 -17.24 42.62
N TYR G 137 12.10 -16.70 42.97
CA TYR G 137 13.35 -17.45 43.01
C TYR G 137 14.04 -17.37 44.37
N ASN G 138 14.21 -16.16 44.92
CA ASN G 138 14.87 -16.03 46.22
C ASN G 138 14.09 -15.08 47.12
N SER G 139 14.64 -14.74 48.29
CA SER G 139 13.97 -13.88 49.24
C SER G 139 14.28 -12.40 49.01
N ASP G 140 14.62 -12.02 47.78
CA ASP G 140 14.84 -10.62 47.48
C ASP G 140 13.55 -9.84 47.67
N ASP G 141 13.66 -8.67 48.29
CA ASP G 141 12.50 -7.80 48.52
C ASP G 141 13.03 -6.37 48.54
N PHE G 142 13.12 -5.75 47.36
CA PHE G 142 13.86 -4.52 47.17
C PHE G 142 12.92 -3.34 46.97
N GLN G 143 13.47 -2.15 47.27
N GLN G 143 13.37 -2.15 47.32
CA GLN G 143 12.76 -0.87 47.27
CA GLN G 143 12.41 -1.07 47.19
C GLN G 143 13.36 0.12 46.30
C GLN G 143 12.40 -0.57 45.75
N PHE G 144 12.49 0.74 45.54
CA PHE G 144 12.77 1.43 44.28
C PHE G 144 11.95 2.74 44.38
N VAL G 145 12.50 3.77 45.03
CA VAL G 145 11.71 4.93 45.47
C VAL G 145 11.74 6.01 44.39
N TRP G 146 10.57 6.42 43.93
CA TRP G 146 10.48 7.48 42.92
C TRP G 146 9.95 8.77 43.55
N ASN G 147 10.82 9.77 43.65
CA ASN G 147 10.39 11.12 44.02
C ASN G 147 10.02 11.86 42.74
N ILE G 148 8.77 12.30 42.63
CA ILE G 148 8.27 12.94 41.42
C ILE G 148 8.27 14.44 41.65
N TYR G 149 8.78 15.18 40.69
CA TYR G 149 8.95 16.62 40.81
C TYR G 149 8.17 17.34 39.71
N ALA G 150 7.55 18.45 40.08
CA ALA G 150 6.79 19.22 39.11
C ALA G 150 7.73 20.16 38.38
N ASN G 151 7.71 20.06 37.07
CA ASN G 151 8.62 20.90 36.32
C ASN G 151 8.11 22.32 36.19
N ASN G 152 6.81 22.54 36.40
CA ASN G 152 6.15 23.81 36.09
C ASN G 152 4.96 24.00 37.01
N ASP G 153 4.62 25.28 37.22
CA ASP G 153 3.42 25.70 37.96
C ASP G 153 2.14 25.07 37.40
N VAL G 154 1.12 25.00 38.26
CA VAL G 154 -0.24 24.72 37.83
C VAL G 154 -1.14 25.80 38.42
N VAL G 155 -1.99 26.38 37.58
CA VAL G 155 -2.91 27.43 38.01
C VAL G 155 -4.34 26.90 37.92
N VAL G 156 -5.17 27.25 38.91
CA VAL G 156 -6.59 26.92 38.88
C VAL G 156 -7.38 28.21 38.65
N PRO G 157 -8.11 28.34 37.54
CA PRO G 157 -8.79 29.61 37.26
C PRO G 157 -9.66 30.08 38.42
N THR G 158 -9.86 31.40 38.50
CA THR G 158 -10.66 31.99 39.59
C THR G 158 -11.98 32.61 39.12
N PHE H 1 -13.61 -14.05 50.09
CA PHE H 1 -14.51 -12.86 50.08
C PHE H 1 -15.93 -13.29 49.81
N ALA H 2 -16.79 -12.97 50.76
CA ALA H 2 -18.20 -13.23 50.66
C ALA H 2 -18.91 -12.05 51.31
N CYS H 3 -20.19 -11.94 51.02
CA CYS H 3 -21.02 -10.85 51.48
C CYS H 3 -22.30 -11.40 52.10
N LYS H 4 -22.99 -10.53 52.84
CA LYS H 4 -24.15 -10.88 53.65
C LYS H 4 -25.05 -9.66 53.79
N THR H 5 -26.34 -9.78 53.45
CA THR H 5 -27.28 -8.73 53.82
C THR H 5 -27.59 -8.79 55.31
N ALA H 6 -28.19 -7.71 55.81
CA ALA H 6 -28.72 -7.72 57.16
C ALA H 6 -29.99 -8.56 57.26
N ASN H 7 -30.65 -8.81 56.13
CA ASN H 7 -31.79 -9.72 56.08
C ASN H 7 -31.39 -11.18 56.28
N GLY H 8 -30.08 -11.47 56.27
CA GLY H 8 -29.57 -12.82 56.35
C GLY H 8 -29.15 -13.41 55.01
N THR H 9 -29.56 -12.80 53.90
CA THR H 9 -29.29 -13.37 52.59
C THR H 9 -27.80 -13.23 52.25
N ALA H 10 -27.18 -14.34 51.88
CA ALA H 10 -25.76 -14.37 51.60
C ALA H 10 -25.51 -14.58 50.11
N ILE H 11 -24.44 -13.98 49.62
CA ILE H 11 -23.88 -14.31 48.32
C ILE H 11 -22.53 -14.96 48.56
N PRO H 12 -22.33 -16.21 48.15
CA PRO H 12 -21.10 -16.93 48.52
C PRO H 12 -19.93 -16.65 47.59
N ILE H 13 -18.78 -17.25 47.94
CA ILE H 13 -17.56 -17.28 47.13
C ILE H 13 -17.90 -17.41 45.65
N GLY H 14 -17.27 -16.61 44.81
CA GLY H 14 -17.47 -16.72 43.38
C GLY H 14 -18.52 -15.80 42.81
N GLY H 15 -19.34 -15.19 43.65
CA GLY H 15 -20.35 -14.27 43.18
C GLY H 15 -21.74 -14.89 43.14
N GLY H 16 -22.67 -14.04 42.74
CA GLY H 16 -24.09 -14.34 42.71
C GLY H 16 -24.90 -13.06 42.74
N SER H 17 -26.09 -13.17 43.34
CA SER H 17 -27.01 -12.03 43.40
C SER H 17 -27.83 -12.09 44.69
N ALA H 18 -28.41 -10.95 45.04
CA ALA H 18 -29.26 -10.87 46.23
C ALA H 18 -30.16 -9.65 46.12
N ASN H 19 -31.36 -9.77 46.66
CA ASN H 19 -32.33 -8.68 46.66
C ASN H 19 -32.35 -8.02 48.04
N VAL H 20 -32.06 -6.72 48.08
CA VAL H 20 -32.03 -5.91 49.31
C VAL H 20 -33.26 -4.99 49.34
N TYR H 21 -33.97 -4.97 50.47
CA TYR H 21 -35.23 -4.23 50.62
C TYR H 21 -34.99 -3.08 51.57
N VAL H 22 -35.00 -1.85 51.05
CA VAL H 22 -34.60 -0.67 51.81
C VAL H 22 -35.85 0.14 52.15
N ASN H 23 -35.95 0.58 53.40
CA ASN H 23 -36.97 1.55 53.80
C ASN H 23 -36.57 2.96 53.43
N LEU H 24 -37.53 3.73 52.95
CA LEU H 24 -37.28 5.06 52.41
C LEU H 24 -37.98 6.13 53.23
N ALA H 25 -37.40 7.32 53.25
CA ALA H 25 -38.10 8.49 53.75
C ALA H 25 -39.44 8.64 53.03
N PRO H 26 -40.56 8.36 53.68
CA PRO H 26 -41.84 8.29 52.94
C PRO H 26 -42.15 9.55 52.15
N VAL H 27 -41.83 10.70 52.71
CA VAL H 27 -42.13 12.01 52.12
C VAL H 27 -40.81 12.74 51.93
N VAL H 28 -40.56 13.23 50.73
CA VAL H 28 -39.35 13.99 50.41
C VAL H 28 -39.77 15.22 49.61
N ASN H 29 -39.15 16.37 49.91
CA ASN H 29 -39.47 17.63 49.22
C ASN H 29 -38.40 17.96 48.17
N VAL H 30 -38.73 18.92 47.29
CA VAL H 30 -37.74 19.46 46.38
C VAL H 30 -36.64 20.13 47.18
N GLY H 31 -35.39 19.82 46.84
CA GLY H 31 -34.26 20.16 47.68
C GLY H 31 -33.91 19.02 48.60
N GLN H 32 -34.74 18.79 49.61
CA GLN H 32 -34.57 17.64 50.50
C GLN H 32 -34.28 16.38 49.69
N ASN H 33 -33.16 15.73 49.99
CA ASN H 33 -32.75 14.57 49.21
C ASN H 33 -33.15 13.26 49.92
N LEU H 34 -33.36 12.21 49.12
CA LEU H 34 -33.68 10.88 49.65
C LEU H 34 -32.42 10.04 49.73
N VAL H 35 -32.06 9.63 50.95
CA VAL H 35 -30.80 8.91 51.20
C VAL H 35 -31.09 7.43 51.31
N VAL H 36 -30.36 6.63 50.52
CA VAL H 36 -30.44 5.18 50.59
C VAL H 36 -29.09 4.66 51.09
N ASP H 37 -28.92 4.63 52.40
CA ASP H 37 -27.67 4.15 52.98
C ASP H 37 -27.60 2.62 52.90
N LEU H 38 -26.60 2.11 52.19
CA LEU H 38 -26.40 0.68 52.00
C LEU H 38 -25.22 0.16 52.79
N SER H 39 -24.64 0.99 53.64
CA SER H 39 -23.68 0.45 54.59
C SER H 39 -24.35 -0.48 55.58
N THR H 40 -25.61 -0.19 55.94
CA THR H 40 -26.37 -0.93 56.96
C THR H 40 -27.14 -2.13 56.42
N GLN H 41 -27.16 -2.34 55.10
CA GLN H 41 -27.89 -3.44 54.49
C GLN H 41 -27.01 -4.46 53.77
N ILE H 42 -25.73 -4.16 53.53
CA ILE H 42 -24.85 -5.01 52.74
C ILE H 42 -23.49 -5.05 53.42
N PHE H 43 -23.04 -6.25 53.75
CA PHE H 43 -21.80 -6.45 54.48
C PHE H 43 -20.98 -7.52 53.77
N CYS H 44 -19.65 -7.46 53.94
CA CYS H 44 -18.73 -8.42 53.32
C CYS H 44 -17.48 -8.56 54.19
N HIS H 45 -16.80 -9.70 54.03
CA HIS H 45 -15.62 -10.01 54.81
C HIS H 45 -14.59 -10.73 53.95
N ASN H 46 -13.37 -10.77 54.47
CA ASN H 46 -12.23 -11.40 53.81
C ASN H 46 -12.09 -12.80 54.38
N ASP H 47 -11.95 -13.78 53.51
CA ASP H 47 -11.89 -15.17 53.96
C ASP H 47 -10.48 -15.65 54.24
N TYR H 48 -9.46 -15.04 53.67
CA TYR H 48 -8.11 -15.49 54.00
C TYR H 48 -7.19 -14.30 54.25
N PRO H 49 -7.55 -13.40 55.16
CA PRO H 49 -6.82 -12.14 55.30
C PRO H 49 -5.35 -12.30 55.64
N GLU H 50 -4.96 -13.43 56.26
CA GLU H 50 -3.57 -13.68 56.58
C GLU H 50 -2.68 -13.53 55.35
N THR H 51 -3.20 -13.86 54.18
CA THR H 51 -2.37 -14.04 52.99
C THR H 51 -2.87 -13.19 51.83
N ILE H 52 -4.17 -13.05 51.70
CA ILE H 52 -4.81 -12.41 50.55
C ILE H 52 -5.44 -11.10 50.97
N THR H 53 -5.28 -10.09 50.12
CA THR H 53 -6.01 -8.85 50.22
C THR H 53 -7.08 -8.85 49.15
N ASP H 54 -8.34 -8.58 49.55
CA ASP H 54 -9.48 -8.45 48.64
C ASP H 54 -9.69 -6.99 48.23
N TYR H 55 -9.89 -6.77 46.94
CA TYR H 55 -10.17 -5.44 46.40
C TYR H 55 -11.61 -5.38 45.90
N VAL H 56 -12.36 -4.41 46.40
CA VAL H 56 -13.79 -4.27 46.13
C VAL H 56 -14.08 -2.90 45.52
N THR H 57 -14.81 -2.90 44.40
CA THR H 57 -15.15 -1.70 43.65
C THR H 57 -16.67 -1.53 43.55
N LEU H 58 -17.08 -0.36 43.10
CA LEU H 58 -18.43 -0.17 42.59
C LEU H 58 -18.33 -0.19 41.07
N GLN H 59 -18.46 -1.38 40.51
CA GLN H 59 -18.40 -1.53 39.06
C GLN H 59 -19.45 -0.68 38.38
N ARG H 60 -20.70 -0.82 38.80
CA ARG H 60 -21.81 -0.10 38.16
C ARG H 60 -22.97 0.12 39.13
N GLY H 61 -23.58 1.30 39.04
CA GLY H 61 -24.83 1.60 39.73
C GLY H 61 -25.85 1.99 38.69
N SER H 62 -26.95 1.26 38.63
CA SER H 62 -27.98 1.48 37.62
C SER H 62 -29.24 1.93 38.34
N ALA H 63 -30.07 2.71 37.65
CA ALA H 63 -31.29 3.26 38.23
C ALA H 63 -32.48 2.77 37.43
N TYR H 64 -33.59 2.52 38.13
CA TYR H 64 -34.83 2.06 37.52
C TYR H 64 -36.01 2.72 38.22
N GLY H 65 -37.22 2.37 37.79
CA GLY H 65 -38.42 2.81 38.47
C GLY H 65 -38.48 4.31 38.67
N GLY H 66 -38.89 4.73 39.87
CA GLY H 66 -39.04 6.13 40.16
C GLY H 66 -37.72 6.86 40.33
N VAL H 67 -36.66 6.12 40.66
CA VAL H 67 -35.37 6.77 40.88
C VAL H 67 -34.72 7.14 39.55
N LEU H 68 -34.89 6.31 38.52
CA LEU H 68 -34.36 6.67 37.22
C LEU H 68 -35.05 7.90 36.66
N SER H 69 -36.36 8.03 36.89
CA SER H 69 -37.12 9.11 36.26
C SER H 69 -37.16 10.38 37.11
N ASN H 70 -37.51 10.25 38.40
CA ASN H 70 -37.97 11.38 39.19
C ASN H 70 -36.88 12.00 40.05
N PHE H 71 -35.62 11.61 39.87
CA PHE H 71 -34.56 11.98 40.80
C PHE H 71 -33.27 12.28 40.05
N SER H 72 -32.49 13.19 40.63
CA SER H 72 -31.11 13.42 40.25
C SER H 72 -30.23 12.81 41.34
N GLY H 73 -29.21 12.09 40.93
CA GLY H 73 -28.63 11.06 41.78
C GLY H 73 -27.12 11.06 41.87
N THR H 74 -26.62 10.92 43.11
CA THR H 74 -25.22 10.78 43.47
C THR H 74 -25.09 9.61 44.45
N VAL H 75 -23.93 8.94 44.43
CA VAL H 75 -23.65 7.83 45.32
C VAL H 75 -22.31 8.05 46.01
N LYS H 76 -22.33 8.23 47.31
CA LYS H 76 -21.10 8.31 48.09
C LYS H 76 -20.54 6.90 48.26
N TYR H 77 -19.28 6.71 47.87
CA TYR H 77 -18.59 5.44 48.04
CA TYR H 77 -18.59 5.44 48.03
C TYR H 77 -17.37 5.65 48.94
N SER H 78 -17.27 4.87 50.01
CA SER H 78 -16.16 4.98 50.94
C SER H 78 -15.65 6.40 51.10
N GLY H 79 -16.56 7.36 51.23
CA GLY H 79 -16.19 8.72 51.54
C GLY H 79 -16.09 9.65 50.35
N SER H 80 -16.15 9.11 49.13
CA SER H 80 -16.04 9.92 47.94
C SER H 80 -17.38 9.95 47.20
N SER H 81 -17.51 10.88 46.25
CA SER H 81 -18.76 11.13 45.57
C SER H 81 -18.62 10.96 44.07
N TYR H 82 -19.62 10.33 43.47
CA TYR H 82 -19.68 10.01 42.06
C TYR H 82 -21.10 10.26 41.59
N PRO H 83 -21.35 10.30 40.29
CA PRO H 83 -22.73 10.35 39.82
C PRO H 83 -23.43 9.01 40.03
N PHE H 84 -24.75 9.10 40.19
CA PHE H 84 -25.64 7.95 40.09
C PHE H 84 -26.78 8.37 39.17
N PRO H 85 -27.14 7.54 38.18
CA PRO H 85 -26.52 6.26 37.76
C PRO H 85 -25.02 6.41 37.52
N THR H 86 -24.24 5.33 37.55
CA THR H 86 -22.78 5.43 37.58
C THR H 86 -22.19 5.57 36.18
N THR H 87 -21.06 6.27 36.09
CA THR H 87 -20.40 6.48 34.81
C THR H 87 -19.18 5.59 34.57
N SER H 88 -18.48 5.13 35.59
CA SER H 88 -17.36 4.22 35.36
C SER H 88 -17.16 3.37 36.60
N GLU H 89 -16.05 2.65 36.63
CA GLU H 89 -15.69 1.93 37.84
C GLU H 89 -15.15 2.91 38.89
N THR H 90 -15.45 2.64 40.17
CA THR H 90 -14.90 3.39 41.29
C THR H 90 -13.48 2.89 41.64
N PRO H 91 -12.70 3.67 42.39
CA PRO H 91 -11.45 3.14 42.92
C PRO H 91 -11.72 1.94 43.82
N ARG H 92 -10.71 1.10 43.98
CA ARG H 92 -10.85 -0.14 44.72
C ARG H 92 -10.86 0.09 46.23
N VAL H 93 -11.66 -0.71 46.95
CA VAL H 93 -11.66 -0.75 48.41
C VAL H 93 -11.06 -2.08 48.87
N VAL H 94 -10.17 -2.02 49.86
CA VAL H 94 -9.53 -3.23 50.39
C VAL H 94 -10.33 -3.79 51.54
N TYR H 95 -10.71 -5.07 51.41
CA TYR H 95 -11.34 -5.82 52.48
C TYR H 95 -10.32 -6.83 52.98
N ASN H 96 -9.95 -6.71 54.26
CA ASN H 96 -8.84 -7.50 54.80
C ASN H 96 -9.17 -8.02 56.19
N SER H 97 -10.45 -8.30 56.45
CA SER H 97 -10.85 -8.83 57.72
C SER H 97 -11.92 -9.88 57.50
N ARG H 98 -12.04 -10.75 58.51
CA ARG H 98 -13.09 -11.76 58.58
C ARG H 98 -14.41 -11.20 59.04
N THR H 99 -14.39 -10.18 59.89
CA THR H 99 -15.60 -9.46 60.22
C THR H 99 -16.28 -9.00 58.93
N ASP H 100 -17.62 -8.95 58.97
CA ASP H 100 -18.44 -8.52 57.83
C ASP H 100 -18.47 -7.01 57.67
N LYS H 101 -17.33 -6.40 57.40
CA LYS H 101 -17.25 -4.95 57.34
C LYS H 101 -18.28 -4.44 56.32
N PRO H 102 -18.89 -3.27 56.56
CA PRO H 102 -19.94 -2.79 55.66
C PRO H 102 -19.40 -2.34 54.31
N TRP H 103 -20.16 -2.66 53.25
CA TRP H 103 -19.94 -2.08 51.92
C TRP H 103 -20.31 -0.59 51.94
N PRO H 104 -19.33 0.35 51.64
CA PRO H 104 -19.56 1.78 51.95
C PRO H 104 -20.27 2.50 50.82
N VAL H 105 -21.54 2.15 50.62
CA VAL H 105 -22.36 2.76 49.60
C VAL H 105 -23.51 3.48 50.29
N ALA H 106 -23.88 4.60 49.72
CA ALA H 106 -25.07 5.34 50.07
C ALA H 106 -25.46 6.12 48.83
N LEU H 107 -26.74 6.15 48.53
CA LEU H 107 -27.25 6.84 47.35
C LEU H 107 -28.02 8.07 47.79
N TYR H 108 -27.55 9.22 47.36
CA TYR H 108 -28.23 10.48 47.62
C TYR H 108 -29.03 10.84 46.36
N LEU H 109 -30.34 10.63 46.41
CA LEU H 109 -31.22 10.99 45.31
C LEU H 109 -32.05 12.20 45.74
N THR H 110 -32.17 13.18 44.85
CA THR H 110 -33.02 14.33 45.08
C THR H 110 -34.05 14.47 43.96
N PRO H 111 -35.32 14.72 44.27
CA PRO H 111 -36.35 14.74 43.22
C PRO H 111 -36.12 15.84 42.19
N VAL H 112 -36.39 15.51 40.91
CA VAL H 112 -36.36 16.54 39.88
C VAL H 112 -37.45 17.58 40.14
N SER H 113 -37.22 18.80 39.64
CA SER H 113 -38.17 19.88 39.85
C SER H 113 -39.55 19.51 39.34
N SER H 114 -39.62 18.71 38.28
CA SER H 114 -40.90 18.18 37.81
C SER H 114 -41.42 17.07 38.70
N ALA H 115 -40.77 16.79 39.83
CA ALA H 115 -41.30 15.79 40.73
C ALA H 115 -42.59 16.30 41.37
N GLY H 116 -43.44 15.36 41.75
CA GLY H 116 -44.68 15.69 42.41
C GLY H 116 -45.61 14.51 42.42
N GLY H 117 -46.01 14.07 43.60
CA GLY H 117 -46.88 12.92 43.73
C GLY H 117 -46.19 11.68 44.26
N VAL H 118 -46.53 10.51 43.77
CA VAL H 118 -45.85 9.29 44.17
C VAL H 118 -44.67 9.13 43.23
N ALA H 119 -43.48 9.43 43.75
CA ALA H 119 -42.28 9.41 42.94
C ALA H 119 -41.60 8.05 42.91
N ILE H 120 -42.05 7.07 43.69
CA ILE H 120 -41.45 5.75 43.58
C ILE H 120 -42.36 4.74 44.27
N LYS H 121 -42.73 3.68 43.54
CA LYS H 121 -43.80 2.78 43.96
C LYS H 121 -43.28 1.66 44.85
N ALA H 122 -44.03 1.36 45.90
CA ALA H 122 -43.61 0.33 46.85
C ALA H 122 -43.31 -0.98 46.14
N GLY H 123 -42.29 -1.67 46.64
CA GLY H 123 -41.87 -2.94 46.08
C GLY H 123 -41.37 -2.88 44.66
N SER H 124 -41.12 -1.70 44.10
CA SER H 124 -40.60 -1.57 42.76
C SER H 124 -39.07 -1.63 42.79
N LEU H 125 -38.49 -1.95 41.65
CA LEU H 125 -37.03 -1.99 41.51
C LEU H 125 -36.52 -0.56 41.33
N ILE H 126 -35.59 -0.13 42.20
CA ILE H 126 -35.11 1.24 42.17
C ILE H 126 -33.65 1.38 41.74
N ALA H 127 -32.88 0.28 41.70
CA ALA H 127 -31.46 0.32 41.38
C ALA H 127 -30.86 -1.08 41.40
N VAL H 128 -29.87 -1.31 40.54
CA VAL H 128 -29.02 -2.50 40.58
C VAL H 128 -27.60 -2.01 40.81
N LEU H 129 -26.95 -2.51 41.85
CA LEU H 129 -25.55 -2.19 42.11
C LEU H 129 -24.71 -3.46 42.04
N ILE H 130 -23.67 -3.42 41.20
CA ILE H 130 -22.79 -4.55 40.98
C ILE H 130 -21.49 -4.31 41.74
N LEU H 131 -21.23 -5.18 42.71
CA LEU H 131 -19.99 -5.17 43.49
C LEU H 131 -19.00 -6.13 42.81
N ARG H 132 -17.87 -5.60 42.36
CA ARG H 132 -16.82 -6.40 41.76
C ARG H 132 -15.73 -6.62 42.79
N GLN H 133 -15.31 -7.86 42.94
CA GLN H 133 -14.26 -8.21 43.87
C GLN H 133 -13.12 -8.89 43.14
N THR H 134 -11.90 -8.48 43.44
CA THR H 134 -10.70 -9.18 43.02
C THR H 134 -9.75 -9.25 44.21
N ASN H 135 -8.52 -9.74 43.98
CA ASN H 135 -7.53 -9.98 45.04
C ASN H 135 -6.12 -9.76 44.49
N ASN H 136 -5.11 -9.97 45.35
CA ASN H 136 -3.72 -9.92 44.91
C ASN H 136 -3.10 -11.31 44.87
N TYR H 137 -3.94 -12.32 44.72
CA TYR H 137 -3.62 -13.72 44.86
C TYR H 137 -3.78 -14.49 43.57
N ASN H 138 -4.83 -14.20 42.80
CA ASN H 138 -5.04 -14.91 41.54
C ASN H 138 -5.96 -14.10 40.65
N SER H 139 -6.48 -14.75 39.61
CA SER H 139 -7.27 -14.09 38.59
C SER H 139 -8.76 -14.05 38.91
N ASP H 140 -9.14 -14.34 40.16
CA ASP H 140 -10.54 -14.19 40.56
C ASP H 140 -11.05 -12.83 40.14
N ASP H 141 -12.25 -12.84 39.57
CA ASP H 141 -12.90 -11.61 39.13
C ASP H 141 -14.40 -11.88 39.21
N PHE H 142 -15.00 -11.55 40.34
CA PHE H 142 -16.35 -11.98 40.66
C PHE H 142 -17.29 -10.79 40.88
N GLN H 143 -18.54 -10.97 40.43
CA GLN H 143 -19.58 -9.96 40.52
C GLN H 143 -20.57 -10.30 41.65
N PHE H 144 -20.85 -9.32 42.49
CA PHE H 144 -21.79 -9.47 43.59
C PHE H 144 -22.91 -8.44 43.38
N VAL H 145 -24.04 -8.92 42.86
CA VAL H 145 -25.09 -8.06 42.31
C VAL H 145 -26.16 -7.82 43.36
N TRP H 146 -26.39 -6.57 43.71
CA TRP H 146 -27.47 -6.19 44.63
C TRP H 146 -28.62 -5.58 43.84
N ASN H 147 -29.77 -6.26 43.86
CA ASN H 147 -31.01 -5.80 43.26
C ASN H 147 -31.86 -5.13 44.35
N ILE H 148 -31.84 -3.81 44.36
CA ILE H 148 -32.43 -2.99 45.44
C ILE H 148 -33.91 -2.77 45.13
N TYR H 149 -34.77 -3.01 46.11
CA TYR H 149 -36.20 -2.83 45.96
C TYR H 149 -36.74 -1.92 47.06
N ALA H 150 -37.58 -0.97 46.66
CA ALA H 150 -38.14 0.02 47.59
C ALA H 150 -39.29 -0.57 48.40
N ASN H 151 -39.16 -0.57 49.72
CA ASN H 151 -40.13 -1.18 50.61
C ASN H 151 -41.41 -0.39 50.77
N ASN H 152 -41.53 0.80 50.18
CA ASN H 152 -42.72 1.59 50.38
C ASN H 152 -42.69 2.76 49.40
N ASP H 153 -43.88 3.27 49.08
CA ASP H 153 -43.99 4.47 48.27
C ASP H 153 -43.19 5.62 48.89
N VAL H 154 -42.76 6.55 48.03
CA VAL H 154 -42.24 7.84 48.45
C VAL H 154 -43.05 8.93 47.74
N VAL H 155 -43.40 9.99 48.46
CA VAL H 155 -44.28 11.03 47.94
C VAL H 155 -43.54 12.36 47.84
N VAL H 156 -43.75 13.06 46.74
CA VAL H 156 -43.23 14.38 46.46
C VAL H 156 -44.43 15.34 46.49
N PRO H 157 -44.54 16.20 47.46
CA PRO H 157 -45.71 17.08 47.50
C PRO H 157 -45.89 17.89 46.22
N THR H 158 -47.07 18.49 46.07
CA THR H 158 -47.33 19.40 44.97
C THR H 158 -48.03 20.67 45.49
C4 3X8 I . 3.06 -18.00 -10.15
C5 3X8 I . 3.72 -18.81 -9.05
C6 3X8 I . 4.11 -17.81 -7.99
C3 3X8 I . 2.68 -18.88 -11.28
CAH 3X8 I . 8.96 -24.42 -8.17
CAI 3X8 I . 9.95 -25.21 -7.57
CAJ 3X8 I . 9.65 -25.95 -6.42
CAK 3X8 I . 8.36 -25.91 -5.86
CAL 3X8 I . 7.35 -25.13 -6.47
CAG 3X8 I . 7.65 -24.38 -7.63
CAD 3X8 I . 6.55 -23.57 -8.27
CAC 3X8 I . 6.53 -23.47 -9.68
CAB 3X8 I . 5.53 -22.73 -10.31
CAE 3X8 I . 5.52 -22.97 -7.54
CAF 3X8 I . 4.53 -22.23 -8.18
CAA 3X8 I . 4.51 -22.11 -9.57
O1 3X8 I . 3.54 -21.40 -10.24
C1 3X8 I . 2.43 -20.71 -9.64
O5 3X8 I . 2.87 -19.86 -8.58
O6 3X8 I . 2.95 -17.19 -7.43
O4 3X8 I . 4.03 -17.13 -10.66
O3 3X8 I . 2.12 -18.06 -12.27
C2 3X8 I . 1.77 -20.01 -10.80
O2 3X8 I . 0.50 -19.56 -10.36
H41 3X8 I . 2.19 -17.46 -9.76
H5 3X8 I . 4.65 -19.25 -9.46
H62 3X8 I . 4.76 -17.05 -8.42
H61 3X8 I . 4.67 -18.32 -7.19
H31 3X8 I . 3.59 -19.34 -11.68
HAH 3X8 I . 9.19 -23.86 -9.07
HAI 3X8 I . 10.94 -25.24 -7.99
HAJ 3X8 I . 10.43 -26.54 -5.94
HAL 3X8 I . 6.36 -25.10 -6.04
HAC 3X8 I . 7.31 -23.94 -10.26
HAB 3X8 I . 5.52 -22.65 -11.39
HAE 3X8 I . 5.51 -23.04 -6.47
HAF 3X8 I . 3.75 -21.75 -7.60
H1 3X8 I . 1.73 -21.45 -9.24
H63 3X8 I . 3.23 -16.55 -6.75
H42 3X8 I . 3.64 -16.60 -11.36
H32 3X8 I . 1.91 -18.59 -13.05
H21 3X8 I . 1.64 -20.74 -11.62
H22 3X8 I . -0.04 -20.31 -10.07
C4 3X8 J . 29.70 -13.97 -17.82
C5 3X8 J . 30.64 -14.70 -18.75
C6 3X8 J . 29.95 -15.17 -19.98
C3 3X8 J . 30.53 -13.68 -16.59
CAH 3X8 J . 34.74 -20.98 -18.89
CAI 3X8 J . 35.28 -22.21 -19.32
CAJ 3X8 J . 36.27 -22.22 -20.30
CAK 3X8 J . 36.72 -21.00 -20.83
CAL 3X8 J . 36.19 -19.79 -20.39
CAG 3X8 J . 35.19 -19.76 -19.40
CAD 3X8 J . 34.58 -18.47 -18.90
CAC 3X8 J . 34.45 -18.27 -17.54
CAB 3X8 J . 33.86 -17.12 -17.03
CAE 3X8 J . 34.11 -17.46 -19.75
CAF 3X8 J . 33.53 -16.29 -19.26
CAA 3X8 J . 33.42 -16.10 -17.88
O1 3X8 J . 32.83 -14.98 -17.33
C1 3X8 J . 32.54 -13.72 -17.97
O5 3X8 J . 31.73 -13.86 -19.13
O6 3X8 J . 29.04 -14.18 -20.30
O4 3X8 J . 28.68 -14.87 -17.54
O3 3X8 J . 29.79 -13.04 -15.60
C2 3X8 J . 31.79 -12.90 -16.99
O2 3X8 J . 31.50 -11.61 -17.60
H41 3X8 J . 29.33 -13.04 -18.29
H5 3X8 J . 31.03 -15.58 -18.22
H62 3X8 J . 29.43 -16.11 -19.80
H61 3X8 J . 30.66 -15.30 -20.79
H31 3X8 J . 30.87 -14.65 -16.19
HAH 3X8 J . 33.97 -20.99 -18.13
HAI 3X8 J . 34.92 -23.13 -18.91
HAJ 3X8 J . 36.69 -23.16 -20.65
HAL 3X8 J . 36.55 -18.87 -20.81
HAC 3X8 J . 34.79 -19.04 -16.86
HAB 3X8 J . 33.78 -16.99 -15.95
HAE 3X8 J . 34.20 -17.59 -20.82
HAF 3X8 J . 33.17 -15.52 -19.95
H1 3X8 J . 33.48 -13.21 -18.23
H63 3X8 J . 28.55 -14.41 -21.09
H42 3X8 J . 28.03 -14.45 -16.94
H32 3X8 J . 30.35 -12.93 -14.81
H21 3X8 J . 32.42 -12.76 -16.11
H22 3X8 J . 32.33 -11.16 -17.84
C4 3X8 K . 5.07 18.43 7.26
C5 3X8 K . 5.02 19.83 7.87
C6 3X8 K . 5.46 19.61 9.31
C3 3X8 K . 4.81 18.44 5.77
CAH 3X8 K . 0.21 25.48 8.49
CAI 3X8 K . -0.44 26.57 9.08
CAJ 3X8 K . 0.22 27.79 9.26
CAK 3X8 K . 1.54 27.92 8.84
CAL 3X8 K . 2.20 26.84 8.25
CAG 3X8 K . 1.54 25.61 8.08
CAD 3X8 K . 2.25 24.45 7.45
CAC 3X8 K . 1.55 23.58 6.62
CAB 3X8 K . 2.19 22.48 6.05
CAE 3X8 K . 3.62 24.24 7.66
CAF 3X8 K . 4.26 23.15 7.07
CAA 3X8 K . 3.58 22.25 6.27
O1 3X8 K . 4.17 21.20 5.61
C1 3X8 K . 5.55 20.79 5.78
O5 3X8 K . 5.87 20.74 7.18
O6 3X8 K . 6.75 19.08 9.40
O4 3X8 K . 4.05 17.68 7.86
O3 3X8 K . 4.82 17.11 5.30
C2 3X8 K . 5.82 19.42 5.13
O2 3X8 K . 7.22 19.06 5.32
H41 3X8 K . 6.06 17.98 7.47
H5 3X8 K . 3.98 20.18 7.86
H62 3X8 K . 5.42 20.57 9.84
H61 3X8 K . 4.76 18.93 9.80
H31 3X8 K . 3.81 18.86 5.61
HAH 3X8 K . -0.31 24.54 8.36
HAI 3X8 K . -1.47 26.47 9.40
HAJ 3X8 K . -0.30 28.62 9.72
HAL 3X8 K . 3.23 26.95 7.94
HAC 3X8 K . 0.49 23.72 6.46
HAB 3X8 K . 1.64 21.82 5.41
HAE 3X8 K . 4.19 24.92 8.30
HAF 3X8 K . 5.32 23.00 7.24
H1 3X8 K . 6.21 21.52 5.29
H63 3X8 K . 6.99 18.95 10.32
H42 3X8 K . 4.05 16.78 7.50
H32 3X8 K . 4.61 17.10 4.35
H21 3X8 K . 5.60 19.48 4.05
H22 3X8 K . 7.78 19.72 4.90
C4 3X8 L . -20.35 15.31 17.88
C5 3X8 L . -21.77 15.50 17.34
C6 3X8 L . -22.00 14.77 16.01
C3 3X8 L . -20.32 15.90 19.27
CAH 3X8 L . -26.38 21.46 16.32
CAI 3X8 L . -27.27 22.38 15.77
CAJ 3X8 L . -28.62 22.09 15.71
CAK 3X8 L . -29.07 20.87 16.24
CAL 3X8 L . -28.20 19.94 16.81
CAG 3X8 L . -26.82 20.23 16.86
CAD 3X8 L . -25.79 19.31 17.48
CAC 3X8 L . -24.84 19.86 18.32
CAB 3X8 L . -23.83 19.11 18.91
CAE 3X8 L . -25.72 17.92 17.23
CAF 3X8 L . -24.71 17.17 17.81
CAA 3X8 L . -23.76 17.75 18.67
O1 3X8 L . -22.74 17.07 19.30
C1 3X8 L . -22.69 15.67 19.51
O5 3X8 L . -22.74 15.00 18.27
O6 3X8 L . -21.44 13.49 16.04
O4 3X8 L . -19.36 16.01 17.09
O3 3X8 L . -19.06 15.65 19.79
C2 3X8 L . -21.38 15.32 20.17
O2 3X8 L . -21.23 13.89 20.36
H41 3X8 L . -20.12 14.23 17.93
H5 3X8 L . -21.94 16.57 17.18
H62 3X8 L . -23.08 14.69 15.82
H61 3X8 L . -21.55 15.35 15.20
H31 3X8 L . -20.48 16.99 19.20
HAH 3X8 L . -25.33 21.70 16.36
HAI 3X8 L . -26.89 23.31 15.36
HAJ 3X8 L . -29.32 22.79 15.26
HAL 3X8 L . -28.58 19.01 17.21
HAC 3X8 L . -24.88 20.92 18.50
HAB 3X8 L . -23.10 19.59 19.56
HAE 3X8 L . -26.44 17.45 16.57
HAF 3X8 L . -24.67 16.10 17.63
H1 3X8 L . -23.52 15.35 20.15
H63 3X8 L . -21.60 13.05 15.19
H42 3X8 L . -18.48 15.86 17.46
H32 3X8 L . -18.98 16.05 20.66
H21 3X8 L . -21.34 15.84 21.15
H22 3X8 L . -21.95 13.56 20.91
C4 3X8 M . -23.85 10.07 -37.88
C5 3X8 M . -25.27 10.24 -38.44
C6 3X8 M . -25.32 9.55 -39.80
C3 3X8 M . -23.75 10.36 -36.39
CAH 3X8 M . -29.77 16.16 -39.06
CAI 3X8 M . -30.71 16.98 -39.67
CAJ 3X8 M . -32.02 16.55 -39.83
CAK 3X8 M . -32.39 15.31 -39.38
CAL 3X8 M . -31.45 14.47 -38.78
CAG 3X8 M . -30.14 14.89 -38.59
CAD 3X8 M . -29.14 14.00 -37.96
CAC 3X8 M . -28.22 14.52 -37.06
CAB 3X8 M . -27.27 13.70 -36.46
CAE 3X8 M . -29.11 12.65 -38.25
CAF 3X8 M . -28.17 11.81 -37.66
CAA 3X8 M . -27.26 12.34 -36.76
O1 3X8 M . -26.31 11.56 -36.15
C1 3X8 M . -26.23 10.15 -36.25
O5 3X8 M . -26.28 9.67 -37.59
O6 3X8 M . -24.99 8.18 -39.61
O4 3X8 M . -22.99 11.01 -38.55
O3 3X8 M . -22.55 9.77 -35.88
C2 3X8 M . -24.90 9.76 -35.62
O2 3X8 M . -24.70 8.36 -35.63
H41 3X8 M . -23.51 9.04 -38.06
H5 3X8 M . -25.47 11.30 -38.58
H62 3X8 M . -24.62 10.02 -40.48
H61 3X8 M . -26.33 9.62 -40.22
H31 3X8 M . -23.74 11.45 -36.24
HAH 3X8 M . -28.74 16.49 -38.93
HAI 3X8 M . -30.41 17.97 -40.01
HAJ 3X8 M . -32.75 17.21 -40.31
HAL 3X8 M . -31.74 13.48 -38.43
HAC 3X8 M . -28.23 15.57 -36.82
HAB 3X8 M . -26.56 14.10 -35.76
HAE 3X8 M . -29.83 12.23 -38.96
HAF 3X8 M . -28.16 10.76 -37.90
H1 3X8 M . -27.04 9.70 -35.65
H63 3X8 M . -25.02 7.72 -40.47
H42 3X8 M . -22.09 10.93 -38.20
H32 3X8 M . -22.47 9.97 -34.94
H21 3X8 M . -24.87 10.14 -34.59
H22 3X8 M . -25.41 7.92 -35.12
C4 3X8 N . 1.64 13.20 -48.47
C5 3X8 N . 1.57 14.55 -47.83
C6 3X8 N . 2.12 14.37 -46.43
C3 3X8 N . 1.18 13.25 -49.90
CAH 3X8 N . -3.44 20.37 -47.53
CAI 3X8 N . -4.10 21.43 -46.92
CAJ 3X8 N . -3.39 22.54 -46.51
CAK 3X8 N . -2.02 22.62 -46.74
CAL 3X8 N . -1.35 21.56 -47.33
CAG 3X8 N . -2.07 20.43 -47.73
CAD 3X8 N . -1.36 19.29 -48.36
CAC 3X8 N . -1.93 18.63 -49.44
CAB 3X8 N . -1.27 17.54 -50.02
CAE 3X8 N . -0.14 18.88 -47.85
CAF 3X8 N . 0.51 17.82 -48.43
CAA 3X8 N . -0.04 17.15 -49.51
O1 3X8 N . 0.57 16.08 -50.12
C1 3X8 N . 1.92 15.63 -49.95
O5 3X8 N . 2.31 15.52 -48.58
O6 3X8 N . 3.50 13.99 -46.51
O4 3X8 N . 0.74 12.43 -47.74
O3 3X8 N . 1.41 12.03 -50.55
C2 3X8 N . 2.01 14.26 -50.63
O2 3X8 N . 3.29 13.72 -50.52
H41 3X8 N . 2.67 12.80 -48.41
H5 3X8 N . 0.52 14.86 -47.77
H62 3X8 N . 2.02 15.30 -45.87
H61 3X8 N . 1.55 13.59 -45.90
H31 3X8 N . 0.12 13.53 -49.96
HAH 3X8 N . -3.99 19.49 -47.82
HAI 3X8 N . -5.17 21.38 -46.76
HAJ 3X8 N . -3.90 23.37 -46.06
HAL 3X8 N . -0.28 21.61 -47.49
HAC 3X8 N . -2.88 18.95 -49.82
HAB 3X8 N . -1.71 17.03 -50.85
HAE 3X8 N . 0.32 19.40 -47.00
HAF 3X8 N . 1.48 17.50 -48.04
H1 3X8 N . 2.60 16.32 -50.47
H63 3X8 N . 3.86 13.87 -45.62
H42 3X8 N . 0.72 11.53 -48.09
H32 3X8 N . 1.15 12.09 -51.47
H21 3X8 N . 1.69 14.33 -51.68
H22 3X8 N . 3.94 14.30 -50.95
C4 3X8 O . 15.84 -10.33 40.42
C5 3X8 O . 16.69 -11.04 39.37
C6 3X8 O . 15.98 -11.14 38.02
C3 3X8 O . 16.56 -10.23 41.77
CAH 3X8 O . 21.19 -17.38 39.31
CAI 3X8 O . 21.85 -18.48 38.79
CAJ 3X8 O . 22.69 -18.30 37.68
CAK 3X8 O . 22.85 -17.05 37.10
CAL 3X8 O . 22.19 -15.94 37.63
CAG 3X8 O . 21.33 -16.11 38.73
CAD 3X8 O . 20.63 -14.93 39.30
CAC 3X8 O . 20.49 -14.81 40.68
CAB 3X8 O . 19.86 -13.71 41.22
CAE 3X8 O . 20.13 -13.92 38.48
CAF 3X8 O . 19.49 -12.81 39.02
CAA 3X8 O . 19.36 -12.71 40.39
O1 3X8 O . 18.76 -11.63 41.01
C1 3X8 O . 18.65 -10.33 40.46
O5 3X8 O . 17.92 -10.35 39.24
O6 3X8 O . 15.34 -9.90 37.70
O4 3X8 O . 14.63 -11.04 40.54
O3 3X8 O . 15.85 -9.48 42.76
C2 3X8 O . 17.87 -9.52 41.50
O2 3X8 O . 17.56 -8.21 41.02
H41 3X8 O . 15.64 -9.31 40.06
H5 3X8 O . 16.88 -12.06 39.72
H62 3X8 O . 16.71 -11.40 37.25
H61 3X8 O . 15.24 -11.94 38.07
H31 3X8 O . 16.77 -11.24 42.13
HAH 3X8 O . 20.54 -17.50 40.17
HAI 3X8 O . 21.73 -19.46 39.24
HAJ 3X8 O . 23.21 -19.16 37.26
HAL 3X8 O . 22.31 -14.96 37.17
HAC 3X8 O . 20.88 -15.59 41.33
HAB 3X8 O . 19.76 -13.62 42.28
HAE 3X8 O . 20.24 -14.00 37.40
HAF 3X8 O . 19.11 -12.02 38.38
H1 3X8 O . 19.64 -9.88 40.33
H63 3X8 O . 14.90 -9.98 36.84
H42 3X8 O . 14.07 -10.61 41.20
H32 3X8 O . 16.36 -9.44 43.56
H21 3X8 O . 18.46 -9.46 42.44
H22 3X8 O . 18.38 -7.74 40.81
C4 3X8 P . -10.86 -14.34 47.88
C5 3X8 P . -10.35 -15.20 49.04
C6 3X8 P . -9.92 -14.27 50.15
C3 3X8 P . -11.32 -15.25 46.76
CAH 3X8 P . -5.01 -20.48 49.54
CAI 3X8 P . -3.94 -21.12 50.12
CAJ 3X8 P . -4.07 -21.70 51.37
CAK 3X8 P . -5.28 -21.64 52.05
CAL 3X8 P . -6.35 -21.00 51.46
CAG 3X8 P . -6.23 -20.41 50.20
CAD 3X8 P . -7.39 -19.72 49.58
CAC 3X8 P . -7.55 -19.70 48.20
CAB 3X8 P . -8.66 -19.06 47.65
CAE 3X8 P . -8.37 -19.12 50.39
CAF 3X8 P . -9.47 -18.49 49.83
CAA 3X8 P . -9.62 -18.45 48.46
O1 3X8 P . -10.68 -17.82 47.86
C1 3X8 P . -11.74 -17.03 48.46
O5 3X8 P . -11.33 -16.14 49.49
O6 3X8 P . -10.92 -13.28 50.33
O4 3X8 P . -9.77 -13.50 47.45
O3 3X8 P . -11.85 -14.46 45.70
C2 3X8 P . -12.35 -16.23 47.31
O2 3X8 P . -13.47 -15.46 47.76
H41 3X8 P . -11.70 -13.73 48.22
H5 3X8 P . -9.46 -15.74 48.69
H62 3X8 P . -9.79 -14.83 51.08
H61 3X8 P . -8.97 -13.79 49.90
H31 3X8 P . -10.45 -15.82 46.39
HAH 3X8 P . -4.90 -20.03 48.55
HAI 3X8 P . -2.99 -21.17 49.60
HAJ 3X8 P . -3.23 -22.20 51.83
HAL 3X8 P . -7.29 -20.95 51.98
HAC 3X8 P . -6.81 -20.17 47.56
HAB 3X8 P . -8.76 -19.03 46.57
HAE 3X8 P . -8.26 -19.14 51.46
HAF 3X8 P . -10.20 -18.02 50.47
H1 3X8 P . -12.52 -17.70 48.85
H63 3X8 P . -10.67 -12.68 51.04
H42 3X8 P . -10.06 -12.95 46.72
H32 3X8 P . -12.14 -15.05 44.99
H21 3X8 P . -12.65 -16.91 46.51
H22 3X8 P . -14.14 -16.07 48.10
#